data_5T7T
# 
_entry.id   5T7T 
# 
_audit_conform.dict_name       mmcif_pdbx.dic 
_audit_conform.dict_version    5.397 
_audit_conform.dict_location   http://mmcif.pdb.org/dictionaries/ascii/mmcif_pdbx.dic 
# 
loop_
_database_2.database_id 
_database_2.database_code 
_database_2.pdbx_database_accession 
_database_2.pdbx_DOI 
PDB   5T7T         pdb_00005t7t 10.2210/pdb5t7t/pdb 
WWPDB D_1000223853 ?            ?                   
# 
loop_
_pdbx_audit_revision_history.ordinal 
_pdbx_audit_revision_history.data_content_type 
_pdbx_audit_revision_history.major_revision 
_pdbx_audit_revision_history.minor_revision 
_pdbx_audit_revision_history.revision_date 
1 'Structure model' 1 0 2017-01-04 
2 'Structure model' 2 0 2020-07-29 
3 'Structure model' 2 1 2023-10-04 
4 'Structure model' 2 2 2024-10-23 
# 
loop_
_pdbx_audit_revision_details.ordinal 
_pdbx_audit_revision_details.revision_ordinal 
_pdbx_audit_revision_details.data_content_type 
_pdbx_audit_revision_details.provider 
_pdbx_audit_revision_details.type 
_pdbx_audit_revision_details.description 
_pdbx_audit_revision_details.details 
1 1 'Structure model' repository 'Initial release' ?                          ? 
2 2 'Structure model' repository Remediation       'Carbohydrate remediation' ? 
# 
loop_
_pdbx_audit_revision_group.ordinal 
_pdbx_audit_revision_group.revision_ordinal 
_pdbx_audit_revision_group.data_content_type 
_pdbx_audit_revision_group.group 
1  2 'Structure model' 'Atomic model'           
2  2 'Structure model' 'Data collection'        
3  2 'Structure model' 'Derived calculations'   
4  2 'Structure model' 'Structure summary'      
5  3 'Structure model' 'Data collection'        
6  3 'Structure model' 'Database references'    
7  3 'Structure model' 'Derived calculations'   
8  3 'Structure model' 'Refinement description' 
9  3 'Structure model' 'Structure summary'      
10 4 'Structure model' 'Structure summary'      
# 
loop_
_pdbx_audit_revision_category.ordinal 
_pdbx_audit_revision_category.revision_ordinal 
_pdbx_audit_revision_category.data_content_type 
_pdbx_audit_revision_category.category 
1  2 'Structure model' atom_site                     
2  2 'Structure model' chem_comp                     
3  2 'Structure model' diffrn_source                 
4  2 'Structure model' entity                        
5  2 'Structure model' pdbx_branch_scheme            
6  2 'Structure model' pdbx_chem_comp_identifier     
7  2 'Structure model' pdbx_entity_branch            
8  2 'Structure model' pdbx_entity_branch_descriptor 
9  2 'Structure model' pdbx_entity_branch_link       
10 2 'Structure model' pdbx_entity_branch_list       
11 2 'Structure model' pdbx_entity_nonpoly           
12 2 'Structure model' pdbx_nonpoly_scheme           
13 2 'Structure model' pdbx_struct_assembly_gen      
14 2 'Structure model' struct_asym                   
15 2 'Structure model' struct_conn                   
16 2 'Structure model' struct_site                   
17 2 'Structure model' struct_site_gen               
18 3 'Structure model' chem_comp                     
19 3 'Structure model' chem_comp_atom                
20 3 'Structure model' chem_comp_bond                
21 3 'Structure model' database_2                    
22 3 'Structure model' pdbx_initial_refinement_model 
23 3 'Structure model' struct_conn                   
24 4 'Structure model' pdbx_entry_details            
25 4 'Structure model' pdbx_modification_feature     
# 
loop_
_pdbx_audit_revision_item.ordinal 
_pdbx_audit_revision_item.revision_ordinal 
_pdbx_audit_revision_item.data_content_type 
_pdbx_audit_revision_item.item 
1  2 'Structure model' '_atom_site.B_iso_or_equiv'              
2  2 'Structure model' '_atom_site.Cartn_x'                     
3  2 'Structure model' '_atom_site.Cartn_y'                     
4  2 'Structure model' '_atom_site.Cartn_z'                     
5  2 'Structure model' '_atom_site.auth_asym_id'                
6  2 'Structure model' '_atom_site.auth_atom_id'                
7  2 'Structure model' '_atom_site.auth_comp_id'                
8  2 'Structure model' '_atom_site.auth_seq_id'                 
9  2 'Structure model' '_atom_site.label_asym_id'               
10 2 'Structure model' '_atom_site.label_atom_id'               
11 2 'Structure model' '_atom_site.label_comp_id'               
12 2 'Structure model' '_atom_site.label_entity_id'             
13 2 'Structure model' '_atom_site.type_symbol'                 
14 2 'Structure model' '_chem_comp.name'                        
15 2 'Structure model' '_chem_comp.type'                        
16 2 'Structure model' '_diffrn_source.pdbx_synchrotron_site'   
17 2 'Structure model' '_pdbx_struct_assembly_gen.asym_id_list' 
18 2 'Structure model' '_struct_conn.ptnr1_auth_asym_id'        
19 2 'Structure model' '_struct_conn.ptnr1_auth_comp_id'        
20 2 'Structure model' '_struct_conn.ptnr1_auth_seq_id'         
21 2 'Structure model' '_struct_conn.ptnr1_label_atom_id'       
22 2 'Structure model' '_struct_conn.ptnr1_label_comp_id'       
23 2 'Structure model' '_struct_conn.ptnr2_auth_asym_id'        
24 2 'Structure model' '_struct_conn.ptnr2_auth_comp_id'        
25 2 'Structure model' '_struct_conn.ptnr2_auth_seq_id'         
26 2 'Structure model' '_struct_conn.ptnr2_label_asym_id'       
27 2 'Structure model' '_struct_conn.ptnr2_label_atom_id'       
28 2 'Structure model' '_struct_conn.ptnr2_label_comp_id'       
29 3 'Structure model' '_chem_comp.pdbx_synonyms'               
30 3 'Structure model' '_database_2.pdbx_DOI'                   
31 3 'Structure model' '_database_2.pdbx_database_accession'    
32 3 'Structure model' '_struct_conn.pdbx_leaving_atom_flag'    
# 
_pdbx_database_status.status_code                     REL 
_pdbx_database_status.status_code_sf                  REL 
_pdbx_database_status.status_code_mr                  ? 
_pdbx_database_status.entry_id                        5T7T 
_pdbx_database_status.recvd_initial_deposition_date   2016-09-05 
_pdbx_database_status.SG_entry                        N 
_pdbx_database_status.deposit_site                    RCSB 
_pdbx_database_status.process_site                    RCSB 
_pdbx_database_status.status_code_cs                  ? 
_pdbx_database_status.methods_development_category    ? 
_pdbx_database_status.pdb_format_compatible           Y 
_pdbx_database_status.status_code_nmr_data            ? 
# 
loop_
_pdbx_database_related.db_name 
_pdbx_database_related.details 
_pdbx_database_related.db_id 
_pdbx_database_related.content_type 
PDB . 5T7I unspecified 
PDB . 5T7S unspecified 
PDB . 5T7U unspecified 
# 
loop_
_audit_author.name 
_audit_author.pdbx_ordinal 
'Bohari, M.H.'  1 
'Yu, X.'        2 
'Blanchard, H.' 3 
# 
_citation.abstract                  ? 
_citation.abstract_id_CAS           ? 
_citation.book_id_ISBN              ? 
_citation.book_publisher            ? 
_citation.book_publisher_city       ? 
_citation.book_title                ? 
_citation.coordinate_linkage        ? 
_citation.country                   UK 
_citation.database_id_Medline       ? 
_citation.details                   ? 
_citation.id                        primary 
_citation.journal_abbrev            'Sci Rep' 
_citation.journal_id_ASTM           ? 
_citation.journal_id_CSD            ? 
_citation.journal_id_ISSN           2045-2322 
_citation.journal_full              ? 
_citation.journal_issue             ? 
_citation.journal_volume            6 
_citation.language                  ? 
_citation.page_first                39556 
_citation.page_last                 39556 
_citation.title                     
;Structure-based rationale for differential recognition of lacto- and neolacto- series glycosphingolipids by the N-terminal domain of human galectin-8.
;
_citation.year                      2016 
_citation.database_id_CSD           ? 
_citation.pdbx_database_id_DOI      10.1038/srep39556 
_citation.pdbx_database_id_PubMed   28000747 
_citation.unpublished_flag          ? 
# 
loop_
_citation_author.citation_id 
_citation_author.name 
_citation_author.ordinal 
_citation_author.identifier_ORCID 
primary 'Bohari, M.H.'  1 ? 
primary 'Yu, X.'        2 ? 
primary 'Zick, Y.'      3 ? 
primary 'Blanchard, H.' 4 ? 
# 
loop_
_entity.id 
_entity.type 
_entity.src_method 
_entity.pdbx_description 
_entity.formula_weight 
_entity.pdbx_number_of_molecules 
_entity.pdbx_ec 
_entity.pdbx_mutation 
_entity.pdbx_fragment 
_entity.details 
1 polymer     man Galectin-8                                                              17586.322 1   ? M56V 
'N-terminal Domaine (UNP residues 1-155)' ? 
2 branched    man 'beta-D-galactopyranose-(1-3)-2-acetamido-2-deoxy-beta-D-glucopyranose' 383.349   1   ? ?    ? ? 
3 non-polymer syn 'CHLORIDE ION'                                                          35.453    1   ? ?    ? ? 
4 water       nat water                                                                   18.015    241 ? ?    ? ? 
# 
_entity_name_com.entity_id   1 
_entity_name_com.name        'Gal-8,Po66 carbohydrate-binding protein,Po66-CBP,Prostate carcinoma tumor antigen 1,PCTA-1' 
# 
_entity_poly.entity_id                      1 
_entity_poly.type                           'polypeptide(L)' 
_entity_poly.nstd_linkage                   no 
_entity_poly.nstd_monomer                   yes 
_entity_poly.pdbx_seq_one_letter_code       
;MMLSLNNLQNIIYNPVIPFVGTIPDQLDPGTLIVIRGHVPSDADRFQVDLQNGSSVKPRADVAFHFNPRFKRAG(CME)I
VCNTLINEKWGREEITYDTPFKREKSFEIVIMVLKDKFQVAVNGKHTLLYGHRIGPEKIDTLGIYGKVNIHSIGFSFSS
;
_entity_poly.pdbx_seq_one_letter_code_can   
;MMLSLNNLQNIIYNPVIPFVGTIPDQLDPGTLIVIRGHVPSDADRFQVDLQNGSSVKPRADVAFHFNPRFKRAGCIVCNT
LINEKWGREEITYDTPFKREKSFEIVIMVLKDKFQVAVNGKHTLLYGHRIGPEKIDTLGIYGKVNIHSIGFSFSS
;
_entity_poly.pdbx_strand_id                 A 
_entity_poly.pdbx_target_identifier         ? 
# 
loop_
_pdbx_entity_nonpoly.entity_id 
_pdbx_entity_nonpoly.name 
_pdbx_entity_nonpoly.comp_id 
3 'CHLORIDE ION' CL  
4 water          HOH 
# 
loop_
_entity_poly_seq.entity_id 
_entity_poly_seq.num 
_entity_poly_seq.mon_id 
_entity_poly_seq.hetero 
1 1   MET n 
1 2   MET n 
1 3   LEU n 
1 4   SER n 
1 5   LEU n 
1 6   ASN n 
1 7   ASN n 
1 8   LEU n 
1 9   GLN n 
1 10  ASN n 
1 11  ILE n 
1 12  ILE n 
1 13  TYR n 
1 14  ASN n 
1 15  PRO n 
1 16  VAL n 
1 17  ILE n 
1 18  PRO n 
1 19  PHE n 
1 20  VAL n 
1 21  GLY n 
1 22  THR n 
1 23  ILE n 
1 24  PRO n 
1 25  ASP n 
1 26  GLN n 
1 27  LEU n 
1 28  ASP n 
1 29  PRO n 
1 30  GLY n 
1 31  THR n 
1 32  LEU n 
1 33  ILE n 
1 34  VAL n 
1 35  ILE n 
1 36  ARG n 
1 37  GLY n 
1 38  HIS n 
1 39  VAL n 
1 40  PRO n 
1 41  SER n 
1 42  ASP n 
1 43  ALA n 
1 44  ASP n 
1 45  ARG n 
1 46  PHE n 
1 47  GLN n 
1 48  VAL n 
1 49  ASP n 
1 50  LEU n 
1 51  GLN n 
1 52  ASN n 
1 53  GLY n 
1 54  SER n 
1 55  SER n 
1 56  VAL n 
1 57  LYS n 
1 58  PRO n 
1 59  ARG n 
1 60  ALA n 
1 61  ASP n 
1 62  VAL n 
1 63  ALA n 
1 64  PHE n 
1 65  HIS n 
1 66  PHE n 
1 67  ASN n 
1 68  PRO n 
1 69  ARG n 
1 70  PHE n 
1 71  LYS n 
1 72  ARG n 
1 73  ALA n 
1 74  GLY n 
1 75  CME n 
1 76  ILE n 
1 77  VAL n 
1 78  CYS n 
1 79  ASN n 
1 80  THR n 
1 81  LEU n 
1 82  ILE n 
1 83  ASN n 
1 84  GLU n 
1 85  LYS n 
1 86  TRP n 
1 87  GLY n 
1 88  ARG n 
1 89  GLU n 
1 90  GLU n 
1 91  ILE n 
1 92  THR n 
1 93  TYR n 
1 94  ASP n 
1 95  THR n 
1 96  PRO n 
1 97  PHE n 
1 98  LYS n 
1 99  ARG n 
1 100 GLU n 
1 101 LYS n 
1 102 SER n 
1 103 PHE n 
1 104 GLU n 
1 105 ILE n 
1 106 VAL n 
1 107 ILE n 
1 108 MET n 
1 109 VAL n 
1 110 LEU n 
1 111 LYS n 
1 112 ASP n 
1 113 LYS n 
1 114 PHE n 
1 115 GLN n 
1 116 VAL n 
1 117 ALA n 
1 118 VAL n 
1 119 ASN n 
1 120 GLY n 
1 121 LYS n 
1 122 HIS n 
1 123 THR n 
1 124 LEU n 
1 125 LEU n 
1 126 TYR n 
1 127 GLY n 
1 128 HIS n 
1 129 ARG n 
1 130 ILE n 
1 131 GLY n 
1 132 PRO n 
1 133 GLU n 
1 134 LYS n 
1 135 ILE n 
1 136 ASP n 
1 137 THR n 
1 138 LEU n 
1 139 GLY n 
1 140 ILE n 
1 141 TYR n 
1 142 GLY n 
1 143 LYS n 
1 144 VAL n 
1 145 ASN n 
1 146 ILE n 
1 147 HIS n 
1 148 SER n 
1 149 ILE n 
1 150 GLY n 
1 151 PHE n 
1 152 SER n 
1 153 PHE n 
1 154 SER n 
1 155 SER n 
# 
_entity_src_gen.entity_id                          1 
_entity_src_gen.pdbx_src_id                        1 
_entity_src_gen.pdbx_alt_source_flag               sample 
_entity_src_gen.pdbx_seq_type                      'Biological sequence' 
_entity_src_gen.pdbx_beg_seq_num                   1 
_entity_src_gen.pdbx_end_seq_num                   155 
_entity_src_gen.gene_src_common_name               Human 
_entity_src_gen.gene_src_genus                     ? 
_entity_src_gen.pdbx_gene_src_gene                 LGALS8 
_entity_src_gen.gene_src_species                   ? 
_entity_src_gen.gene_src_strain                    ? 
_entity_src_gen.gene_src_tissue                    ? 
_entity_src_gen.gene_src_tissue_fraction           ? 
_entity_src_gen.gene_src_details                   ? 
_entity_src_gen.pdbx_gene_src_fragment             ? 
_entity_src_gen.pdbx_gene_src_scientific_name      'Homo sapiens' 
_entity_src_gen.pdbx_gene_src_ncbi_taxonomy_id     9606 
_entity_src_gen.pdbx_gene_src_variant              ? 
_entity_src_gen.pdbx_gene_src_cell_line            ? 
_entity_src_gen.pdbx_gene_src_atcc                 ? 
_entity_src_gen.pdbx_gene_src_organ                ? 
_entity_src_gen.pdbx_gene_src_organelle            ? 
_entity_src_gen.pdbx_gene_src_cell                 ? 
_entity_src_gen.pdbx_gene_src_cellular_location    ? 
_entity_src_gen.host_org_common_name               ? 
_entity_src_gen.pdbx_host_org_scientific_name      'Escherichia coli' 
_entity_src_gen.pdbx_host_org_ncbi_taxonomy_id     562 
_entity_src_gen.host_org_genus                     ? 
_entity_src_gen.pdbx_host_org_gene                 ? 
_entity_src_gen.pdbx_host_org_organ                ? 
_entity_src_gen.host_org_species                   ? 
_entity_src_gen.pdbx_host_org_tissue               ? 
_entity_src_gen.pdbx_host_org_tissue_fraction      ? 
_entity_src_gen.pdbx_host_org_strain               ? 
_entity_src_gen.pdbx_host_org_variant              ? 
_entity_src_gen.pdbx_host_org_cell_line            ? 
_entity_src_gen.pdbx_host_org_atcc                 ? 
_entity_src_gen.pdbx_host_org_culture_collection   ? 
_entity_src_gen.pdbx_host_org_cell                 ? 
_entity_src_gen.pdbx_host_org_organelle            ? 
_entity_src_gen.pdbx_host_org_cellular_location    ? 
_entity_src_gen.pdbx_host_org_vector_type          ? 
_entity_src_gen.pdbx_host_org_vector               ? 
_entity_src_gen.host_org_details                   ? 
_entity_src_gen.expression_system_id               ? 
_entity_src_gen.plasmid_name                       ? 
_entity_src_gen.plasmid_details                    ? 
_entity_src_gen.pdbx_description                   ? 
# 
_pdbx_entity_branch.entity_id   2 
_pdbx_entity_branch.type        oligosaccharide 
# 
loop_
_pdbx_entity_branch_descriptor.ordinal 
_pdbx_entity_branch_descriptor.entity_id 
_pdbx_entity_branch_descriptor.descriptor 
_pdbx_entity_branch_descriptor.type 
_pdbx_entity_branch_descriptor.program 
_pdbx_entity_branch_descriptor.program_version 
1 2 DGalpb1-3DGlcpNAcb1-ROH                                              'Glycam Condensed Sequence' GMML       1.0   
2 2 'WURCS=2.0/2,2,1/[a2122h-1b_1-5_2*NCC/3=O][a2112h-1b_1-5]/1-2/a3-b1' WURCS                       PDB2Glycan 1.1.0 
3 2 '[][b-D-GlcpNAc]{[(3+1)][b-D-Galp]{}}'                               LINUCS                      PDB-CARE   ?     
# 
_pdbx_entity_branch_link.link_id                    1 
_pdbx_entity_branch_link.entity_id                  2 
_pdbx_entity_branch_link.entity_branch_list_num_1   2 
_pdbx_entity_branch_link.comp_id_1                  GAL 
_pdbx_entity_branch_link.atom_id_1                  C1 
_pdbx_entity_branch_link.leaving_atom_id_1          O1 
_pdbx_entity_branch_link.entity_branch_list_num_2   1 
_pdbx_entity_branch_link.comp_id_2                  NAG 
_pdbx_entity_branch_link.atom_id_2                  O3 
_pdbx_entity_branch_link.leaving_atom_id_2          HO3 
_pdbx_entity_branch_link.value_order                sing 
_pdbx_entity_branch_link.details                    ? 
# 
loop_
_chem_comp.id 
_chem_comp.type 
_chem_comp.mon_nstd_flag 
_chem_comp.name 
_chem_comp.pdbx_synonyms 
_chem_comp.formula 
_chem_comp.formula_weight 
ALA 'L-peptide linking'          y ALANINE                                  ? 'C3 H7 N O2'     89.093  
ARG 'L-peptide linking'          y ARGININE                                 ? 'C6 H15 N4 O2 1' 175.209 
ASN 'L-peptide linking'          y ASPARAGINE                               ? 'C4 H8 N2 O3'    132.118 
ASP 'L-peptide linking'          y 'ASPARTIC ACID'                          ? 'C4 H7 N O4'     133.103 
CL  non-polymer                  . 'CHLORIDE ION'                           ? 'Cl -1'          35.453  
CME 'L-peptide linking'          n 'S,S-(2-HYDROXYETHYL)THIOCYSTEINE'       ? 'C5 H11 N O3 S2' 197.276 
CYS 'L-peptide linking'          y CYSTEINE                                 ? 'C3 H7 N O2 S'   121.158 
GAL 'D-saccharide, beta linking' . beta-D-galactopyranose                   'beta-D-galactose; D-galactose; galactose' 'C6 H12 O6' 
180.156 
GLN 'L-peptide linking'          y GLUTAMINE                                ? 'C5 H10 N2 O3'   146.144 
GLU 'L-peptide linking'          y 'GLUTAMIC ACID'                          ? 'C5 H9 N O4'     147.129 
GLY 'peptide linking'            y GLYCINE                                  ? 'C2 H5 N O2'     75.067  
HIS 'L-peptide linking'          y HISTIDINE                                ? 'C6 H10 N3 O2 1' 156.162 
HOH non-polymer                  . WATER                                    ? 'H2 O'           18.015  
ILE 'L-peptide linking'          y ISOLEUCINE                               ? 'C6 H13 N O2'    131.173 
LEU 'L-peptide linking'          y LEUCINE                                  ? 'C6 H13 N O2'    131.173 
LYS 'L-peptide linking'          y LYSINE                                   ? 'C6 H15 N2 O2 1' 147.195 
MET 'L-peptide linking'          y METHIONINE                               ? 'C5 H11 N O2 S'  149.211 
NAG 'D-saccharide, beta linking' . 2-acetamido-2-deoxy-beta-D-glucopyranose 
;N-acetyl-beta-D-glucosamine; 2-acetamido-2-deoxy-beta-D-glucose; 2-acetamido-2-deoxy-D-glucose; 2-acetamido-2-deoxy-glucose; N-ACETYL-D-GLUCOSAMINE
;
'C8 H15 N O6'    221.208 
PHE 'L-peptide linking'          y PHENYLALANINE                            ? 'C9 H11 N O2'    165.189 
PRO 'L-peptide linking'          y PROLINE                                  ? 'C5 H9 N O2'     115.130 
SER 'L-peptide linking'          y SERINE                                   ? 'C3 H7 N O3'     105.093 
THR 'L-peptide linking'          y THREONINE                                ? 'C4 H9 N O3'     119.119 
TRP 'L-peptide linking'          y TRYPTOPHAN                               ? 'C11 H12 N2 O2'  204.225 
TYR 'L-peptide linking'          y TYROSINE                                 ? 'C9 H11 N O3'    181.189 
VAL 'L-peptide linking'          y VALINE                                   ? 'C5 H11 N O2'    117.146 
# 
loop_
_pdbx_chem_comp_identifier.comp_id 
_pdbx_chem_comp_identifier.type 
_pdbx_chem_comp_identifier.program 
_pdbx_chem_comp_identifier.program_version 
_pdbx_chem_comp_identifier.identifier 
GAL 'CONDENSED IUPAC CARBOHYDRATE SYMBOL' GMML     1.0 DGalpb                         
GAL 'COMMON NAME'                         GMML     1.0 b-D-galactopyranose            
GAL 'IUPAC CARBOHYDRATE SYMBOL'           PDB-CARE 1.0 b-D-Galp                       
GAL 'SNFG CARBOHYDRATE SYMBOL'            GMML     1.0 Gal                            
NAG 'CONDENSED IUPAC CARBOHYDRATE SYMBOL' GMML     1.0 DGlcpNAcb                      
NAG 'COMMON NAME'                         GMML     1.0 N-acetyl-b-D-glucopyranosamine 
NAG 'IUPAC CARBOHYDRATE SYMBOL'           PDB-CARE 1.0 b-D-GlcpNAc                    
NAG 'SNFG CARBOHYDRATE SYMBOL'            GMML     1.0 GlcNAc                         
# 
loop_
_pdbx_poly_seq_scheme.asym_id 
_pdbx_poly_seq_scheme.entity_id 
_pdbx_poly_seq_scheme.seq_id 
_pdbx_poly_seq_scheme.mon_id 
_pdbx_poly_seq_scheme.ndb_seq_num 
_pdbx_poly_seq_scheme.pdb_seq_num 
_pdbx_poly_seq_scheme.auth_seq_num 
_pdbx_poly_seq_scheme.pdb_mon_id 
_pdbx_poly_seq_scheme.auth_mon_id 
_pdbx_poly_seq_scheme.pdb_strand_id 
_pdbx_poly_seq_scheme.pdb_ins_code 
_pdbx_poly_seq_scheme.hetero 
A 1 1   MET 1   1   ?   ?   ?   A . n 
A 1 2   MET 2   2   ?   ?   ?   A . n 
A 1 3   LEU 3   3   ?   ?   ?   A . n 
A 1 4   SER 4   4   ?   ?   ?   A . n 
A 1 5   LEU 5   5   ?   ?   ?   A . n 
A 1 6   ASN 6   6   ?   ?   ?   A . n 
A 1 7   ASN 7   7   ?   ?   ?   A . n 
A 1 8   LEU 8   8   8   LEU LEU A . n 
A 1 9   GLN 9   9   9   GLN GLN A . n 
A 1 10  ASN 10  10  10  ASN ASN A . n 
A 1 11  ILE 11  11  11  ILE ILE A . n 
A 1 12  ILE 12  12  12  ILE ILE A . n 
A 1 13  TYR 13  13  13  TYR TYR A . n 
A 1 14  ASN 14  14  14  ASN ASN A . n 
A 1 15  PRO 15  15  15  PRO PRO A . n 
A 1 16  VAL 16  16  16  VAL VAL A . n 
A 1 17  ILE 17  17  17  ILE ILE A . n 
A 1 18  PRO 18  18  18  PRO PRO A . n 
A 1 19  PHE 19  19  19  PHE PHE A . n 
A 1 20  VAL 20  20  20  VAL VAL A . n 
A 1 21  GLY 21  21  21  GLY GLY A . n 
A 1 22  THR 22  22  22  THR THR A . n 
A 1 23  ILE 23  23  23  ILE ILE A . n 
A 1 24  PRO 24  24  24  PRO PRO A . n 
A 1 25  ASP 25  25  25  ASP ASP A . n 
A 1 26  GLN 26  26  26  GLN GLN A . n 
A 1 27  LEU 27  27  27  LEU LEU A . n 
A 1 28  ASP 28  28  28  ASP ASP A . n 
A 1 29  PRO 29  29  29  PRO PRO A . n 
A 1 30  GLY 30  30  30  GLY GLY A . n 
A 1 31  THR 31  31  31  THR THR A . n 
A 1 32  LEU 32  32  32  LEU LEU A . n 
A 1 33  ILE 33  33  33  ILE ILE A . n 
A 1 34  VAL 34  34  34  VAL VAL A . n 
A 1 35  ILE 35  35  35  ILE ILE A . n 
A 1 36  ARG 36  36  36  ARG ARG A . n 
A 1 37  GLY 37  37  37  GLY GLY A . n 
A 1 38  HIS 38  38  38  HIS HIS A . n 
A 1 39  VAL 39  39  39  VAL VAL A . n 
A 1 40  PRO 40  40  40  PRO PRO A . n 
A 1 41  SER 41  41  41  SER SER A . n 
A 1 42  ASP 42  42  42  ASP ASP A . n 
A 1 43  ALA 43  43  43  ALA ALA A . n 
A 1 44  ASP 44  44  44  ASP ASP A . n 
A 1 45  ARG 45  45  45  ARG ARG A . n 
A 1 46  PHE 46  46  46  PHE PHE A . n 
A 1 47  GLN 47  47  47  GLN GLN A . n 
A 1 48  VAL 48  48  48  VAL VAL A . n 
A 1 49  ASP 49  49  49  ASP ASP A . n 
A 1 50  LEU 50  50  50  LEU LEU A . n 
A 1 51  GLN 51  51  51  GLN GLN A . n 
A 1 52  ASN 52  52  52  ASN ASN A . n 
A 1 53  GLY 53  53  53  GLY GLY A . n 
A 1 54  SER 54  54  54  SER SER A . n 
A 1 55  SER 55  55  55  SER SER A . n 
A 1 56  VAL 56  56  56  VAL VAL A . n 
A 1 57  LYS 57  57  57  LYS LYS A . n 
A 1 58  PRO 58  58  58  PRO PRO A . n 
A 1 59  ARG 59  59  59  ARG ARG A . n 
A 1 60  ALA 60  60  60  ALA ALA A . n 
A 1 61  ASP 61  61  61  ASP ASP A . n 
A 1 62  VAL 62  62  62  VAL VAL A . n 
A 1 63  ALA 63  63  63  ALA ALA A . n 
A 1 64  PHE 64  64  64  PHE PHE A . n 
A 1 65  HIS 65  65  65  HIS HIS A . n 
A 1 66  PHE 66  66  66  PHE PHE A . n 
A 1 67  ASN 67  67  67  ASN ASN A . n 
A 1 68  PRO 68  68  68  PRO PRO A . n 
A 1 69  ARG 69  69  69  ARG ARG A . n 
A 1 70  PHE 70  70  70  PHE PHE A . n 
A 1 71  LYS 71  71  71  LYS LYS A . n 
A 1 72  ARG 72  72  72  ARG ARG A . n 
A 1 73  ALA 73  73  73  ALA ALA A . n 
A 1 74  GLY 74  74  74  GLY GLY A . n 
A 1 75  CME 75  75  75  CME CME A . n 
A 1 76  ILE 76  76  76  ILE ILE A . n 
A 1 77  VAL 77  77  77  VAL VAL A . n 
A 1 78  CYS 78  78  78  CYS CYS A . n 
A 1 79  ASN 79  79  79  ASN ASN A . n 
A 1 80  THR 80  80  80  THR THR A . n 
A 1 81  LEU 81  81  81  LEU LEU A . n 
A 1 82  ILE 82  82  82  ILE ILE A . n 
A 1 83  ASN 83  83  83  ASN ASN A . n 
A 1 84  GLU 84  84  84  GLU GLU A . n 
A 1 85  LYS 85  85  85  LYS LYS A . n 
A 1 86  TRP 86  86  86  TRP TRP A . n 
A 1 87  GLY 87  87  87  GLY GLY A . n 
A 1 88  ARG 88  88  88  ARG ARG A . n 
A 1 89  GLU 89  89  89  GLU GLU A . n 
A 1 90  GLU 90  90  90  GLU GLU A . n 
A 1 91  ILE 91  91  91  ILE ILE A . n 
A 1 92  THR 92  92  92  THR THR A . n 
A 1 93  TYR 93  93  93  TYR TYR A . n 
A 1 94  ASP 94  94  94  ASP ASP A . n 
A 1 95  THR 95  95  95  THR THR A . n 
A 1 96  PRO 96  96  96  PRO PRO A . n 
A 1 97  PHE 97  97  97  PHE PHE A . n 
A 1 98  LYS 98  98  98  LYS LYS A . n 
A 1 99  ARG 99  99  99  ARG ARG A . n 
A 1 100 GLU 100 100 100 GLU GLU A . n 
A 1 101 LYS 101 101 101 LYS LYS A . n 
A 1 102 SER 102 102 102 SER SER A . n 
A 1 103 PHE 103 103 103 PHE PHE A . n 
A 1 104 GLU 104 104 104 GLU GLU A . n 
A 1 105 ILE 105 105 105 ILE ILE A . n 
A 1 106 VAL 106 106 106 VAL VAL A . n 
A 1 107 ILE 107 107 107 ILE ILE A . n 
A 1 108 MET 108 108 108 MET MET A . n 
A 1 109 VAL 109 109 109 VAL VAL A . n 
A 1 110 LEU 110 110 110 LEU LEU A . n 
A 1 111 LYS 111 111 111 LYS LYS A . n 
A 1 112 ASP 112 112 112 ASP ASP A . n 
A 1 113 LYS 113 113 113 LYS LYS A . n 
A 1 114 PHE 114 114 114 PHE PHE A . n 
A 1 115 GLN 115 115 115 GLN GLN A . n 
A 1 116 VAL 116 116 116 VAL VAL A . n 
A 1 117 ALA 117 117 117 ALA ALA A . n 
A 1 118 VAL 118 118 118 VAL VAL A . n 
A 1 119 ASN 119 119 119 ASN ASN A . n 
A 1 120 GLY 120 120 120 GLY GLY A . n 
A 1 121 LYS 121 121 121 LYS LYS A . n 
A 1 122 HIS 122 122 122 HIS HIS A . n 
A 1 123 THR 123 123 123 THR THR A . n 
A 1 124 LEU 124 124 124 LEU LEU A . n 
A 1 125 LEU 125 125 125 LEU LEU A . n 
A 1 126 TYR 126 126 126 TYR TYR A . n 
A 1 127 GLY 127 127 127 GLY GLY A . n 
A 1 128 HIS 128 128 128 HIS HIS A . n 
A 1 129 ARG 129 129 129 ARG ARG A . n 
A 1 130 ILE 130 130 130 ILE ILE A . n 
A 1 131 GLY 131 131 131 GLY GLY A . n 
A 1 132 PRO 132 132 132 PRO PRO A . n 
A 1 133 GLU 133 133 133 GLU GLU A . n 
A 1 134 LYS 134 134 134 LYS LYS A . n 
A 1 135 ILE 135 135 135 ILE ILE A . n 
A 1 136 ASP 136 136 136 ASP ASP A . n 
A 1 137 THR 137 137 137 THR THR A . n 
A 1 138 LEU 138 138 138 LEU LEU A . n 
A 1 139 GLY 139 139 139 GLY GLY A . n 
A 1 140 ILE 140 140 140 ILE ILE A . n 
A 1 141 TYR 141 141 141 TYR TYR A . n 
A 1 142 GLY 142 142 142 GLY GLY A . n 
A 1 143 LYS 143 143 143 LYS LYS A . n 
A 1 144 VAL 144 144 144 VAL VAL A . n 
A 1 145 ASN 145 145 145 ASN ASN A . n 
A 1 146 ILE 146 146 146 ILE ILE A . n 
A 1 147 HIS 147 147 147 HIS HIS A . n 
A 1 148 SER 148 148 148 SER SER A . n 
A 1 149 ILE 149 149 149 ILE ILE A . n 
A 1 150 GLY 150 150 150 GLY GLY A . n 
A 1 151 PHE 151 151 151 PHE PHE A . n 
A 1 152 SER 152 152 152 SER SER A . n 
A 1 153 PHE 153 153 153 PHE PHE A . n 
A 1 154 SER 154 154 154 SER SER A . n 
A 1 155 SER 155 155 ?   ?   ?   A . n 
# 
loop_
_pdbx_branch_scheme.asym_id 
_pdbx_branch_scheme.entity_id 
_pdbx_branch_scheme.mon_id 
_pdbx_branch_scheme.num 
_pdbx_branch_scheme.pdb_asym_id 
_pdbx_branch_scheme.pdb_mon_id 
_pdbx_branch_scheme.pdb_seq_num 
_pdbx_branch_scheme.auth_asym_id 
_pdbx_branch_scheme.auth_mon_id 
_pdbx_branch_scheme.auth_seq_num 
_pdbx_branch_scheme.hetero 
B 2 NAG 1 B NAG 1 D NAG 1 n 
B 2 GAL 2 B GAL 2 B GAL 1 n 
# 
loop_
_pdbx_nonpoly_scheme.asym_id 
_pdbx_nonpoly_scheme.entity_id 
_pdbx_nonpoly_scheme.mon_id 
_pdbx_nonpoly_scheme.ndb_seq_num 
_pdbx_nonpoly_scheme.pdb_seq_num 
_pdbx_nonpoly_scheme.auth_seq_num 
_pdbx_nonpoly_scheme.pdb_mon_id 
_pdbx_nonpoly_scheme.auth_mon_id 
_pdbx_nonpoly_scheme.pdb_strand_id 
_pdbx_nonpoly_scheme.pdb_ins_code 
C 3 CL  1   203 1   CL  CL  A . 
D 4 HOH 1   301 88  HOH HOH A . 
D 4 HOH 2   302 100 HOH HOH A . 
D 4 HOH 3   303 262 HOH HOH A . 
D 4 HOH 4   304 124 HOH HOH A . 
D 4 HOH 5   305 77  HOH HOH A . 
D 4 HOH 6   306 87  HOH HOH A . 
D 4 HOH 7   307 55  HOH HOH A . 
D 4 HOH 8   308 140 HOH HOH A . 
D 4 HOH 9   309 51  HOH HOH A . 
D 4 HOH 10  310 73  HOH HOH A . 
D 4 HOH 11  311 101 HOH HOH A . 
D 4 HOH 12  312 70  HOH HOH A . 
D 4 HOH 13  313 112 HOH HOH A . 
D 4 HOH 14  314 125 HOH HOH A . 
D 4 HOH 15  315 79  HOH HOH A . 
D 4 HOH 16  316 225 HOH HOH A . 
D 4 HOH 17  317 234 HOH HOH A . 
D 4 HOH 18  318 128 HOH HOH A . 
D 4 HOH 19  319 53  HOH HOH A . 
D 4 HOH 20  320 141 HOH HOH A . 
D 4 HOH 21  321 148 HOH HOH A . 
D 4 HOH 22  322 152 HOH HOH A . 
D 4 HOH 23  323 215 HOH HOH A . 
D 4 HOH 24  324 6   HOH HOH A . 
D 4 HOH 25  325 117 HOH HOH A . 
D 4 HOH 26  326 78  HOH HOH A . 
D 4 HOH 27  327 64  HOH HOH A . 
D 4 HOH 28  328 5   HOH HOH A . 
D 4 HOH 29  329 33  HOH HOH A . 
D 4 HOH 30  330 127 HOH HOH A . 
D 4 HOH 31  331 107 HOH HOH A . 
D 4 HOH 32  332 89  HOH HOH A . 
D 4 HOH 33  333 123 HOH HOH A . 
D 4 HOH 34  334 2   HOH HOH A . 
D 4 HOH 35  335 85  HOH HOH A . 
D 4 HOH 36  336 75  HOH HOH A . 
D 4 HOH 37  337 235 HOH HOH A . 
D 4 HOH 38  338 47  HOH HOH A . 
D 4 HOH 39  339 219 HOH HOH A . 
D 4 HOH 40  340 156 HOH HOH A . 
D 4 HOH 41  341 32  HOH HOH A . 
D 4 HOH 42  342 19  HOH HOH A . 
D 4 HOH 43  343 42  HOH HOH A . 
D 4 HOH 44  344 93  HOH HOH A . 
D 4 HOH 45  345 10  HOH HOH A . 
D 4 HOH 46  346 206 HOH HOH A . 
D 4 HOH 47  347 30  HOH HOH A . 
D 4 HOH 48  348 18  HOH HOH A . 
D 4 HOH 49  349 11  HOH HOH A . 
D 4 HOH 50  350 16  HOH HOH A . 
D 4 HOH 51  351 20  HOH HOH A . 
D 4 HOH 52  352 52  HOH HOH A . 
D 4 HOH 53  353 1   HOH HOH A . 
D 4 HOH 54  354 24  HOH HOH A . 
D 4 HOH 55  355 105 HOH HOH A . 
D 4 HOH 56  356 61  HOH HOH A . 
D 4 HOH 57  357 48  HOH HOH A . 
D 4 HOH 58  358 23  HOH HOH A . 
D 4 HOH 59  359 66  HOH HOH A . 
D 4 HOH 60  360 12  HOH HOH A . 
D 4 HOH 61  361 94  HOH HOH A . 
D 4 HOH 62  362 54  HOH HOH A . 
D 4 HOH 63  363 58  HOH HOH A . 
D 4 HOH 64  364 56  HOH HOH A . 
D 4 HOH 65  365 41  HOH HOH A . 
D 4 HOH 66  366 15  HOH HOH A . 
D 4 HOH 67  367 92  HOH HOH A . 
D 4 HOH 68  368 40  HOH HOH A . 
D 4 HOH 69  369 46  HOH HOH A . 
D 4 HOH 70  370 136 HOH HOH A . 
D 4 HOH 71  371 4   HOH HOH A . 
D 4 HOH 72  372 154 HOH HOH A . 
D 4 HOH 73  373 65  HOH HOH A . 
D 4 HOH 74  374 178 HOH HOH A . 
D 4 HOH 75  375 104 HOH HOH A . 
D 4 HOH 76  376 35  HOH HOH A . 
D 4 HOH 77  377 137 HOH HOH A . 
D 4 HOH 78  378 264 HOH HOH A . 
D 4 HOH 79  379 7   HOH HOH A . 
D 4 HOH 80  380 109 HOH HOH A . 
D 4 HOH 81  381 29  HOH HOH A . 
D 4 HOH 82  382 224 HOH HOH A . 
D 4 HOH 83  383 69  HOH HOH A . 
D 4 HOH 84  384 108 HOH HOH A . 
D 4 HOH 85  385 60  HOH HOH A . 
D 4 HOH 86  386 28  HOH HOH A . 
D 4 HOH 87  387 68  HOH HOH A . 
D 4 HOH 88  388 102 HOH HOH A . 
D 4 HOH 89  389 37  HOH HOH A . 
D 4 HOH 90  390 83  HOH HOH A . 
D 4 HOH 91  391 14  HOH HOH A . 
D 4 HOH 92  392 272 HOH HOH A . 
D 4 HOH 93  393 116 HOH HOH A . 
D 4 HOH 94  394 81  HOH HOH A . 
D 4 HOH 95  395 114 HOH HOH A . 
D 4 HOH 96  396 96  HOH HOH A . 
D 4 HOH 97  397 9   HOH HOH A . 
D 4 HOH 98  398 31  HOH HOH A . 
D 4 HOH 99  399 43  HOH HOH A . 
D 4 HOH 100 400 186 HOH HOH A . 
D 4 HOH 101 401 188 HOH HOH A . 
D 4 HOH 102 402 71  HOH HOH A . 
D 4 HOH 103 403 80  HOH HOH A . 
D 4 HOH 104 404 185 HOH HOH A . 
D 4 HOH 105 405 17  HOH HOH A . 
D 4 HOH 106 406 139 HOH HOH A . 
D 4 HOH 107 407 151 HOH HOH A . 
D 4 HOH 108 408 147 HOH HOH A . 
D 4 HOH 109 409 170 HOH HOH A . 
D 4 HOH 110 410 90  HOH HOH A . 
D 4 HOH 111 411 44  HOH HOH A . 
D 4 HOH 112 412 133 HOH HOH A . 
D 4 HOH 113 413 191 HOH HOH A . 
D 4 HOH 114 414 242 HOH HOH A . 
D 4 HOH 115 415 72  HOH HOH A . 
D 4 HOH 116 416 222 HOH HOH A . 
D 4 HOH 117 417 49  HOH HOH A . 
D 4 HOH 118 418 254 HOH HOH A . 
D 4 HOH 119 419 86  HOH HOH A . 
D 4 HOH 120 420 38  HOH HOH A . 
D 4 HOH 121 421 168 HOH HOH A . 
D 4 HOH 122 422 121 HOH HOH A . 
D 4 HOH 123 423 118 HOH HOH A . 
D 4 HOH 124 424 126 HOH HOH A . 
D 4 HOH 125 425 129 HOH HOH A . 
D 4 HOH 126 426 157 HOH HOH A . 
D 4 HOH 127 427 199 HOH HOH A . 
D 4 HOH 128 428 266 HOH HOH A . 
D 4 HOH 129 429 171 HOH HOH A . 
D 4 HOH 130 430 226 HOH HOH A . 
D 4 HOH 131 431 231 HOH HOH A . 
D 4 HOH 132 432 253 HOH HOH A . 
D 4 HOH 133 433 138 HOH HOH A . 
D 4 HOH 134 434 160 HOH HOH A . 
D 4 HOH 135 435 238 HOH HOH A . 
D 4 HOH 136 436 97  HOH HOH A . 
D 4 HOH 137 437 150 HOH HOH A . 
D 4 HOH 138 438 22  HOH HOH A . 
D 4 HOH 139 439 249 HOH HOH A . 
D 4 HOH 140 440 62  HOH HOH A . 
D 4 HOH 141 441 167 HOH HOH A . 
D 4 HOH 142 442 27  HOH HOH A . 
D 4 HOH 143 443 103 HOH HOH A . 
D 4 HOH 144 444 196 HOH HOH A . 
D 4 HOH 145 445 8   HOH HOH A . 
D 4 HOH 146 446 194 HOH HOH A . 
D 4 HOH 147 447 179 HOH HOH A . 
D 4 HOH 148 448 155 HOH HOH A . 
D 4 HOH 149 449 135 HOH HOH A . 
D 4 HOH 150 450 263 HOH HOH A . 
D 4 HOH 151 451 236 HOH HOH A . 
D 4 HOH 152 452 26  HOH HOH A . 
D 4 HOH 153 453 84  HOH HOH A . 
D 4 HOH 154 454 174 HOH HOH A . 
D 4 HOH 155 455 134 HOH HOH A . 
D 4 HOH 156 456 245 HOH HOH A . 
D 4 HOH 157 457 250 HOH HOH A . 
D 4 HOH 158 458 67  HOH HOH A . 
D 4 HOH 159 459 59  HOH HOH A . 
D 4 HOH 160 460 197 HOH HOH A . 
D 4 HOH 161 461 269 HOH HOH A . 
D 4 HOH 162 462 268 HOH HOH A . 
D 4 HOH 163 463 3   HOH HOH A . 
D 4 HOH 164 464 63  HOH HOH A . 
D 4 HOH 165 465 115 HOH HOH A . 
D 4 HOH 166 466 218 HOH HOH A . 
D 4 HOH 167 467 190 HOH HOH A . 
D 4 HOH 168 468 172 HOH HOH A . 
D 4 HOH 169 469 146 HOH HOH A . 
D 4 HOH 170 470 203 HOH HOH A . 
D 4 HOH 171 471 252 HOH HOH A . 
D 4 HOH 172 472 166 HOH HOH A . 
D 4 HOH 173 473 161 HOH HOH A . 
D 4 HOH 174 474 247 HOH HOH A . 
D 4 HOH 175 475 183 HOH HOH A . 
D 4 HOH 176 476 270 HOH HOH A . 
D 4 HOH 177 477 153 HOH HOH A . 
D 4 HOH 178 478 184 HOH HOH A . 
D 4 HOH 179 479 25  HOH HOH A . 
D 4 HOH 180 480 95  HOH HOH A . 
D 4 HOH 181 481 260 HOH HOH A . 
D 4 HOH 182 482 189 HOH HOH A . 
D 4 HOH 183 483 175 HOH HOH A . 
D 4 HOH 184 484 251 HOH HOH A . 
D 4 HOH 185 485 111 HOH HOH A . 
D 4 HOH 186 486 91  HOH HOH A . 
D 4 HOH 187 487 182 HOH HOH A . 
D 4 HOH 188 488 256 HOH HOH A . 
D 4 HOH 189 489 192 HOH HOH A . 
D 4 HOH 190 490 257 HOH HOH A . 
D 4 HOH 191 491 267 HOH HOH A . 
D 4 HOH 192 492 228 HOH HOH A . 
D 4 HOH 193 493 99  HOH HOH A . 
D 4 HOH 194 494 162 HOH HOH A . 
D 4 HOH 195 495 163 HOH HOH A . 
D 4 HOH 196 496 205 HOH HOH A . 
D 4 HOH 197 497 34  HOH HOH A . 
D 4 HOH 198 498 36  HOH HOH A . 
D 4 HOH 199 499 227 HOH HOH A . 
D 4 HOH 200 500 149 HOH HOH A . 
D 4 HOH 201 501 74  HOH HOH A . 
D 4 HOH 202 502 143 HOH HOH A . 
D 4 HOH 203 503 113 HOH HOH A . 
D 4 HOH 204 504 248 HOH HOH A . 
D 4 HOH 205 505 261 HOH HOH A . 
D 4 HOH 206 506 145 HOH HOH A . 
D 4 HOH 207 507 144 HOH HOH A . 
D 4 HOH 208 508 207 HOH HOH A . 
D 4 HOH 209 509 198 HOH HOH A . 
D 4 HOH 210 510 271 HOH HOH A . 
D 4 HOH 211 511 223 HOH HOH A . 
D 4 HOH 212 512 39  HOH HOH A . 
D 4 HOH 213 513 204 HOH HOH A . 
D 4 HOH 214 514 165 HOH HOH A . 
D 4 HOH 215 515 13  HOH HOH A . 
D 4 HOH 216 516 202 HOH HOH A . 
D 4 HOH 217 517 246 HOH HOH A . 
D 4 HOH 218 518 214 HOH HOH A . 
D 4 HOH 219 519 258 HOH HOH A . 
D 4 HOH 220 520 220 HOH HOH A . 
D 4 HOH 221 521 50  HOH HOH A . 
D 4 HOH 222 522 119 HOH HOH A . 
D 4 HOH 223 523 211 HOH HOH A . 
D 4 HOH 224 524 181 HOH HOH A . 
D 4 HOH 225 525 200 HOH HOH A . 
D 4 HOH 226 526 130 HOH HOH A . 
D 4 HOH 227 527 131 HOH HOH A . 
D 4 HOH 228 528 98  HOH HOH A . 
D 4 HOH 229 529 45  HOH HOH A . 
D 4 HOH 230 530 164 HOH HOH A . 
D 4 HOH 231 531 158 HOH HOH A . 
D 4 HOH 232 532 173 HOH HOH A . 
D 4 HOH 233 533 159 HOH HOH A . 
D 4 HOH 234 534 57  HOH HOH A . 
D 4 HOH 235 535 233 HOH HOH A . 
D 4 HOH 236 536 110 HOH HOH A . 
D 4 HOH 237 537 169 HOH HOH A . 
D 4 HOH 238 538 82  HOH HOH A . 
D 4 HOH 239 539 132 HOH HOH A . 
D 4 HOH 240 540 76  HOH HOH A . 
D 4 HOH 241 541 106 HOH HOH A . 
# 
loop_
_software.citation_id 
_software.classification 
_software.compiler_name 
_software.compiler_version 
_software.contact_author 
_software.contact_author_email 
_software.date 
_software.description 
_software.dependencies 
_software.hardware 
_software.language 
_software.location 
_software.mods 
_software.name 
_software.os 
_software.os_version 
_software.type 
_software.version 
_software.pdbx_ordinal 
? refinement       ? ? ? ? ? ? ? ? ? ? ? REFMAC  ? ? ? 5.8.0135 1 
? 'data reduction' ? ? ? ? ? ? ? ? ? ? ? iMOSFLM ? ? ? .        2 
? 'data scaling'   ? ? ? ? ? ? ? ? ? ? ? Aimless ? ? ? .        3 
? phasing          ? ? ? ? ? ? ? ? ? ? ? PHASER  ? ? ? .        4 
# 
_cell.entry_id           5T7T 
_cell.length_a           45.400 
_cell.length_b           49.610 
_cell.length_c           80.470 
_cell.angle_alpha        90.00 
_cell.angle_beta         90.00 
_cell.angle_gamma        90.00 
_cell.Z_PDB              4 
_cell.pdbx_unique_axis   ? 
# 
_symmetry.entry_id                         5T7T 
_symmetry.space_group_name_H-M             'P 21 21 21' 
_symmetry.pdbx_full_space_group_name_H-M   ? 
_symmetry.cell_setting                     ? 
_symmetry.Int_Tables_number                19 
# 
_exptl.absorpt_coefficient_mu     ? 
_exptl.absorpt_correction_T_max   ? 
_exptl.absorpt_correction_T_min   ? 
_exptl.absorpt_correction_type    ? 
_exptl.absorpt_process_details    ? 
_exptl.entry_id                   5T7T 
_exptl.crystals_number            1 
_exptl.details                    ? 
_exptl.method                     'X-RAY DIFFRACTION' 
_exptl.method_details             ? 
# 
_exptl_crystal.colour                      ? 
_exptl_crystal.density_diffrn              ? 
_exptl_crystal.density_Matthews            2.58 
_exptl_crystal.density_method              ? 
_exptl_crystal.density_percent_sol         52.26 
_exptl_crystal.description                 ? 
_exptl_crystal.F_000                       ? 
_exptl_crystal.id                          1 
_exptl_crystal.preparation                 ? 
_exptl_crystal.size_max                    ? 
_exptl_crystal.size_mid                    ? 
_exptl_crystal.size_min                    ? 
_exptl_crystal.size_rad                    ? 
_exptl_crystal.colour_lustre               ? 
_exptl_crystal.colour_modifier             ? 
_exptl_crystal.colour_primary              ? 
_exptl_crystal.density_meas                ? 
_exptl_crystal.density_meas_esd            ? 
_exptl_crystal.density_meas_gt             ? 
_exptl_crystal.density_meas_lt             ? 
_exptl_crystal.density_meas_temp           ? 
_exptl_crystal.density_meas_temp_esd       ? 
_exptl_crystal.density_meas_temp_gt        ? 
_exptl_crystal.density_meas_temp_lt        ? 
_exptl_crystal.pdbx_crystal_image_url      ? 
_exptl_crystal.pdbx_crystal_image_format   ? 
_exptl_crystal.pdbx_mosaicity              ? 
_exptl_crystal.pdbx_mosaicity_esd          ? 
# 
_exptl_crystal_grow.apparatus       ? 
_exptl_crystal_grow.atmosphere      ? 
_exptl_crystal_grow.crystal_id      1 
_exptl_crystal_grow.details         ? 
_exptl_crystal_grow.method          'VAPOR DIFFUSION, HANGING DROP' 
_exptl_crystal_grow.method_ref      ? 
_exptl_crystal_grow.pH              ? 
_exptl_crystal_grow.pressure        ? 
_exptl_crystal_grow.pressure_esd    ? 
_exptl_crystal_grow.seeding         ? 
_exptl_crystal_grow.seeding_ref     ? 
_exptl_crystal_grow.temp            293 
_exptl_crystal_grow.temp_details    ? 
_exptl_crystal_grow.temp_esd        ? 
_exptl_crystal_grow.time            ? 
_exptl_crystal_grow.pdbx_details    
'10 mM sodium phosphate, 137 mM sodium chloride, 2.7 mM potassium chloride, 1.8 mM potassium phosphate' 
_exptl_crystal_grow.pdbx_pH_range   ? 
# 
_diffrn.ambient_environment    ? 
_diffrn.ambient_temp           100 
_diffrn.ambient_temp_details   ? 
_diffrn.ambient_temp_esd       ? 
_diffrn.crystal_id             1 
_diffrn.crystal_support        ? 
_diffrn.crystal_treatment      ? 
_diffrn.details                ? 
_diffrn.id                     1 
_diffrn.ambient_pressure       ? 
_diffrn.ambient_pressure_esd   ? 
_diffrn.ambient_pressure_gt    ? 
_diffrn.ambient_pressure_lt    ? 
_diffrn.ambient_temp_gt        ? 
_diffrn.ambient_temp_lt        ? 
# 
_diffrn_detector.details                      ? 
_diffrn_detector.detector                     CCD 
_diffrn_detector.diffrn_id                    1 
_diffrn_detector.type                         'ADSC QUANTUM 210r' 
_diffrn_detector.area_resol_mean              ? 
_diffrn_detector.dtime                        ? 
_diffrn_detector.pdbx_frames_total            ? 
_diffrn_detector.pdbx_collection_time_total   ? 
_diffrn_detector.pdbx_collection_date         2015-10-15 
# 
_diffrn_radiation.collimation                      ? 
_diffrn_radiation.diffrn_id                        1 
_diffrn_radiation.filter_edge                      ? 
_diffrn_radiation.inhomogeneity                    ? 
_diffrn_radiation.monochromator                    ? 
_diffrn_radiation.polarisn_norm                    ? 
_diffrn_radiation.polarisn_ratio                   ? 
_diffrn_radiation.probe                            ? 
_diffrn_radiation.type                             ? 
_diffrn_radiation.xray_symbol                      ? 
_diffrn_radiation.wavelength_id                    1 
_diffrn_radiation.pdbx_monochromatic_or_laue_m_l   M 
_diffrn_radiation.pdbx_wavelength_list             ? 
_diffrn_radiation.pdbx_wavelength                  ? 
_diffrn_radiation.pdbx_diffrn_protocol             'SINGLE WAVELENGTH' 
_diffrn_radiation.pdbx_analyzer                    ? 
_diffrn_radiation.pdbx_scattering_type             x-ray 
# 
_diffrn_radiation_wavelength.id           1 
_diffrn_radiation_wavelength.wavelength   0.9537 
_diffrn_radiation_wavelength.wt           1.0 
# 
_diffrn_source.current                     ? 
_diffrn_source.details                     ? 
_diffrn_source.diffrn_id                   1 
_diffrn_source.power                       ? 
_diffrn_source.size                        ? 
_diffrn_source.source                      SYNCHROTRON 
_diffrn_source.target                      ? 
_diffrn_source.type                        'AUSTRALIAN SYNCHROTRON BEAMLINE MX1' 
_diffrn_source.voltage                     ? 
_diffrn_source.take-off_angle              ? 
_diffrn_source.pdbx_wavelength_list        0.9537 
_diffrn_source.pdbx_wavelength             ? 
_diffrn_source.pdbx_synchrotron_beamline   MX1 
_diffrn_source.pdbx_synchrotron_site       'Australian Synchrotron' 
# 
_reflns.B_iso_Wilson_estimate            ? 
_reflns.entry_id                         5T7T 
_reflns.data_reduction_details           ? 
_reflns.data_reduction_method            ? 
_reflns.d_resolution_high                1.96 
_reflns.d_resolution_low                 42.23 
_reflns.details                          ? 
_reflns.limit_h_max                      ? 
_reflns.limit_h_min                      ? 
_reflns.limit_k_max                      ? 
_reflns.limit_k_min                      ? 
_reflns.limit_l_max                      ? 
_reflns.limit_l_min                      ? 
_reflns.number_all                       ? 
_reflns.number_obs                       12696 
_reflns.observed_criterion               ? 
_reflns.observed_criterion_F_max         ? 
_reflns.observed_criterion_F_min         ? 
_reflns.observed_criterion_I_max         ? 
_reflns.observed_criterion_I_min         ? 
_reflns.observed_criterion_sigma_F       ? 
_reflns.observed_criterion_sigma_I       ? 
_reflns.percent_possible_obs             93.7 
_reflns.R_free_details                   ? 
_reflns.Rmerge_F_all                     ? 
_reflns.Rmerge_F_obs                     ? 
_reflns.Friedel_coverage                 ? 
_reflns.number_gt                        ? 
_reflns.threshold_expression             ? 
_reflns.pdbx_redundancy                  7.8 
_reflns.pdbx_Rmerge_I_obs                0.112 
_reflns.pdbx_Rmerge_I_all                ? 
_reflns.pdbx_Rsym_value                  ? 
_reflns.pdbx_netI_over_av_sigmaI         ? 
_reflns.pdbx_netI_over_sigmaI            14.5 
_reflns.pdbx_res_netI_over_av_sigmaI_2   ? 
_reflns.pdbx_res_netI_over_sigmaI_2      ? 
_reflns.pdbx_chi_squared                 ? 
_reflns.pdbx_scaling_rejects             ? 
_reflns.pdbx_d_res_high_opt              ? 
_reflns.pdbx_d_res_low_opt               ? 
_reflns.pdbx_d_res_opt_method            ? 
_reflns.phase_calculation_details        ? 
_reflns.pdbx_Rrim_I_all                  ? 
_reflns.pdbx_Rpim_I_all                  ? 
_reflns.pdbx_d_opt                       ? 
_reflns.pdbx_number_measured_all         ? 
_reflns.pdbx_diffrn_id                   1 
_reflns.pdbx_ordinal                     1 
_reflns.pdbx_CC_half                     ? 
_reflns.pdbx_R_split                     ? 
# 
_reflns_shell.d_res_high                  . 
_reflns_shell.d_res_low                   ? 
_reflns_shell.meanI_over_sigI_all         ? 
_reflns_shell.meanI_over_sigI_obs         ? 
_reflns_shell.number_measured_all         ? 
_reflns_shell.number_measured_obs         ? 
_reflns_shell.number_possible             ? 
_reflns_shell.number_unique_all           ? 
_reflns_shell.number_unique_obs           ? 
_reflns_shell.percent_possible_all        ? 
_reflns_shell.percent_possible_obs        ? 
_reflns_shell.Rmerge_F_all                ? 
_reflns_shell.Rmerge_F_obs                ? 
_reflns_shell.Rmerge_I_all                ? 
_reflns_shell.Rmerge_I_obs                ? 
_reflns_shell.meanI_over_sigI_gt          ? 
_reflns_shell.meanI_over_uI_all           ? 
_reflns_shell.meanI_over_uI_gt            ? 
_reflns_shell.number_measured_gt          ? 
_reflns_shell.number_unique_gt            ? 
_reflns_shell.percent_possible_gt         ? 
_reflns_shell.Rmerge_F_gt                 ? 
_reflns_shell.Rmerge_I_gt                 ? 
_reflns_shell.pdbx_redundancy             ? 
_reflns_shell.pdbx_Rsym_value             ? 
_reflns_shell.pdbx_chi_squared            ? 
_reflns_shell.pdbx_netI_over_sigmaI_all   ? 
_reflns_shell.pdbx_netI_over_sigmaI_obs   ? 
_reflns_shell.pdbx_Rrim_I_all             ? 
_reflns_shell.pdbx_Rpim_I_all             ? 
_reflns_shell.pdbx_rejects                ? 
_reflns_shell.pdbx_ordinal                1 
_reflns_shell.pdbx_diffrn_id              1 
_reflns_shell.pdbx_CC_half                ? 
_reflns_shell.pdbx_R_split                ? 
# 
_refine.pdbx_refine_id                           'X-RAY DIFFRACTION' 
_refine.entry_id                                 5T7T 
_refine.pdbx_diffrn_id                           1 
_refine.pdbx_TLS_residual_ADP_flag               ? 
_refine.ls_number_reflns_obs                     12042 
_refine.ls_number_reflns_all                     ? 
_refine.pdbx_ls_sigma_I                          ? 
_refine.pdbx_ls_sigma_F                          ? 
_refine.pdbx_data_cutoff_high_absF               ? 
_refine.pdbx_data_cutoff_low_absF                ? 
_refine.pdbx_data_cutoff_high_rms_absF           ? 
_refine.ls_d_res_low                             42.23 
_refine.ls_d_res_high                            1.96 
_refine.ls_percent_reflns_obs                    93.61 
_refine.ls_R_factor_obs                          0.17905 
_refine.ls_R_factor_all                          ? 
_refine.ls_R_factor_R_work                       0.17731 
_refine.ls_R_factor_R_free                       0.21492 
_refine.ls_R_factor_R_free_error                 ? 
_refine.ls_R_factor_R_free_error_details         ? 
_refine.ls_percent_reflns_R_free                 4.7 
_refine.ls_number_reflns_R_free                  599 
_refine.ls_number_parameters                     ? 
_refine.ls_number_restraints                     ? 
_refine.occupancy_min                            ? 
_refine.occupancy_max                            ? 
_refine.correlation_coeff_Fo_to_Fc               0.939 
_refine.correlation_coeff_Fo_to_Fc_free          0.902 
_refine.B_iso_mean                               13.971 
_refine.aniso_B[1][1]                            0.00 
_refine.aniso_B[2][2]                            0.01 
_refine.aniso_B[3][3]                            -0.01 
_refine.aniso_B[1][2]                            0.00 
_refine.aniso_B[1][3]                            0.00 
_refine.aniso_B[2][3]                            -0.00 
_refine.solvent_model_details                    MASK 
_refine.solvent_model_param_ksol                 ? 
_refine.solvent_model_param_bsol                 ? 
_refine.pdbx_solvent_vdw_probe_radii             1.40 
_refine.pdbx_solvent_ion_probe_radii             0.90 
_refine.pdbx_solvent_shrinkage_radii             0.90 
_refine.pdbx_ls_cross_valid_method               THROUGHOUT 
_refine.details                                  'HYDROGENS HAVE BEEN ADDED IN THE RIDING POSITIONS' 
_refine.pdbx_starting_model                      3AP5 
_refine.pdbx_method_to_determine_struct          'MOLECULAR REPLACEMENT' 
_refine.pdbx_isotropic_thermal_model             ? 
_refine.pdbx_stereochemistry_target_values       'MAXIMUM LIKELIHOOD' 
_refine.pdbx_stereochem_target_val_spec_case     ? 
_refine.pdbx_R_Free_selection_details            RANDOM 
_refine.pdbx_overall_ESU_R                       0.176 
_refine.pdbx_overall_ESU_R_Free                  0.153 
_refine.overall_SU_ML                            0.089 
_refine.pdbx_overall_phase_error                 ? 
_refine.overall_SU_B                             3.089 
_refine.overall_SU_R_Cruickshank_DPI             ? 
_refine.pdbx_overall_SU_R_free_Cruickshank_DPI   ? 
_refine.pdbx_overall_SU_R_Blow_DPI               ? 
_refine.pdbx_overall_SU_R_free_Blow_DPI          ? 
# 
_refine_hist.pdbx_refine_id                   'X-RAY DIFFRACTION' 
_refine_hist.cycle_id                         1 
_refine_hist.pdbx_number_atoms_protein        1178 
_refine_hist.pdbx_number_atoms_nucleic_acid   0 
_refine_hist.pdbx_number_atoms_ligand         27 
_refine_hist.number_atoms_solvent             241 
_refine_hist.number_atoms_total               1446 
_refine_hist.d_res_high                       1.96 
_refine_hist.d_res_low                        42.23 
# 
loop_
_refine_ls_restr.type 
_refine_ls_restr.dev_ideal 
_refine_ls_restr.dev_ideal_target 
_refine_ls_restr.weight 
_refine_ls_restr.number 
_refine_ls_restr.pdbx_refine_id 
_refine_ls_restr.pdbx_restraint_function 
r_bond_refined_d             0.006  0.019  ? 1252 'X-RAY DIFFRACTION' ? 
r_bond_other_d               0.001  0.020  ? 1209 'X-RAY DIFFRACTION' ? 
r_angle_refined_deg          1.169  1.976  ? 1701 'X-RAY DIFFRACTION' ? 
r_angle_other_deg            0.758  3.000  ? 2791 'X-RAY DIFFRACTION' ? 
r_dihedral_angle_1_deg       6.588  5.000  ? 152  'X-RAY DIFFRACTION' ? 
r_dihedral_angle_2_deg       30.821 23.793 ? 58   'X-RAY DIFFRACTION' ? 
r_dihedral_angle_3_deg       9.947  15.000 ? 208  'X-RAY DIFFRACTION' ? 
r_dihedral_angle_4_deg       10.983 15.000 ? 8    'X-RAY DIFFRACTION' ? 
r_chiral_restr               0.071  0.200  ? 194  'X-RAY DIFFRACTION' ? 
r_gen_planes_refined         0.004  0.021  ? 1381 'X-RAY DIFFRACTION' ? 
r_gen_planes_other           0.001  0.020  ? 291  'X-RAY DIFFRACTION' ? 
r_nbd_refined                ?      ?      ? ?    'X-RAY DIFFRACTION' ? 
r_nbd_other                  ?      ?      ? ?    'X-RAY DIFFRACTION' ? 
r_nbtor_refined              ?      ?      ? ?    'X-RAY DIFFRACTION' ? 
r_nbtor_other                ?      ?      ? ?    'X-RAY DIFFRACTION' ? 
r_xyhbond_nbd_refined        ?      ?      ? ?    'X-RAY DIFFRACTION' ? 
r_xyhbond_nbd_other          ?      ?      ? ?    'X-RAY DIFFRACTION' ? 
r_metal_ion_refined          ?      ?      ? ?    'X-RAY DIFFRACTION' ? 
r_metal_ion_other            ?      ?      ? ?    'X-RAY DIFFRACTION' ? 
r_symmetry_vdw_refined       ?      ?      ? ?    'X-RAY DIFFRACTION' ? 
r_symmetry_vdw_other         ?      ?      ? ?    'X-RAY DIFFRACTION' ? 
r_symmetry_hbond_refined     ?      ?      ? ?    'X-RAY DIFFRACTION' ? 
r_symmetry_hbond_other       ?      ?      ? ?    'X-RAY DIFFRACTION' ? 
r_symmetry_metal_ion_refined ?      ?      ? ?    'X-RAY DIFFRACTION' ? 
r_symmetry_metal_ion_other   ?      ?      ? ?    'X-RAY DIFFRACTION' ? 
r_mcbond_it                  2.638  0.999  ? 593  'X-RAY DIFFRACTION' ? 
r_mcbond_other               2.479  0.991  ? 592  'X-RAY DIFFRACTION' ? 
r_mcangle_it                 3.041  1.469  ? 741  'X-RAY DIFFRACTION' ? 
r_mcangle_other              3.097  1.477  ? 742  'X-RAY DIFFRACTION' ? 
r_scbond_it                  4.851  1.432  ? 659  'X-RAY DIFFRACTION' ? 
r_scbond_other               4.851  1.435  ? 660  'X-RAY DIFFRACTION' ? 
r_scangle_it                 ?      ?      ? ?    'X-RAY DIFFRACTION' ? 
r_scangle_other              6.493  1.959  ? 958  'X-RAY DIFFRACTION' ? 
r_long_range_B_refined       9.038  10.689 ? 1542 'X-RAY DIFFRACTION' ? 
r_long_range_B_other         9.036  10.703 ? 1543 'X-RAY DIFFRACTION' ? 
r_rigid_bond_restr           ?      ?      ? ?    'X-RAY DIFFRACTION' ? 
r_sphericity_free            ?      ?      ? ?    'X-RAY DIFFRACTION' ? 
r_sphericity_bonded          ?      ?      ? ?    'X-RAY DIFFRACTION' ? 
# 
_refine_ls_shell.pdbx_refine_id                   'X-RAY DIFFRACTION' 
_refine_ls_shell.pdbx_total_number_of_bins_used   20 
_refine_ls_shell.d_res_high                       1.964 
_refine_ls_shell.d_res_low                        2.015 
_refine_ls_shell.number_reflns_R_work             911 
_refine_ls_shell.R_factor_R_work                  0.177 
_refine_ls_shell.percent_reflns_obs               99.90 
_refine_ls_shell.R_factor_R_free                  0.267 
_refine_ls_shell.R_factor_R_free_error            ? 
_refine_ls_shell.percent_reflns_R_free            ? 
_refine_ls_shell.number_reflns_R_free             51 
_refine_ls_shell.number_reflns_all                ? 
_refine_ls_shell.R_factor_all                     ? 
# 
_struct.entry_id                     5T7T 
_struct.title                        'Galectin-8 N terminal domain in complex with LNT' 
_struct.pdbx_model_details           ? 
_struct.pdbx_formula_weight          ? 
_struct.pdbx_formula_weight_method   ? 
_struct.pdbx_model_type_details      ? 
_struct.pdbx_CASP_flag               N 
# 
_struct_keywords.entry_id        5T7T 
_struct_keywords.text            'carbohydrate binding protein, galectin-8 lectin, SUGAR BINDING PROTEIN' 
_struct_keywords.pdbx_keywords   'SUGAR BINDING PROTEIN' 
# 
loop_
_struct_asym.id 
_struct_asym.pdbx_blank_PDB_chainid_flag 
_struct_asym.pdbx_modified 
_struct_asym.entity_id 
_struct_asym.details 
A N N 1 ? 
B N N 2 ? 
C N N 3 ? 
D N N 4 ? 
# 
_struct_ref.id                         1 
_struct_ref.db_name                    UNP 
_struct_ref.db_code                    LEG8_HUMAN 
_struct_ref.pdbx_db_accession          O00214 
_struct_ref.pdbx_db_isoform            ? 
_struct_ref.entity_id                  1 
_struct_ref.pdbx_seq_one_letter_code   
;MMLSLNNLQNIIYNPVIPFVGTIPDQLDPGTLIVIRGHVPSDADRFQVDLQNGSSMKPRADVAFHFNPRFKRAGCIVCNT
LINEKWGREEITYDTPFKREKSFEIVIMVLKDKFQVAVNGKHTLLYGHRIGPEKIDTLGIYGKVNIHSIGFSFSS
;
_struct_ref.pdbx_align_begin           1 
# 
_struct_ref_seq.align_id                      1 
_struct_ref_seq.ref_id                        1 
_struct_ref_seq.pdbx_PDB_id_code              5T7T 
_struct_ref_seq.pdbx_strand_id                A 
_struct_ref_seq.seq_align_beg                 1 
_struct_ref_seq.pdbx_seq_align_beg_ins_code   ? 
_struct_ref_seq.seq_align_end                 155 
_struct_ref_seq.pdbx_seq_align_end_ins_code   ? 
_struct_ref_seq.pdbx_db_accession             O00214 
_struct_ref_seq.db_align_beg                  1 
_struct_ref_seq.pdbx_db_align_beg_ins_code    ? 
_struct_ref_seq.db_align_end                  155 
_struct_ref_seq.pdbx_db_align_end_ins_code    ? 
_struct_ref_seq.pdbx_auth_seq_align_beg       1 
_struct_ref_seq.pdbx_auth_seq_align_end       155 
# 
_struct_ref_seq_dif.align_id                     1 
_struct_ref_seq_dif.pdbx_pdb_id_code             5T7T 
_struct_ref_seq_dif.mon_id                       VAL 
_struct_ref_seq_dif.pdbx_pdb_strand_id           A 
_struct_ref_seq_dif.seq_num                      56 
_struct_ref_seq_dif.pdbx_pdb_ins_code            ? 
_struct_ref_seq_dif.pdbx_seq_db_name             UNP 
_struct_ref_seq_dif.pdbx_seq_db_accession_code   O00214 
_struct_ref_seq_dif.db_mon_id                    MET 
_struct_ref_seq_dif.pdbx_seq_db_seq_num          56 
_struct_ref_seq_dif.details                      'engineered mutation' 
_struct_ref_seq_dif.pdbx_auth_seq_num            56 
_struct_ref_seq_dif.pdbx_ordinal                 1 
# 
_pdbx_struct_assembly.id                   1 
_pdbx_struct_assembly.details              author_and_software_defined_assembly 
_pdbx_struct_assembly.method_details       PISA 
_pdbx_struct_assembly.oligomeric_details   monomeric 
_pdbx_struct_assembly.oligomeric_count     1 
# 
_pdbx_struct_assembly_gen.assembly_id       1 
_pdbx_struct_assembly_gen.oper_expression   1 
_pdbx_struct_assembly_gen.asym_id_list      A,B,C,D 
# 
_pdbx_struct_oper_list.id                   1 
_pdbx_struct_oper_list.type                 'identity operation' 
_pdbx_struct_oper_list.name                 1_555 
_pdbx_struct_oper_list.symmetry_operation   x,y,z 
_pdbx_struct_oper_list.matrix[1][1]         1.0000000000 
_pdbx_struct_oper_list.matrix[1][2]         0.0000000000 
_pdbx_struct_oper_list.matrix[1][3]         0.0000000000 
_pdbx_struct_oper_list.vector[1]            0.0000000000 
_pdbx_struct_oper_list.matrix[2][1]         0.0000000000 
_pdbx_struct_oper_list.matrix[2][2]         1.0000000000 
_pdbx_struct_oper_list.matrix[2][3]         0.0000000000 
_pdbx_struct_oper_list.vector[2]            0.0000000000 
_pdbx_struct_oper_list.matrix[3][1]         0.0000000000 
_pdbx_struct_oper_list.matrix[3][2]         0.0000000000 
_pdbx_struct_oper_list.matrix[3][3]         1.0000000000 
_pdbx_struct_oper_list.vector[3]            0.0000000000 
# 
_struct_conf.conf_type_id            HELX_P 
_struct_conf.id                      HELX_P1 
_struct_conf.pdbx_PDB_helix_id       AA1 
_struct_conf.beg_label_comp_id       GLY 
_struct_conf.beg_label_asym_id       A 
_struct_conf.beg_label_seq_id        131 
_struct_conf.pdbx_beg_PDB_ins_code   ? 
_struct_conf.end_label_comp_id       ILE 
_struct_conf.end_label_asym_id       A 
_struct_conf.end_label_seq_id        135 
_struct_conf.pdbx_end_PDB_ins_code   ? 
_struct_conf.beg_auth_comp_id        GLY 
_struct_conf.beg_auth_asym_id        A 
_struct_conf.beg_auth_seq_id         131 
_struct_conf.end_auth_comp_id        ILE 
_struct_conf.end_auth_asym_id        A 
_struct_conf.end_auth_seq_id         135 
_struct_conf.pdbx_PDB_helix_class    5 
_struct_conf.details                 ? 
_struct_conf.pdbx_PDB_helix_length   5 
# 
_struct_conf_type.id          HELX_P 
_struct_conf_type.criteria    ? 
_struct_conf_type.reference   ? 
# 
loop_
_struct_conn.id 
_struct_conn.conn_type_id 
_struct_conn.pdbx_leaving_atom_flag 
_struct_conn.pdbx_PDB_id 
_struct_conn.ptnr1_label_asym_id 
_struct_conn.ptnr1_label_comp_id 
_struct_conn.ptnr1_label_seq_id 
_struct_conn.ptnr1_label_atom_id 
_struct_conn.pdbx_ptnr1_label_alt_id 
_struct_conn.pdbx_ptnr1_PDB_ins_code 
_struct_conn.pdbx_ptnr1_standard_comp_id 
_struct_conn.ptnr1_symmetry 
_struct_conn.ptnr2_label_asym_id 
_struct_conn.ptnr2_label_comp_id 
_struct_conn.ptnr2_label_seq_id 
_struct_conn.ptnr2_label_atom_id 
_struct_conn.pdbx_ptnr2_label_alt_id 
_struct_conn.pdbx_ptnr2_PDB_ins_code 
_struct_conn.ptnr1_auth_asym_id 
_struct_conn.ptnr1_auth_comp_id 
_struct_conn.ptnr1_auth_seq_id 
_struct_conn.ptnr2_auth_asym_id 
_struct_conn.ptnr2_auth_comp_id 
_struct_conn.ptnr2_auth_seq_id 
_struct_conn.ptnr2_symmetry 
_struct_conn.pdbx_ptnr3_label_atom_id 
_struct_conn.pdbx_ptnr3_label_seq_id 
_struct_conn.pdbx_ptnr3_label_comp_id 
_struct_conn.pdbx_ptnr3_label_asym_id 
_struct_conn.pdbx_ptnr3_label_alt_id 
_struct_conn.pdbx_ptnr3_PDB_ins_code 
_struct_conn.details 
_struct_conn.pdbx_dist_value 
_struct_conn.pdbx_value_order 
_struct_conn.pdbx_role 
covale1 covale both ? A GLY 74 C  ? ? ? 1_555 A CME 75 N  ? ? A GLY 74 A CME 75 1_555 ? ? ? ? ? ? ? 1.329 ? ? 
covale2 covale both ? A CME 75 C  ? ? ? 1_555 A ILE 76 N  ? ? A CME 75 A ILE 76 1_555 ? ? ? ? ? ? ? 1.330 ? ? 
covale3 covale both ? B NAG .  O3 ? ? ? 1_555 B GAL .  C1 ? ? B NAG 1  B GAL 2  1_555 ? ? ? ? ? ? ? 1.441 ? ? 
# 
_struct_conn_type.id          covale 
_struct_conn_type.criteria    ? 
_struct_conn_type.reference   ? 
# 
_pdbx_modification_feature.ordinal                            1 
_pdbx_modification_feature.label_comp_id                      CME 
_pdbx_modification_feature.label_asym_id                      A 
_pdbx_modification_feature.label_seq_id                       75 
_pdbx_modification_feature.label_alt_id                       ? 
_pdbx_modification_feature.modified_residue_label_comp_id     . 
_pdbx_modification_feature.modified_residue_label_asym_id     . 
_pdbx_modification_feature.modified_residue_label_seq_id      . 
_pdbx_modification_feature.modified_residue_label_alt_id      . 
_pdbx_modification_feature.auth_comp_id                       CME 
_pdbx_modification_feature.auth_asym_id                       A 
_pdbx_modification_feature.auth_seq_id                        75 
_pdbx_modification_feature.PDB_ins_code                       ? 
_pdbx_modification_feature.symmetry                           1_555 
_pdbx_modification_feature.modified_residue_auth_comp_id      . 
_pdbx_modification_feature.modified_residue_auth_asym_id      . 
_pdbx_modification_feature.modified_residue_auth_seq_id       . 
_pdbx_modification_feature.modified_residue_PDB_ins_code      . 
_pdbx_modification_feature.modified_residue_symmetry          . 
_pdbx_modification_feature.comp_id_linking_atom               . 
_pdbx_modification_feature.modified_residue_id_linking_atom   . 
_pdbx_modification_feature.modified_residue_id                CYS 
_pdbx_modification_feature.ref_pcm_id                         1 
_pdbx_modification_feature.ref_comp_id                        CME 
_pdbx_modification_feature.type                               Beta-mercaptoethanol 
_pdbx_modification_feature.category                           'Named protein modification' 
# 
loop_
_struct_mon_prot_cis.pdbx_id 
_struct_mon_prot_cis.label_comp_id 
_struct_mon_prot_cis.label_seq_id 
_struct_mon_prot_cis.label_asym_id 
_struct_mon_prot_cis.label_alt_id 
_struct_mon_prot_cis.pdbx_PDB_ins_code 
_struct_mon_prot_cis.auth_comp_id 
_struct_mon_prot_cis.auth_seq_id 
_struct_mon_prot_cis.auth_asym_id 
_struct_mon_prot_cis.pdbx_label_comp_id_2 
_struct_mon_prot_cis.pdbx_label_seq_id_2 
_struct_mon_prot_cis.pdbx_label_asym_id_2 
_struct_mon_prot_cis.pdbx_PDB_ins_code_2 
_struct_mon_prot_cis.pdbx_auth_comp_id_2 
_struct_mon_prot_cis.pdbx_auth_seq_id_2 
_struct_mon_prot_cis.pdbx_auth_asym_id_2 
_struct_mon_prot_cis.pdbx_PDB_model_num 
_struct_mon_prot_cis.pdbx_omega_angle 
1 ILE 17 A . ? ILE 17 A PRO 18 A ? PRO 18 A 1 10.73 
2 LYS 57 A . ? LYS 57 A PRO 58 A ? PRO 58 A 1 -8.21 
# 
loop_
_struct_sheet.id 
_struct_sheet.type 
_struct_sheet.number_strands 
_struct_sheet.details 
AA1 ? 6 ? 
AA2 ? 6 ? 
AA3 ? 6 ? 
# 
loop_
_struct_sheet_order.sheet_id 
_struct_sheet_order.range_id_1 
_struct_sheet_order.range_id_2 
_struct_sheet_order.offset 
_struct_sheet_order.sense 
AA1 1 2 ? anti-parallel 
AA1 2 3 ? anti-parallel 
AA1 3 4 ? anti-parallel 
AA1 4 5 ? anti-parallel 
AA1 5 6 ? anti-parallel 
AA2 1 2 ? anti-parallel 
AA2 2 3 ? anti-parallel 
AA2 3 4 ? anti-parallel 
AA2 4 5 ? anti-parallel 
AA2 5 6 ? anti-parallel 
AA3 1 2 ? anti-parallel 
AA3 2 3 ? anti-parallel 
AA3 3 4 ? anti-parallel 
AA3 4 5 ? anti-parallel 
AA3 5 6 ? anti-parallel 
# 
loop_
_struct_sheet_range.sheet_id 
_struct_sheet_range.id 
_struct_sheet_range.beg_label_comp_id 
_struct_sheet_range.beg_label_asym_id 
_struct_sheet_range.beg_label_seq_id 
_struct_sheet_range.pdbx_beg_PDB_ins_code 
_struct_sheet_range.end_label_comp_id 
_struct_sheet_range.end_label_asym_id 
_struct_sheet_range.end_label_seq_id 
_struct_sheet_range.pdbx_end_PDB_ins_code 
_struct_sheet_range.beg_auth_comp_id 
_struct_sheet_range.beg_auth_asym_id 
_struct_sheet_range.beg_auth_seq_id 
_struct_sheet_range.end_auth_comp_id 
_struct_sheet_range.end_auth_asym_id 
_struct_sheet_range.end_auth_seq_id 
AA1 1 GLN A 9   ? TYR A 13  ? GLN A 9   TYR A 13  
AA1 2 ASN A 145 ? SER A 152 ? ASN A 145 SER A 152 
AA1 3 LEU A 32  ? HIS A 38  ? LEU A 32  HIS A 38  
AA1 4 SER A 102 ? VAL A 109 ? SER A 102 VAL A 109 
AA1 5 LYS A 113 ? VAL A 118 ? LYS A 113 VAL A 118 
AA1 6 LYS A 121 ? GLY A 127 ? LYS A 121 GLY A 127 
AA2 1 PHE A 19  ? THR A 22  ? PHE A 19  THR A 22  
AA2 2 THR A 137 ? GLY A 142 ? THR A 137 GLY A 142 
AA2 3 PHE A 46  ? ASN A 52  ? PHE A 46  ASN A 52  
AA2 4 ASP A 61  ? ARG A 69  ? ASP A 61  ARG A 69  
AA2 5 CME A 75  ? ILE A 82  ? CME A 75  ILE A 82  
AA2 6 LYS A 85  ? TRP A 86  ? LYS A 85  TRP A 86  
AA3 1 PHE A 19  ? THR A 22  ? PHE A 19  THR A 22  
AA3 2 THR A 137 ? GLY A 142 ? THR A 137 GLY A 142 
AA3 3 PHE A 46  ? ASN A 52  ? PHE A 46  ASN A 52  
AA3 4 ASP A 61  ? ARG A 69  ? ASP A 61  ARG A 69  
AA3 5 CME A 75  ? ILE A 82  ? CME A 75  ILE A 82  
AA3 6 GLU A 90  ? THR A 92  ? GLU A 90  THR A 92  
# 
loop_
_pdbx_struct_sheet_hbond.sheet_id 
_pdbx_struct_sheet_hbond.range_id_1 
_pdbx_struct_sheet_hbond.range_id_2 
_pdbx_struct_sheet_hbond.range_1_label_atom_id 
_pdbx_struct_sheet_hbond.range_1_label_comp_id 
_pdbx_struct_sheet_hbond.range_1_label_asym_id 
_pdbx_struct_sheet_hbond.range_1_label_seq_id 
_pdbx_struct_sheet_hbond.range_1_PDB_ins_code 
_pdbx_struct_sheet_hbond.range_1_auth_atom_id 
_pdbx_struct_sheet_hbond.range_1_auth_comp_id 
_pdbx_struct_sheet_hbond.range_1_auth_asym_id 
_pdbx_struct_sheet_hbond.range_1_auth_seq_id 
_pdbx_struct_sheet_hbond.range_2_label_atom_id 
_pdbx_struct_sheet_hbond.range_2_label_comp_id 
_pdbx_struct_sheet_hbond.range_2_label_asym_id 
_pdbx_struct_sheet_hbond.range_2_label_seq_id 
_pdbx_struct_sheet_hbond.range_2_PDB_ins_code 
_pdbx_struct_sheet_hbond.range_2_auth_atom_id 
_pdbx_struct_sheet_hbond.range_2_auth_comp_id 
_pdbx_struct_sheet_hbond.range_2_auth_asym_id 
_pdbx_struct_sheet_hbond.range_2_auth_seq_id 
AA1 1 2 N GLN A 9   ? N GLN A 9   O PHE A 151 ? O PHE A 151 
AA1 2 3 O GLY A 150 ? O GLY A 150 N VAL A 34  ? N VAL A 34  
AA1 3 4 N ILE A 35  ? N ILE A 35  O ILE A 105 ? O ILE A 105 
AA1 4 5 N MET A 108 ? N MET A 108 O GLN A 115 ? O GLN A 115 
AA1 5 6 N PHE A 114 ? N PHE A 114 O TYR A 126 ? O TYR A 126 
AA2 1 2 N GLY A 21  ? N GLY A 21  O LEU A 138 ? O LEU A 138 
AA2 2 3 O GLY A 139 ? O GLY A 139 N ASP A 49  ? N ASP A 49  
AA2 3 4 N VAL A 48  ? N VAL A 48  O PHE A 66  ? O PHE A 66  
AA2 4 5 N ARG A 69  ? N ARG A 69  O CME A 75  ? O CME A 75  
AA2 5 6 N ILE A 82  ? N ILE A 82  O LYS A 85  ? O LYS A 85  
AA3 1 2 N GLY A 21  ? N GLY A 21  O LEU A 138 ? O LEU A 138 
AA3 2 3 O GLY A 139 ? O GLY A 139 N ASP A 49  ? N ASP A 49  
AA3 3 4 N VAL A 48  ? N VAL A 48  O PHE A 66  ? O PHE A 66  
AA3 4 5 N ARG A 69  ? N ARG A 69  O CME A 75  ? O CME A 75  
AA3 5 6 N ILE A 76  ? N ILE A 76  O THR A 92  ? O THR A 92  
# 
_pdbx_entry_details.entry_id                   5T7T 
_pdbx_entry_details.compound_details           ? 
_pdbx_entry_details.source_details             ? 
_pdbx_entry_details.nonpolymer_details         ? 
_pdbx_entry_details.sequence_details           ? 
_pdbx_entry_details.has_ligand_of_interest     ? 
_pdbx_entry_details.has_protein_modification   Y 
# 
_pdbx_validate_torsion.id              1 
_pdbx_validate_torsion.PDB_model_num   1 
_pdbx_validate_torsion.auth_comp_id    ARG 
_pdbx_validate_torsion.auth_asym_id    A 
_pdbx_validate_torsion.auth_seq_id     72 
_pdbx_validate_torsion.PDB_ins_code    ? 
_pdbx_validate_torsion.label_alt_id    ? 
_pdbx_validate_torsion.phi             54.75 
_pdbx_validate_torsion.psi             -126.94 
# 
_pdbx_struct_mod_residue.id               1 
_pdbx_struct_mod_residue.label_asym_id    A 
_pdbx_struct_mod_residue.label_comp_id    CME 
_pdbx_struct_mod_residue.label_seq_id     75 
_pdbx_struct_mod_residue.auth_asym_id     A 
_pdbx_struct_mod_residue.auth_comp_id     CME 
_pdbx_struct_mod_residue.auth_seq_id      75 
_pdbx_struct_mod_residue.PDB_ins_code     ? 
_pdbx_struct_mod_residue.parent_comp_id   CYS 
_pdbx_struct_mod_residue.details          'modified residue' 
# 
loop_
_pdbx_unobs_or_zero_occ_residues.id 
_pdbx_unobs_or_zero_occ_residues.PDB_model_num 
_pdbx_unobs_or_zero_occ_residues.polymer_flag 
_pdbx_unobs_or_zero_occ_residues.occupancy_flag 
_pdbx_unobs_or_zero_occ_residues.auth_asym_id 
_pdbx_unobs_or_zero_occ_residues.auth_comp_id 
_pdbx_unobs_or_zero_occ_residues.auth_seq_id 
_pdbx_unobs_or_zero_occ_residues.PDB_ins_code 
_pdbx_unobs_or_zero_occ_residues.label_asym_id 
_pdbx_unobs_or_zero_occ_residues.label_comp_id 
_pdbx_unobs_or_zero_occ_residues.label_seq_id 
1 1 Y 1 A MET 1   ? A MET 1   
2 1 Y 1 A MET 2   ? A MET 2   
3 1 Y 1 A LEU 3   ? A LEU 3   
4 1 Y 1 A SER 4   ? A SER 4   
5 1 Y 1 A LEU 5   ? A LEU 5   
6 1 Y 1 A ASN 6   ? A ASN 6   
7 1 Y 1 A ASN 7   ? A ASN 7   
8 1 Y 1 A SER 155 ? A SER 155 
# 
loop_
_chem_comp_atom.comp_id 
_chem_comp_atom.atom_id 
_chem_comp_atom.type_symbol 
_chem_comp_atom.pdbx_aromatic_flag 
_chem_comp_atom.pdbx_stereo_config 
_chem_comp_atom.pdbx_ordinal 
ALA N    N  N N 1   
ALA CA   C  N S 2   
ALA C    C  N N 3   
ALA O    O  N N 4   
ALA CB   C  N N 5   
ALA OXT  O  N N 6   
ALA H    H  N N 7   
ALA H2   H  N N 8   
ALA HA   H  N N 9   
ALA HB1  H  N N 10  
ALA HB2  H  N N 11  
ALA HB3  H  N N 12  
ALA HXT  H  N N 13  
ARG N    N  N N 14  
ARG CA   C  N S 15  
ARG C    C  N N 16  
ARG O    O  N N 17  
ARG CB   C  N N 18  
ARG CG   C  N N 19  
ARG CD   C  N N 20  
ARG NE   N  N N 21  
ARG CZ   C  N N 22  
ARG NH1  N  N N 23  
ARG NH2  N  N N 24  
ARG OXT  O  N N 25  
ARG H    H  N N 26  
ARG H2   H  N N 27  
ARG HA   H  N N 28  
ARG HB2  H  N N 29  
ARG HB3  H  N N 30  
ARG HG2  H  N N 31  
ARG HG3  H  N N 32  
ARG HD2  H  N N 33  
ARG HD3  H  N N 34  
ARG HE   H  N N 35  
ARG HH11 H  N N 36  
ARG HH12 H  N N 37  
ARG HH21 H  N N 38  
ARG HH22 H  N N 39  
ARG HXT  H  N N 40  
ASN N    N  N N 41  
ASN CA   C  N S 42  
ASN C    C  N N 43  
ASN O    O  N N 44  
ASN CB   C  N N 45  
ASN CG   C  N N 46  
ASN OD1  O  N N 47  
ASN ND2  N  N N 48  
ASN OXT  O  N N 49  
ASN H    H  N N 50  
ASN H2   H  N N 51  
ASN HA   H  N N 52  
ASN HB2  H  N N 53  
ASN HB3  H  N N 54  
ASN HD21 H  N N 55  
ASN HD22 H  N N 56  
ASN HXT  H  N N 57  
ASP N    N  N N 58  
ASP CA   C  N S 59  
ASP C    C  N N 60  
ASP O    O  N N 61  
ASP CB   C  N N 62  
ASP CG   C  N N 63  
ASP OD1  O  N N 64  
ASP OD2  O  N N 65  
ASP OXT  O  N N 66  
ASP H    H  N N 67  
ASP H2   H  N N 68  
ASP HA   H  N N 69  
ASP HB2  H  N N 70  
ASP HB3  H  N N 71  
ASP HD2  H  N N 72  
ASP HXT  H  N N 73  
CL  CL   CL N N 74  
CME N    N  N N 75  
CME CA   C  N R 76  
CME CB   C  N N 77  
CME SG   S  N N 78  
CME SD   S  N N 79  
CME CE   C  N N 80  
CME CZ   C  N N 81  
CME OH   O  N N 82  
CME C    C  N N 83  
CME O    O  N N 84  
CME OXT  O  N N 85  
CME H    H  N N 86  
CME H2   H  N N 87  
CME HA   H  N N 88  
CME HB2  H  N N 89  
CME HB3  H  N N 90  
CME HE2  H  N N 91  
CME HE3  H  N N 92  
CME HZ2  H  N N 93  
CME HZ3  H  N N 94  
CME HH   H  N N 95  
CME HXT  H  N N 96  
CYS N    N  N N 97  
CYS CA   C  N R 98  
CYS C    C  N N 99  
CYS O    O  N N 100 
CYS CB   C  N N 101 
CYS SG   S  N N 102 
CYS OXT  O  N N 103 
CYS H    H  N N 104 
CYS H2   H  N N 105 
CYS HA   H  N N 106 
CYS HB2  H  N N 107 
CYS HB3  H  N N 108 
CYS HG   H  N N 109 
CYS HXT  H  N N 110 
GAL C1   C  N R 111 
GAL C2   C  N R 112 
GAL C3   C  N S 113 
GAL C4   C  N R 114 
GAL C5   C  N R 115 
GAL C6   C  N N 116 
GAL O1   O  N N 117 
GAL O2   O  N N 118 
GAL O3   O  N N 119 
GAL O4   O  N N 120 
GAL O5   O  N N 121 
GAL O6   O  N N 122 
GAL H1   H  N N 123 
GAL H2   H  N N 124 
GAL H3   H  N N 125 
GAL H4   H  N N 126 
GAL H5   H  N N 127 
GAL H61  H  N N 128 
GAL H62  H  N N 129 
GAL HO1  H  N N 130 
GAL HO2  H  N N 131 
GAL HO3  H  N N 132 
GAL HO4  H  N N 133 
GAL HO6  H  N N 134 
GLN N    N  N N 135 
GLN CA   C  N S 136 
GLN C    C  N N 137 
GLN O    O  N N 138 
GLN CB   C  N N 139 
GLN CG   C  N N 140 
GLN CD   C  N N 141 
GLN OE1  O  N N 142 
GLN NE2  N  N N 143 
GLN OXT  O  N N 144 
GLN H    H  N N 145 
GLN H2   H  N N 146 
GLN HA   H  N N 147 
GLN HB2  H  N N 148 
GLN HB3  H  N N 149 
GLN HG2  H  N N 150 
GLN HG3  H  N N 151 
GLN HE21 H  N N 152 
GLN HE22 H  N N 153 
GLN HXT  H  N N 154 
GLU N    N  N N 155 
GLU CA   C  N S 156 
GLU C    C  N N 157 
GLU O    O  N N 158 
GLU CB   C  N N 159 
GLU CG   C  N N 160 
GLU CD   C  N N 161 
GLU OE1  O  N N 162 
GLU OE2  O  N N 163 
GLU OXT  O  N N 164 
GLU H    H  N N 165 
GLU H2   H  N N 166 
GLU HA   H  N N 167 
GLU HB2  H  N N 168 
GLU HB3  H  N N 169 
GLU HG2  H  N N 170 
GLU HG3  H  N N 171 
GLU HE2  H  N N 172 
GLU HXT  H  N N 173 
GLY N    N  N N 174 
GLY CA   C  N N 175 
GLY C    C  N N 176 
GLY O    O  N N 177 
GLY OXT  O  N N 178 
GLY H    H  N N 179 
GLY H2   H  N N 180 
GLY HA2  H  N N 181 
GLY HA3  H  N N 182 
GLY HXT  H  N N 183 
HIS N    N  N N 184 
HIS CA   C  N S 185 
HIS C    C  N N 186 
HIS O    O  N N 187 
HIS CB   C  N N 188 
HIS CG   C  Y N 189 
HIS ND1  N  Y N 190 
HIS CD2  C  Y N 191 
HIS CE1  C  Y N 192 
HIS NE2  N  Y N 193 
HIS OXT  O  N N 194 
HIS H    H  N N 195 
HIS H2   H  N N 196 
HIS HA   H  N N 197 
HIS HB2  H  N N 198 
HIS HB3  H  N N 199 
HIS HD1  H  N N 200 
HIS HD2  H  N N 201 
HIS HE1  H  N N 202 
HIS HE2  H  N N 203 
HIS HXT  H  N N 204 
HOH O    O  N N 205 
HOH H1   H  N N 206 
HOH H2   H  N N 207 
ILE N    N  N N 208 
ILE CA   C  N S 209 
ILE C    C  N N 210 
ILE O    O  N N 211 
ILE CB   C  N S 212 
ILE CG1  C  N N 213 
ILE CG2  C  N N 214 
ILE CD1  C  N N 215 
ILE OXT  O  N N 216 
ILE H    H  N N 217 
ILE H2   H  N N 218 
ILE HA   H  N N 219 
ILE HB   H  N N 220 
ILE HG12 H  N N 221 
ILE HG13 H  N N 222 
ILE HG21 H  N N 223 
ILE HG22 H  N N 224 
ILE HG23 H  N N 225 
ILE HD11 H  N N 226 
ILE HD12 H  N N 227 
ILE HD13 H  N N 228 
ILE HXT  H  N N 229 
LEU N    N  N N 230 
LEU CA   C  N S 231 
LEU C    C  N N 232 
LEU O    O  N N 233 
LEU CB   C  N N 234 
LEU CG   C  N N 235 
LEU CD1  C  N N 236 
LEU CD2  C  N N 237 
LEU OXT  O  N N 238 
LEU H    H  N N 239 
LEU H2   H  N N 240 
LEU HA   H  N N 241 
LEU HB2  H  N N 242 
LEU HB3  H  N N 243 
LEU HG   H  N N 244 
LEU HD11 H  N N 245 
LEU HD12 H  N N 246 
LEU HD13 H  N N 247 
LEU HD21 H  N N 248 
LEU HD22 H  N N 249 
LEU HD23 H  N N 250 
LEU HXT  H  N N 251 
LYS N    N  N N 252 
LYS CA   C  N S 253 
LYS C    C  N N 254 
LYS O    O  N N 255 
LYS CB   C  N N 256 
LYS CG   C  N N 257 
LYS CD   C  N N 258 
LYS CE   C  N N 259 
LYS NZ   N  N N 260 
LYS OXT  O  N N 261 
LYS H    H  N N 262 
LYS H2   H  N N 263 
LYS HA   H  N N 264 
LYS HB2  H  N N 265 
LYS HB3  H  N N 266 
LYS HG2  H  N N 267 
LYS HG3  H  N N 268 
LYS HD2  H  N N 269 
LYS HD3  H  N N 270 
LYS HE2  H  N N 271 
LYS HE3  H  N N 272 
LYS HZ1  H  N N 273 
LYS HZ2  H  N N 274 
LYS HZ3  H  N N 275 
LYS HXT  H  N N 276 
MET N    N  N N 277 
MET CA   C  N S 278 
MET C    C  N N 279 
MET O    O  N N 280 
MET CB   C  N N 281 
MET CG   C  N N 282 
MET SD   S  N N 283 
MET CE   C  N N 284 
MET OXT  O  N N 285 
MET H    H  N N 286 
MET H2   H  N N 287 
MET HA   H  N N 288 
MET HB2  H  N N 289 
MET HB3  H  N N 290 
MET HG2  H  N N 291 
MET HG3  H  N N 292 
MET HE1  H  N N 293 
MET HE2  H  N N 294 
MET HE3  H  N N 295 
MET HXT  H  N N 296 
NAG C1   C  N R 297 
NAG C2   C  N R 298 
NAG C3   C  N R 299 
NAG C4   C  N S 300 
NAG C5   C  N R 301 
NAG C6   C  N N 302 
NAG C7   C  N N 303 
NAG C8   C  N N 304 
NAG N2   N  N N 305 
NAG O1   O  N N 306 
NAG O3   O  N N 307 
NAG O4   O  N N 308 
NAG O5   O  N N 309 
NAG O6   O  N N 310 
NAG O7   O  N N 311 
NAG H1   H  N N 312 
NAG H2   H  N N 313 
NAG H3   H  N N 314 
NAG H4   H  N N 315 
NAG H5   H  N N 316 
NAG H61  H  N N 317 
NAG H62  H  N N 318 
NAG H81  H  N N 319 
NAG H82  H  N N 320 
NAG H83  H  N N 321 
NAG HN2  H  N N 322 
NAG HO1  H  N N 323 
NAG HO3  H  N N 324 
NAG HO4  H  N N 325 
NAG HO6  H  N N 326 
PHE N    N  N N 327 
PHE CA   C  N S 328 
PHE C    C  N N 329 
PHE O    O  N N 330 
PHE CB   C  N N 331 
PHE CG   C  Y N 332 
PHE CD1  C  Y N 333 
PHE CD2  C  Y N 334 
PHE CE1  C  Y N 335 
PHE CE2  C  Y N 336 
PHE CZ   C  Y N 337 
PHE OXT  O  N N 338 
PHE H    H  N N 339 
PHE H2   H  N N 340 
PHE HA   H  N N 341 
PHE HB2  H  N N 342 
PHE HB3  H  N N 343 
PHE HD1  H  N N 344 
PHE HD2  H  N N 345 
PHE HE1  H  N N 346 
PHE HE2  H  N N 347 
PHE HZ   H  N N 348 
PHE HXT  H  N N 349 
PRO N    N  N N 350 
PRO CA   C  N S 351 
PRO C    C  N N 352 
PRO O    O  N N 353 
PRO CB   C  N N 354 
PRO CG   C  N N 355 
PRO CD   C  N N 356 
PRO OXT  O  N N 357 
PRO H    H  N N 358 
PRO HA   H  N N 359 
PRO HB2  H  N N 360 
PRO HB3  H  N N 361 
PRO HG2  H  N N 362 
PRO HG3  H  N N 363 
PRO HD2  H  N N 364 
PRO HD3  H  N N 365 
PRO HXT  H  N N 366 
SER N    N  N N 367 
SER CA   C  N S 368 
SER C    C  N N 369 
SER O    O  N N 370 
SER CB   C  N N 371 
SER OG   O  N N 372 
SER OXT  O  N N 373 
SER H    H  N N 374 
SER H2   H  N N 375 
SER HA   H  N N 376 
SER HB2  H  N N 377 
SER HB3  H  N N 378 
SER HG   H  N N 379 
SER HXT  H  N N 380 
THR N    N  N N 381 
THR CA   C  N S 382 
THR C    C  N N 383 
THR O    O  N N 384 
THR CB   C  N R 385 
THR OG1  O  N N 386 
THR CG2  C  N N 387 
THR OXT  O  N N 388 
THR H    H  N N 389 
THR H2   H  N N 390 
THR HA   H  N N 391 
THR HB   H  N N 392 
THR HG1  H  N N 393 
THR HG21 H  N N 394 
THR HG22 H  N N 395 
THR HG23 H  N N 396 
THR HXT  H  N N 397 
TRP N    N  N N 398 
TRP CA   C  N S 399 
TRP C    C  N N 400 
TRP O    O  N N 401 
TRP CB   C  N N 402 
TRP CG   C  Y N 403 
TRP CD1  C  Y N 404 
TRP CD2  C  Y N 405 
TRP NE1  N  Y N 406 
TRP CE2  C  Y N 407 
TRP CE3  C  Y N 408 
TRP CZ2  C  Y N 409 
TRP CZ3  C  Y N 410 
TRP CH2  C  Y N 411 
TRP OXT  O  N N 412 
TRP H    H  N N 413 
TRP H2   H  N N 414 
TRP HA   H  N N 415 
TRP HB2  H  N N 416 
TRP HB3  H  N N 417 
TRP HD1  H  N N 418 
TRP HE1  H  N N 419 
TRP HE3  H  N N 420 
TRP HZ2  H  N N 421 
TRP HZ3  H  N N 422 
TRP HH2  H  N N 423 
TRP HXT  H  N N 424 
TYR N    N  N N 425 
TYR CA   C  N S 426 
TYR C    C  N N 427 
TYR O    O  N N 428 
TYR CB   C  N N 429 
TYR CG   C  Y N 430 
TYR CD1  C  Y N 431 
TYR CD2  C  Y N 432 
TYR CE1  C  Y N 433 
TYR CE2  C  Y N 434 
TYR CZ   C  Y N 435 
TYR OH   O  N N 436 
TYR OXT  O  N N 437 
TYR H    H  N N 438 
TYR H2   H  N N 439 
TYR HA   H  N N 440 
TYR HB2  H  N N 441 
TYR HB3  H  N N 442 
TYR HD1  H  N N 443 
TYR HD2  H  N N 444 
TYR HE1  H  N N 445 
TYR HE2  H  N N 446 
TYR HH   H  N N 447 
TYR HXT  H  N N 448 
VAL N    N  N N 449 
VAL CA   C  N S 450 
VAL C    C  N N 451 
VAL O    O  N N 452 
VAL CB   C  N N 453 
VAL CG1  C  N N 454 
VAL CG2  C  N N 455 
VAL OXT  O  N N 456 
VAL H    H  N N 457 
VAL H2   H  N N 458 
VAL HA   H  N N 459 
VAL HB   H  N N 460 
VAL HG11 H  N N 461 
VAL HG12 H  N N 462 
VAL HG13 H  N N 463 
VAL HG21 H  N N 464 
VAL HG22 H  N N 465 
VAL HG23 H  N N 466 
VAL HXT  H  N N 467 
# 
loop_
_chem_comp_bond.comp_id 
_chem_comp_bond.atom_id_1 
_chem_comp_bond.atom_id_2 
_chem_comp_bond.value_order 
_chem_comp_bond.pdbx_aromatic_flag 
_chem_comp_bond.pdbx_stereo_config 
_chem_comp_bond.pdbx_ordinal 
ALA N   CA   sing N N 1   
ALA N   H    sing N N 2   
ALA N   H2   sing N N 3   
ALA CA  C    sing N N 4   
ALA CA  CB   sing N N 5   
ALA CA  HA   sing N N 6   
ALA C   O    doub N N 7   
ALA C   OXT  sing N N 8   
ALA CB  HB1  sing N N 9   
ALA CB  HB2  sing N N 10  
ALA CB  HB3  sing N N 11  
ALA OXT HXT  sing N N 12  
ARG N   CA   sing N N 13  
ARG N   H    sing N N 14  
ARG N   H2   sing N N 15  
ARG CA  C    sing N N 16  
ARG CA  CB   sing N N 17  
ARG CA  HA   sing N N 18  
ARG C   O    doub N N 19  
ARG C   OXT  sing N N 20  
ARG CB  CG   sing N N 21  
ARG CB  HB2  sing N N 22  
ARG CB  HB3  sing N N 23  
ARG CG  CD   sing N N 24  
ARG CG  HG2  sing N N 25  
ARG CG  HG3  sing N N 26  
ARG CD  NE   sing N N 27  
ARG CD  HD2  sing N N 28  
ARG CD  HD3  sing N N 29  
ARG NE  CZ   sing N N 30  
ARG NE  HE   sing N N 31  
ARG CZ  NH1  sing N N 32  
ARG CZ  NH2  doub N N 33  
ARG NH1 HH11 sing N N 34  
ARG NH1 HH12 sing N N 35  
ARG NH2 HH21 sing N N 36  
ARG NH2 HH22 sing N N 37  
ARG OXT HXT  sing N N 38  
ASN N   CA   sing N N 39  
ASN N   H    sing N N 40  
ASN N   H2   sing N N 41  
ASN CA  C    sing N N 42  
ASN CA  CB   sing N N 43  
ASN CA  HA   sing N N 44  
ASN C   O    doub N N 45  
ASN C   OXT  sing N N 46  
ASN CB  CG   sing N N 47  
ASN CB  HB2  sing N N 48  
ASN CB  HB3  sing N N 49  
ASN CG  OD1  doub N N 50  
ASN CG  ND2  sing N N 51  
ASN ND2 HD21 sing N N 52  
ASN ND2 HD22 sing N N 53  
ASN OXT HXT  sing N N 54  
ASP N   CA   sing N N 55  
ASP N   H    sing N N 56  
ASP N   H2   sing N N 57  
ASP CA  C    sing N N 58  
ASP CA  CB   sing N N 59  
ASP CA  HA   sing N N 60  
ASP C   O    doub N N 61  
ASP C   OXT  sing N N 62  
ASP CB  CG   sing N N 63  
ASP CB  HB2  sing N N 64  
ASP CB  HB3  sing N N 65  
ASP CG  OD1  doub N N 66  
ASP CG  OD2  sing N N 67  
ASP OD2 HD2  sing N N 68  
ASP OXT HXT  sing N N 69  
CME N   CA   sing N N 70  
CME N   H    sing N N 71  
CME N   H2   sing N N 72  
CME CA  CB   sing N N 73  
CME CA  C    sing N N 74  
CME CA  HA   sing N N 75  
CME CB  SG   sing N N 76  
CME CB  HB2  sing N N 77  
CME CB  HB3  sing N N 78  
CME SG  SD   sing N N 79  
CME SD  CE   sing N N 80  
CME CE  CZ   sing N N 81  
CME CE  HE2  sing N N 82  
CME CE  HE3  sing N N 83  
CME CZ  OH   sing N N 84  
CME CZ  HZ2  sing N N 85  
CME CZ  HZ3  sing N N 86  
CME OH  HH   sing N N 87  
CME C   O    doub N N 88  
CME C   OXT  sing N N 89  
CME OXT HXT  sing N N 90  
CYS N   CA   sing N N 91  
CYS N   H    sing N N 92  
CYS N   H2   sing N N 93  
CYS CA  C    sing N N 94  
CYS CA  CB   sing N N 95  
CYS CA  HA   sing N N 96  
CYS C   O    doub N N 97  
CYS C   OXT  sing N N 98  
CYS CB  SG   sing N N 99  
CYS CB  HB2  sing N N 100 
CYS CB  HB3  sing N N 101 
CYS SG  HG   sing N N 102 
CYS OXT HXT  sing N N 103 
GAL C1  C2   sing N N 104 
GAL C1  O1   sing N N 105 
GAL C1  O5   sing N N 106 
GAL C1  H1   sing N N 107 
GAL C2  C3   sing N N 108 
GAL C2  O2   sing N N 109 
GAL C2  H2   sing N N 110 
GAL C3  C4   sing N N 111 
GAL C3  O3   sing N N 112 
GAL C3  H3   sing N N 113 
GAL C4  C5   sing N N 114 
GAL C4  O4   sing N N 115 
GAL C4  H4   sing N N 116 
GAL C5  C6   sing N N 117 
GAL C5  O5   sing N N 118 
GAL C5  H5   sing N N 119 
GAL C6  O6   sing N N 120 
GAL C6  H61  sing N N 121 
GAL C6  H62  sing N N 122 
GAL O1  HO1  sing N N 123 
GAL O2  HO2  sing N N 124 
GAL O3  HO3  sing N N 125 
GAL O4  HO4  sing N N 126 
GAL O6  HO6  sing N N 127 
GLN N   CA   sing N N 128 
GLN N   H    sing N N 129 
GLN N   H2   sing N N 130 
GLN CA  C    sing N N 131 
GLN CA  CB   sing N N 132 
GLN CA  HA   sing N N 133 
GLN C   O    doub N N 134 
GLN C   OXT  sing N N 135 
GLN CB  CG   sing N N 136 
GLN CB  HB2  sing N N 137 
GLN CB  HB3  sing N N 138 
GLN CG  CD   sing N N 139 
GLN CG  HG2  sing N N 140 
GLN CG  HG3  sing N N 141 
GLN CD  OE1  doub N N 142 
GLN CD  NE2  sing N N 143 
GLN NE2 HE21 sing N N 144 
GLN NE2 HE22 sing N N 145 
GLN OXT HXT  sing N N 146 
GLU N   CA   sing N N 147 
GLU N   H    sing N N 148 
GLU N   H2   sing N N 149 
GLU CA  C    sing N N 150 
GLU CA  CB   sing N N 151 
GLU CA  HA   sing N N 152 
GLU C   O    doub N N 153 
GLU C   OXT  sing N N 154 
GLU CB  CG   sing N N 155 
GLU CB  HB2  sing N N 156 
GLU CB  HB3  sing N N 157 
GLU CG  CD   sing N N 158 
GLU CG  HG2  sing N N 159 
GLU CG  HG3  sing N N 160 
GLU CD  OE1  doub N N 161 
GLU CD  OE2  sing N N 162 
GLU OE2 HE2  sing N N 163 
GLU OXT HXT  sing N N 164 
GLY N   CA   sing N N 165 
GLY N   H    sing N N 166 
GLY N   H2   sing N N 167 
GLY CA  C    sing N N 168 
GLY CA  HA2  sing N N 169 
GLY CA  HA3  sing N N 170 
GLY C   O    doub N N 171 
GLY C   OXT  sing N N 172 
GLY OXT HXT  sing N N 173 
HIS N   CA   sing N N 174 
HIS N   H    sing N N 175 
HIS N   H2   sing N N 176 
HIS CA  C    sing N N 177 
HIS CA  CB   sing N N 178 
HIS CA  HA   sing N N 179 
HIS C   O    doub N N 180 
HIS C   OXT  sing N N 181 
HIS CB  CG   sing N N 182 
HIS CB  HB2  sing N N 183 
HIS CB  HB3  sing N N 184 
HIS CG  ND1  sing Y N 185 
HIS CG  CD2  doub Y N 186 
HIS ND1 CE1  doub Y N 187 
HIS ND1 HD1  sing N N 188 
HIS CD2 NE2  sing Y N 189 
HIS CD2 HD2  sing N N 190 
HIS CE1 NE2  sing Y N 191 
HIS CE1 HE1  sing N N 192 
HIS NE2 HE2  sing N N 193 
HIS OXT HXT  sing N N 194 
HOH O   H1   sing N N 195 
HOH O   H2   sing N N 196 
ILE N   CA   sing N N 197 
ILE N   H    sing N N 198 
ILE N   H2   sing N N 199 
ILE CA  C    sing N N 200 
ILE CA  CB   sing N N 201 
ILE CA  HA   sing N N 202 
ILE C   O    doub N N 203 
ILE C   OXT  sing N N 204 
ILE CB  CG1  sing N N 205 
ILE CB  CG2  sing N N 206 
ILE CB  HB   sing N N 207 
ILE CG1 CD1  sing N N 208 
ILE CG1 HG12 sing N N 209 
ILE CG1 HG13 sing N N 210 
ILE CG2 HG21 sing N N 211 
ILE CG2 HG22 sing N N 212 
ILE CG2 HG23 sing N N 213 
ILE CD1 HD11 sing N N 214 
ILE CD1 HD12 sing N N 215 
ILE CD1 HD13 sing N N 216 
ILE OXT HXT  sing N N 217 
LEU N   CA   sing N N 218 
LEU N   H    sing N N 219 
LEU N   H2   sing N N 220 
LEU CA  C    sing N N 221 
LEU CA  CB   sing N N 222 
LEU CA  HA   sing N N 223 
LEU C   O    doub N N 224 
LEU C   OXT  sing N N 225 
LEU CB  CG   sing N N 226 
LEU CB  HB2  sing N N 227 
LEU CB  HB3  sing N N 228 
LEU CG  CD1  sing N N 229 
LEU CG  CD2  sing N N 230 
LEU CG  HG   sing N N 231 
LEU CD1 HD11 sing N N 232 
LEU CD1 HD12 sing N N 233 
LEU CD1 HD13 sing N N 234 
LEU CD2 HD21 sing N N 235 
LEU CD2 HD22 sing N N 236 
LEU CD2 HD23 sing N N 237 
LEU OXT HXT  sing N N 238 
LYS N   CA   sing N N 239 
LYS N   H    sing N N 240 
LYS N   H2   sing N N 241 
LYS CA  C    sing N N 242 
LYS CA  CB   sing N N 243 
LYS CA  HA   sing N N 244 
LYS C   O    doub N N 245 
LYS C   OXT  sing N N 246 
LYS CB  CG   sing N N 247 
LYS CB  HB2  sing N N 248 
LYS CB  HB3  sing N N 249 
LYS CG  CD   sing N N 250 
LYS CG  HG2  sing N N 251 
LYS CG  HG3  sing N N 252 
LYS CD  CE   sing N N 253 
LYS CD  HD2  sing N N 254 
LYS CD  HD3  sing N N 255 
LYS CE  NZ   sing N N 256 
LYS CE  HE2  sing N N 257 
LYS CE  HE3  sing N N 258 
LYS NZ  HZ1  sing N N 259 
LYS NZ  HZ2  sing N N 260 
LYS NZ  HZ3  sing N N 261 
LYS OXT HXT  sing N N 262 
MET N   CA   sing N N 263 
MET N   H    sing N N 264 
MET N   H2   sing N N 265 
MET CA  C    sing N N 266 
MET CA  CB   sing N N 267 
MET CA  HA   sing N N 268 
MET C   O    doub N N 269 
MET C   OXT  sing N N 270 
MET CB  CG   sing N N 271 
MET CB  HB2  sing N N 272 
MET CB  HB3  sing N N 273 
MET CG  SD   sing N N 274 
MET CG  HG2  sing N N 275 
MET CG  HG3  sing N N 276 
MET SD  CE   sing N N 277 
MET CE  HE1  sing N N 278 
MET CE  HE2  sing N N 279 
MET CE  HE3  sing N N 280 
MET OXT HXT  sing N N 281 
NAG C1  C2   sing N N 282 
NAG C1  O1   sing N N 283 
NAG C1  O5   sing N N 284 
NAG C1  H1   sing N N 285 
NAG C2  C3   sing N N 286 
NAG C2  N2   sing N N 287 
NAG C2  H2   sing N N 288 
NAG C3  C4   sing N N 289 
NAG C3  O3   sing N N 290 
NAG C3  H3   sing N N 291 
NAG C4  C5   sing N N 292 
NAG C4  O4   sing N N 293 
NAG C4  H4   sing N N 294 
NAG C5  C6   sing N N 295 
NAG C5  O5   sing N N 296 
NAG C5  H5   sing N N 297 
NAG C6  O6   sing N N 298 
NAG C6  H61  sing N N 299 
NAG C6  H62  sing N N 300 
NAG C7  C8   sing N N 301 
NAG C7  N2   sing N N 302 
NAG C7  O7   doub N N 303 
NAG C8  H81  sing N N 304 
NAG C8  H82  sing N N 305 
NAG C8  H83  sing N N 306 
NAG N2  HN2  sing N N 307 
NAG O1  HO1  sing N N 308 
NAG O3  HO3  sing N N 309 
NAG O4  HO4  sing N N 310 
NAG O6  HO6  sing N N 311 
PHE N   CA   sing N N 312 
PHE N   H    sing N N 313 
PHE N   H2   sing N N 314 
PHE CA  C    sing N N 315 
PHE CA  CB   sing N N 316 
PHE CA  HA   sing N N 317 
PHE C   O    doub N N 318 
PHE C   OXT  sing N N 319 
PHE CB  CG   sing N N 320 
PHE CB  HB2  sing N N 321 
PHE CB  HB3  sing N N 322 
PHE CG  CD1  doub Y N 323 
PHE CG  CD2  sing Y N 324 
PHE CD1 CE1  sing Y N 325 
PHE CD1 HD1  sing N N 326 
PHE CD2 CE2  doub Y N 327 
PHE CD2 HD2  sing N N 328 
PHE CE1 CZ   doub Y N 329 
PHE CE1 HE1  sing N N 330 
PHE CE2 CZ   sing Y N 331 
PHE CE2 HE2  sing N N 332 
PHE CZ  HZ   sing N N 333 
PHE OXT HXT  sing N N 334 
PRO N   CA   sing N N 335 
PRO N   CD   sing N N 336 
PRO N   H    sing N N 337 
PRO CA  C    sing N N 338 
PRO CA  CB   sing N N 339 
PRO CA  HA   sing N N 340 
PRO C   O    doub N N 341 
PRO C   OXT  sing N N 342 
PRO CB  CG   sing N N 343 
PRO CB  HB2  sing N N 344 
PRO CB  HB3  sing N N 345 
PRO CG  CD   sing N N 346 
PRO CG  HG2  sing N N 347 
PRO CG  HG3  sing N N 348 
PRO CD  HD2  sing N N 349 
PRO CD  HD3  sing N N 350 
PRO OXT HXT  sing N N 351 
SER N   CA   sing N N 352 
SER N   H    sing N N 353 
SER N   H2   sing N N 354 
SER CA  C    sing N N 355 
SER CA  CB   sing N N 356 
SER CA  HA   sing N N 357 
SER C   O    doub N N 358 
SER C   OXT  sing N N 359 
SER CB  OG   sing N N 360 
SER CB  HB2  sing N N 361 
SER CB  HB3  sing N N 362 
SER OG  HG   sing N N 363 
SER OXT HXT  sing N N 364 
THR N   CA   sing N N 365 
THR N   H    sing N N 366 
THR N   H2   sing N N 367 
THR CA  C    sing N N 368 
THR CA  CB   sing N N 369 
THR CA  HA   sing N N 370 
THR C   O    doub N N 371 
THR C   OXT  sing N N 372 
THR CB  OG1  sing N N 373 
THR CB  CG2  sing N N 374 
THR CB  HB   sing N N 375 
THR OG1 HG1  sing N N 376 
THR CG2 HG21 sing N N 377 
THR CG2 HG22 sing N N 378 
THR CG2 HG23 sing N N 379 
THR OXT HXT  sing N N 380 
TRP N   CA   sing N N 381 
TRP N   H    sing N N 382 
TRP N   H2   sing N N 383 
TRP CA  C    sing N N 384 
TRP CA  CB   sing N N 385 
TRP CA  HA   sing N N 386 
TRP C   O    doub N N 387 
TRP C   OXT  sing N N 388 
TRP CB  CG   sing N N 389 
TRP CB  HB2  sing N N 390 
TRP CB  HB3  sing N N 391 
TRP CG  CD1  doub Y N 392 
TRP CG  CD2  sing Y N 393 
TRP CD1 NE1  sing Y N 394 
TRP CD1 HD1  sing N N 395 
TRP CD2 CE2  doub Y N 396 
TRP CD2 CE3  sing Y N 397 
TRP NE1 CE2  sing Y N 398 
TRP NE1 HE1  sing N N 399 
TRP CE2 CZ2  sing Y N 400 
TRP CE3 CZ3  doub Y N 401 
TRP CE3 HE3  sing N N 402 
TRP CZ2 CH2  doub Y N 403 
TRP CZ2 HZ2  sing N N 404 
TRP CZ3 CH2  sing Y N 405 
TRP CZ3 HZ3  sing N N 406 
TRP CH2 HH2  sing N N 407 
TRP OXT HXT  sing N N 408 
TYR N   CA   sing N N 409 
TYR N   H    sing N N 410 
TYR N   H2   sing N N 411 
TYR CA  C    sing N N 412 
TYR CA  CB   sing N N 413 
TYR CA  HA   sing N N 414 
TYR C   O    doub N N 415 
TYR C   OXT  sing N N 416 
TYR CB  CG   sing N N 417 
TYR CB  HB2  sing N N 418 
TYR CB  HB3  sing N N 419 
TYR CG  CD1  doub Y N 420 
TYR CG  CD2  sing Y N 421 
TYR CD1 CE1  sing Y N 422 
TYR CD1 HD1  sing N N 423 
TYR CD2 CE2  doub Y N 424 
TYR CD2 HD2  sing N N 425 
TYR CE1 CZ   doub Y N 426 
TYR CE1 HE1  sing N N 427 
TYR CE2 CZ   sing Y N 428 
TYR CE2 HE2  sing N N 429 
TYR CZ  OH   sing N N 430 
TYR OH  HH   sing N N 431 
TYR OXT HXT  sing N N 432 
VAL N   CA   sing N N 433 
VAL N   H    sing N N 434 
VAL N   H2   sing N N 435 
VAL CA  C    sing N N 436 
VAL CA  CB   sing N N 437 
VAL CA  HA   sing N N 438 
VAL C   O    doub N N 439 
VAL C   OXT  sing N N 440 
VAL CB  CG1  sing N N 441 
VAL CB  CG2  sing N N 442 
VAL CB  HB   sing N N 443 
VAL CG1 HG11 sing N N 444 
VAL CG1 HG12 sing N N 445 
VAL CG1 HG13 sing N N 446 
VAL CG2 HG21 sing N N 447 
VAL CG2 HG22 sing N N 448 
VAL CG2 HG23 sing N N 449 
VAL OXT HXT  sing N N 450 
# 
_pdbx_audit_support.funding_organization   'Cancer Council Queensland' 
_pdbx_audit_support.country                Australia 
_pdbx_audit_support.grant_number           1080845 
_pdbx_audit_support.ordinal                1 
# 
loop_
_pdbx_entity_branch_list.entity_id 
_pdbx_entity_branch_list.comp_id 
_pdbx_entity_branch_list.num 
_pdbx_entity_branch_list.hetero 
2 NAG 1 n 
2 GAL 2 n 
# 
_pdbx_initial_refinement_model.id               1 
_pdbx_initial_refinement_model.entity_id_list   ? 
_pdbx_initial_refinement_model.type             'experimental model' 
_pdbx_initial_refinement_model.source_name      PDB 
_pdbx_initial_refinement_model.accession_code   3AP5 
_pdbx_initial_refinement_model.details          ? 
# 
_atom_sites.entry_id                    5T7T 
_atom_sites.fract_transf_matrix[1][1]   0.01108927 
_atom_sites.fract_transf_matrix[1][2]   -0.01759723 
_atom_sites.fract_transf_matrix[1][3]   0.00724639 
_atom_sites.fract_transf_matrix[2][1]   0.01037790 
_atom_sites.fract_transf_matrix[2][2]   0.01175540 
_atom_sites.fract_transf_matrix[2][3]   0.01266549 
_atom_sites.fract_transf_matrix[3][1]   -0.00862268 
_atom_sites.fract_transf_matrix[3][2]   -0.00182632 
_atom_sites.fract_transf_matrix[3][3]   0.00876038 
_atom_sites.fract_transf_vector[1]      -0.283256 
_atom_sites.fract_transf_vector[2]      -0.040510 
_atom_sites.fract_transf_vector[3]      0.193249 
# 
loop_
_atom_type.symbol 
C  
CL 
N  
O  
S  
# 
loop_
_atom_site.group_PDB 
_atom_site.id 
_atom_site.type_symbol 
_atom_site.label_atom_id 
_atom_site.label_alt_id 
_atom_site.label_comp_id 
_atom_site.label_asym_id 
_atom_site.label_entity_id 
_atom_site.label_seq_id 
_atom_site.pdbx_PDB_ins_code 
_atom_site.Cartn_x 
_atom_site.Cartn_y 
_atom_site.Cartn_z 
_atom_site.occupancy 
_atom_site.B_iso_or_equiv 
_atom_site.pdbx_formal_charge 
_atom_site.auth_seq_id 
_atom_site.auth_comp_id 
_atom_site.auth_asym_id 
_atom_site.auth_atom_id 
_atom_site.pdbx_PDB_model_num 
ATOM   1    N  N   . LEU A 1 8   ? -14.944 9.562   4.529   1.00 32.40 ? 8   LEU A N   1 
ATOM   2    C  CA  . LEU A 1 8   ? -14.136 8.374   4.949   1.00 30.72 ? 8   LEU A CA  1 
ATOM   3    C  C   . LEU A 1 8   ? -14.278 8.091   6.447   1.00 34.51 ? 8   LEU A C   1 
ATOM   4    O  O   . LEU A 1 8   ? -14.675 8.967   7.222   1.00 24.68 ? 8   LEU A O   1 
ATOM   5    C  CB  . LEU A 1 8   ? -12.658 8.569   4.584   1.00 28.68 ? 8   LEU A CB  1 
ATOM   6    C  CG  . LEU A 1 8   ? -12.347 8.794   3.098   1.00 36.05 ? 8   LEU A CG  1 
ATOM   7    C  CD1 . LEU A 1 8   ? -10.889 9.186   2.896   1.00 49.99 ? 8   LEU A CD1 1 
ATOM   8    C  CD2 . LEU A 1 8   ? -12.686 7.562   2.271   1.00 38.25 ? 8   LEU A CD2 1 
ATOM   9    N  N   . GLN A 1 9   ? -13.946 6.860   6.830   1.00 24.27 ? 9   GLN A N   1 
ATOM   10   C  CA  . GLN A 1 9   ? -14.115 6.356   8.196   1.00 28.08 ? 9   GLN A CA  1 
ATOM   11   C  C   . GLN A 1 9   ? -12.751 6.097   8.837   1.00 29.33 ? 9   GLN A C   1 
ATOM   12   O  O   . GLN A 1 9   ? -11.772 5.844   8.131   1.00 16.01 ? 9   GLN A O   1 
ATOM   13   C  CB  . GLN A 1 9   ? -14.913 5.045   8.184   1.00 34.71 ? 9   GLN A CB  1 
ATOM   14   C  CG  . GLN A 1 9   ? -16.212 5.077   7.391   1.00 45.43 ? 9   GLN A CG  1 
ATOM   15   C  CD  . GLN A 1 9   ? -16.847 3.702   7.271   1.00 62.04 ? 9   GLN A CD  1 
ATOM   16   O  OE1 . GLN A 1 9   ? -16.893 3.119   6.186   1.00 24.78 ? 9   GLN A OE1 1 
ATOM   17   N  NE2 . GLN A 1 9   ? -17.325 3.169   8.391   1.00 55.59 ? 9   GLN A NE2 1 
ATOM   18   N  N   . ASN A 1 10  ? -12.701 6.159   10.170  1.00 14.88 ? 10  ASN A N   1 
ATOM   19   C  CA  . ASN A 1 10  ? -11.511 5.782   10.950  1.00 19.65 ? 10  ASN A CA  1 
ATOM   20   C  C   . ASN A 1 10  ? -10.239 6.467   10.443  1.00 20.54 ? 10  ASN A C   1 
ATOM   21   O  O   . ASN A 1 10  ? -9.203  5.820   10.233  1.00 19.12 ? 10  ASN A O   1 
ATOM   22   C  CB  . ASN A 1 10  ? -11.332 4.260   10.938  1.00 19.00 ? 10  ASN A CB  1 
ATOM   23   C  CG  . ASN A 1 10  ? -12.566 3.522   11.420  1.00 23.89 ? 10  ASN A CG  1 
ATOM   24   O  OD1 . ASN A 1 10  ? -12.815 3.431   12.623  1.00 23.64 ? 10  ASN A OD1 1 
ATOM   25   N  ND2 . ASN A 1 10  ? -13.337 2.974   10.485  1.00 12.68 ? 10  ASN A ND2 1 
ATOM   26   N  N   . ILE A 1 11  ? -10.327 7.780   10.253  1.00 11.36 ? 11  ILE A N   1 
ATOM   27   C  CA  . ILE A 1 11  ? -9.252  8.535   9.615   1.00 11.12 ? 11  ILE A CA  1 
ATOM   28   C  C   . ILE A 1 11  ? -8.087  8.704   10.594  1.00 11.13 ? 11  ILE A C   1 
ATOM   29   O  O   . ILE A 1 11  ? -8.304  8.895   11.791  1.00 10.31 ? 11  ILE A O   1 
ATOM   30   C  CB  . ILE A 1 11  ? -9.732  9.914   9.093   1.00 14.88 ? 11  ILE A CB  1 
ATOM   31   C  CG1 . ILE A 1 11  ? -10.877 9.747   8.081   1.00 16.36 ? 11  ILE A CG1 1 
ATOM   32   C  CG2 . ILE A 1 11  ? -8.582  10.674  8.435   1.00 12.71 ? 11  ILE A CG2 1 
ATOM   33   C  CD1 . ILE A 1 11  ? -11.704 10.999  7.868   1.00 19.21 ? 11  ILE A CD1 1 
ATOM   34   N  N   . ILE A 1 12  ? -6.865  8.592   10.069  1.00 7.32  ? 12  ILE A N   1 
ATOM   35   C  CA  A ILE A 1 12  ? -5.646  8.833   10.835  0.70 8.79  ? 12  ILE A CA  1 
ATOM   36   C  CA  B ILE A 1 12  ? -5.638  8.821   10.830  0.30 7.75  ? 12  ILE A CA  1 
ATOM   37   C  C   . ILE A 1 12  ? -4.881  9.957   10.148  1.00 7.89  ? 12  ILE A C   1 
ATOM   38   O  O   . ILE A 1 12  ? -4.522  9.842   8.975   1.00 6.42  ? 12  ILE A O   1 
ATOM   39   C  CB  A ILE A 1 12  ? -4.768  7.568   10.927  0.70 10.33 ? 12  ILE A CB  1 
ATOM   40   C  CB  B ILE A 1 12  ? -4.744  7.562   10.866  0.30 7.70  ? 12  ILE A CB  1 
ATOM   41   C  CG1 A ILE A 1 12  ? -5.513  6.474   11.703  0.70 12.54 ? 12  ILE A CG1 1 
ATOM   42   C  CG1 B ILE A 1 12  ? -5.501  6.367   11.457  0.30 7.68  ? 12  ILE A CG1 1 
ATOM   43   C  CG2 A ILE A 1 12  ? -3.434  7.880   11.604  0.70 11.88 ? 12  ILE A CG2 1 
ATOM   44   C  CG2 B ILE A 1 12  ? -3.489  7.815   11.689  0.30 8.14  ? 12  ILE A CG2 1 
ATOM   45   C  CD1 A ILE A 1 12  ? -4.941  5.089   11.524  0.70 12.34 ? 12  ILE A CD1 1 
ATOM   46   C  CD1 B ILE A 1 12  ? -5.893  6.549   12.907  0.30 7.29  ? 12  ILE A CD1 1 
ATOM   47   N  N   . TYR A 1 13  ? -4.640  11.043  10.883  1.00 6.91  ? 13  TYR A N   1 
ATOM   48   C  CA  . TYR A 1 13  ? -3.965  12.226  10.345  1.00 6.36  ? 13  TYR A CA  1 
ATOM   49   C  C   . TYR A 1 13  ? -2.504  12.280  10.762  1.00 7.42  ? 13  TYR A C   1 
ATOM   50   O  O   . TYR A 1 13  ? -2.178  12.002  11.909  1.00 5.81  ? 13  TYR A O   1 
ATOM   51   C  CB  . TYR A 1 13  ? -4.661  13.490  10.836  1.00 7.15  ? 13  TYR A CB  1 
ATOM   52   C  CG  . TYR A 1 13  ? -6.090  13.616  10.368  1.00 8.21  ? 13  TYR A CG  1 
ATOM   53   C  CD1 . TYR A 1 13  ? -6.382  14.017  9.065   1.00 7.47  ? 13  TYR A CD1 1 
ATOM   54   C  CD2 . TYR A 1 13  ? -7.155  13.342  11.227  1.00 9.51  ? 13  TYR A CD2 1 
ATOM   55   C  CE1 . TYR A 1 13  ? -7.693  14.137  8.629   1.00 8.32  ? 13  TYR A CE1 1 
ATOM   56   C  CE2 . TYR A 1 13  ? -8.470  13.459  10.801  1.00 9.33  ? 13  TYR A CE2 1 
ATOM   57   C  CZ  . TYR A 1 13  ? -8.733  13.859  9.502   1.00 8.44  ? 13  TYR A CZ  1 
ATOM   58   O  OH  . TYR A 1 13  ? -10.032 13.980  9.076   1.00 11.38 ? 13  TYR A OH  1 
ATOM   59   N  N   . ASN A 1 14  ? -1.635  12.640  9.818   1.00 6.96  ? 14  ASN A N   1 
ATOM   60   C  CA  . ASN A 1 14  ? -0.226  12.915  10.089  1.00 6.99  ? 14  ASN A CA  1 
ATOM   61   C  C   . ASN A 1 14  ? 0.460   11.855  10.970  1.00 6.61  ? 14  ASN A C   1 
ATOM   62   O  O   . ASN A 1 14  ? 1.073   12.197  11.981  1.00 5.31  ? 14  ASN A O   1 
ATOM   63   C  CB  . ASN A 1 14  ? -0.108  14.312  10.728  1.00 7.15  ? 14  ASN A CB  1 
ATOM   64   C  CG  . ASN A 1 14  ? 1.329   14.793  10.841  1.00 6.37  ? 14  ASN A CG  1 
ATOM   65   O  OD1 . ASN A 1 14  ? 2.156   14.487  9.996   1.00 6.01  ? 14  ASN A OD1 1 
ATOM   66   N  ND2 . ASN A 1 14  ? 1.627   15.545  11.894  1.00 8.60  ? 14  ASN A ND2 1 
ATOM   67   N  N   . PRO A 1 15  ? 0.344   10.562  10.602  1.00 6.65  ? 15  PRO A N   1 
ATOM   68   C  CA  . PRO A 1 15  ? 0.977   9.529   11.424  1.00 7.38  ? 15  PRO A CA  1 
ATOM   69   C  C   . PRO A 1 15  ? 2.500   9.565   11.330  1.00 8.55  ? 15  PRO A C   1 
ATOM   70   O  O   . PRO A 1 15  ? 3.045   10.030  10.327  1.00 7.45  ? 15  PRO A O   1 
ATOM   71   C  CB  . PRO A 1 15  ? 0.452   8.230   10.808  1.00 7.86  ? 15  PRO A CB  1 
ATOM   72   C  CG  . PRO A 1 15  ? 0.231   8.574   9.382   1.00 7.35  ? 15  PRO A CG  1 
ATOM   73   C  CD  . PRO A 1 15  ? -0.287  9.983   9.402   1.00 7.36  ? 15  PRO A CD  1 
ATOM   74   N  N   . VAL A 1 16  ? 3.171   9.075   12.368  1.00 8.98  ? 16  VAL A N   1 
ATOM   75   C  CA  . VAL A 1 16  ? 4.616   8.860   12.310  1.00 9.77  ? 16  VAL A CA  1 
ATOM   76   C  C   . VAL A 1 16  ? 4.878   7.677   11.375  1.00 8.35  ? 16  VAL A C   1 
ATOM   77   O  O   . VAL A 1 16  ? 4.164   6.672   11.424  1.00 7.71  ? 16  VAL A O   1 
ATOM   78   C  CB  . VAL A 1 16  ? 5.217   8.594   13.713  1.00 16.63 ? 16  VAL A CB  1 
ATOM   79   C  CG1 . VAL A 1 16  ? 6.685   8.180   13.619  1.00 19.71 ? 16  VAL A CG1 1 
ATOM   80   C  CG2 . VAL A 1 16  ? 5.063   9.829   14.598  1.00 16.75 ? 16  VAL A CG2 1 
ATOM   81   N  N   . ILE A 1 17  ? 5.877   7.822   10.506  1.00 9.36  ? 17  ILE A N   1 
ATOM   82   C  CA  . ILE A 1 17  ? 6.342   6.744   9.630   1.00 9.27  ? 17  ILE A CA  1 
ATOM   83   C  C   . ILE A 1 17  ? 7.640   6.207   10.246  1.00 11.29 ? 17  ILE A C   1 
ATOM   84   O  O   . ILE A 1 17  ? 8.552   7.000   10.482  1.00 11.06 ? 17  ILE A O   1 
ATOM   85   C  CB  . ILE A 1 17  ? 6.577   7.260   8.189   1.00 12.23 ? 17  ILE A CB  1 
ATOM   86   C  CG1 . ILE A 1 17  ? 5.285   7.874   7.617   1.00 9.52  ? 17  ILE A CG1 1 
ATOM   87   C  CG2 . ILE A 1 17  ? 7.093   6.156   7.269   1.00 10.14 ? 17  ILE A CG2 1 
ATOM   88   C  CD1 . ILE A 1 17  ? 4.059   6.986   7.692   1.00 7.59  ? 17  ILE A CD1 1 
ATOM   89   N  N   . PRO A 1 18  ? 7.761   4.895   10.497  1.00 9.93  ? 18  PRO A N   1 
ATOM   90   C  CA  . PRO A 1 18  ? 6.837   3.848   10.035  1.00 7.85  ? 18  PRO A CA  1 
ATOM   91   C  C   . PRO A 1 18  ? 5.508   3.757   10.789  1.00 7.53  ? 18  PRO A C   1 
ATOM   92   O  O   . PRO A 1 18  ? 5.481   3.832   12.013  1.00 7.37  ? 18  PRO A O   1 
ATOM   93   C  CB  . PRO A 1 18  ? 7.646   2.558   10.232  1.00 9.20  ? 18  PRO A CB  1 
ATOM   94   C  CG  . PRO A 1 18  ? 8.615   2.875   11.313  1.00 12.30 ? 18  PRO A CG  1 
ATOM   95   C  CD  . PRO A 1 18  ? 8.961   4.327   11.140  1.00 11.70 ? 18  PRO A CD  1 
ATOM   96   N  N   . PHE A 1 19  ? 4.423   3.604   10.032  1.00 6.77  ? 19  PHE A N   1 
ATOM   97   C  CA  . PHE A 1 19  ? 3.081   3.409   10.578  1.00 7.75  ? 19  PHE A CA  1 
ATOM   98   C  C   . PHE A 1 19  ? 2.713   1.928   10.492  1.00 6.69  ? 19  PHE A C   1 
ATOM   99   O  O   . PHE A 1 19  ? 2.872   1.316   9.440   1.00 6.98  ? 19  PHE A O   1 
ATOM   100  C  CB  . PHE A 1 19  ? 2.059   4.235   9.783   1.00 7.78  ? 19  PHE A CB  1 
ATOM   101  C  CG  . PHE A 1 19  ? 0.625   3.938   10.138  1.00 7.81  ? 19  PHE A CG  1 
ATOM   102  C  CD1 . PHE A 1 19  ? 0.019   4.562   11.223  1.00 7.61  ? 19  PHE A CD1 1 
ATOM   103  C  CD2 . PHE A 1 19  ? -0.118  3.027   9.390   1.00 9.41  ? 19  PHE A CD2 1 
ATOM   104  C  CE1 . PHE A 1 19  ? -1.300  4.284   11.555  1.00 10.85 ? 19  PHE A CE1 1 
ATOM   105  C  CE2 . PHE A 1 19  ? -1.431  2.743   9.719   1.00 8.51  ? 19  PHE A CE2 1 
ATOM   106  C  CZ  . PHE A 1 19  ? -2.027  3.377   10.798  1.00 10.09 ? 19  PHE A CZ  1 
ATOM   107  N  N   . VAL A 1 20  ? 2.222   1.370   11.597  1.00 7.05  ? 20  VAL A N   1 
ATOM   108  C  CA  . VAL A 1 20  ? 1.636   0.022   11.619  1.00 9.08  ? 20  VAL A CA  1 
ATOM   109  C  C   . VAL A 1 20  ? 0.337   0.089   12.425  1.00 12.80 ? 20  VAL A C   1 
ATOM   110  O  O   . VAL A 1 20  ? 0.366   0.329   13.636  1.00 6.78  ? 20  VAL A O   1 
ATOM   111  C  CB  . VAL A 1 20  ? 2.597   -1.023  12.233  1.00 9.99  ? 20  VAL A CB  1 
ATOM   112  C  CG1 . VAL A 1 20  ? 1.995   -2.425  12.153  1.00 13.44 ? 20  VAL A CG1 1 
ATOM   113  C  CG2 . VAL A 1 20  ? 3.947   -0.990  11.530  1.00 12.95 ? 20  VAL A CG2 1 
ATOM   114  N  N   . GLY A 1 21  ? -0.797  -0.114  11.751  1.00 7.19  ? 21  GLY A N   1 
ATOM   115  C  CA  . GLY A 1 21  ? -2.109  0.025   12.376  1.00 9.89  ? 21  GLY A CA  1 
ATOM   116  C  C   . GLY A 1 21  ? -3.094  -1.047  11.961  1.00 9.70  ? 21  GLY A C   1 
ATOM   117  O  O   . GLY A 1 21  ? -3.044  -1.552  10.836  1.00 9.35  ? 21  GLY A O   1 
ATOM   118  N  N   . THR A 1 22  ? -4.001  -1.384  12.875  1.00 7.94  ? 22  THR A N   1 
ATOM   119  C  CA  . THR A 1 22  ? -5.057  -2.353  12.600  1.00 9.86  ? 22  THR A CA  1 
ATOM   120  C  C   . THR A 1 22  ? -6.102  -1.738  11.674  1.00 9.47  ? 22  THR A C   1 
ATOM   121  O  O   . THR A 1 22  ? -6.570  -0.628  11.916  1.00 9.54  ? 22  THR A O   1 
ATOM   122  C  CB  . THR A 1 22  ? -5.731  -2.819  13.905  1.00 11.85 ? 22  THR A CB  1 
ATOM   123  O  OG1 . THR A 1 22  ? -4.742  -3.414  14.754  1.00 11.63 ? 22  THR A OG1 1 
ATOM   124  C  CG2 . THR A 1 22  ? -6.842  -3.833  13.629  1.00 11.61 ? 22  THR A CG2 1 
ATOM   125  N  N   . ILE A 1 23  ? -6.454  -2.456  10.608  1.00 5.54  ? 23  ILE A N   1 
ATOM   126  C  CA  . ILE A 1 23  ? -7.530  -2.033  9.717   1.00 7.91  ? 23  ILE A CA  1 
ATOM   127  C  C   . ILE A 1 23  ? -8.831  -2.340  10.474  1.00 9.49  ? 23  ILE A C   1 
ATOM   128  O  O   . ILE A 1 23  ? -9.090  -3.500  10.790  1.00 10.38 ? 23  ILE A O   1 
ATOM   129  C  CB  . ILE A 1 23  ? -7.481  -2.755  8.351   1.00 6.39  ? 23  ILE A CB  1 
ATOM   130  C  CG1 . ILE A 1 23  ? -6.161  -2.438  7.629   1.00 6.98  ? 23  ILE A CG1 1 
ATOM   131  C  CG2 . ILE A 1 23  ? -8.660  -2.330  7.480   1.00 6.78  ? 23  ILE A CG2 1 
ATOM   132  C  CD1 . ILE A 1 23  ? -5.819  -3.385  6.500   1.00 9.77  ? 23  ILE A CD1 1 
ATOM   133  N  N   . PRO A 1 24  ? -9.640  -1.303  10.782  1.00 9.30  ? 24  PRO A N   1 
ATOM   134  C  CA  . PRO A 1 24  ? -10.730 -1.471  11.764  1.00 10.18 ? 24  PRO A CA  1 
ATOM   135  C  C   . PRO A 1 24  ? -11.966 -2.280  11.352  1.00 8.03  ? 24  PRO A C   1 
ATOM   136  O  O   . PRO A 1 24  ? -12.873 -2.439  12.168  1.00 6.95  ? 24  PRO A O   1 
ATOM   137  C  CB  . PRO A 1 24  ? -11.117 -0.026  12.118  1.00 11.05 ? 24  PRO A CB  1 
ATOM   138  C  CG  . PRO A 1 24  ? -10.648 0.800   10.980  1.00 12.55 ? 24  PRO A CG  1 
ATOM   139  C  CD  . PRO A 1 24  ? -9.499  0.096   10.339  1.00 9.50  ? 24  PRO A CD  1 
ATOM   140  N  N   . ASP A 1 25  ? -12.014 -2.782  10.119  1.00 7.45  ? 25  ASP A N   1 
ATOM   141  C  CA  . ASP A 1 25  ? -13.060 -3.721  9.713   1.00 9.11  ? 25  ASP A CA  1 
ATOM   142  C  C   . ASP A 1 25  ? -12.527 -4.671  8.631   1.00 11.26 ? 25  ASP A C   1 
ATOM   143  O  O   . ASP A 1 25  ? -11.406 -4.500  8.144   1.00 7.47  ? 25  ASP A O   1 
ATOM   144  C  CB  . ASP A 1 25  ? -14.298 -2.947  9.224   1.00 11.19 ? 25  ASP A CB  1 
ATOM   145  C  CG  . ASP A 1 25  ? -15.610 -3.700  9.449   1.00 12.16 ? 25  ASP A CG  1 
ATOM   146  O  OD1 . ASP A 1 25  ? -15.593 -4.936  9.637   1.00 11.13 ? 25  ASP A OD1 1 
ATOM   147  O  OD2 . ASP A 1 25  ? -16.672 -3.048  9.417   1.00 19.38 ? 25  ASP A OD2 1 
ATOM   148  N  N   . GLN A 1 26  ? -13.325 -5.679  8.284   1.00 8.88  ? 26  GLN A N   1 
ATOM   149  C  CA  . GLN A 1 26  ? -12.946 -6.676  7.279   1.00 11.09 ? 26  GLN A CA  1 
ATOM   150  C  C   . GLN A 1 26  ? -12.753 -6.058  5.891   1.00 12.64 ? 26  GLN A C   1 
ATOM   151  O  O   . GLN A 1 26  ? -13.458 -5.121  5.515   1.00 10.90 ? 26  GLN A O   1 
ATOM   152  C  CB  . GLN A 1 26  ? -14.006 -7.786  7.201   1.00 12.00 ? 26  GLN A CB  1 
ATOM   153  C  CG  . GLN A 1 26  ? -14.084 -8.671  8.439   1.00 17.19 ? 26  GLN A CG  1 
ATOM   154  C  CD  . GLN A 1 26  ? -12.864 -9.563  8.613   1.00 18.79 ? 26  GLN A CD  1 
ATOM   155  O  OE1 . GLN A 1 26  ? -12.359 -10.139 7.650   1.00 25.75 ? 26  GLN A OE1 1 
ATOM   156  N  NE2 . GLN A 1 26  ? -12.390 -9.686  9.850   1.00 19.07 ? 26  GLN A NE2 1 
ATOM   157  N  N   . LEU A 1 27  ? -11.796 -6.590  5.135   1.00 12.13 ? 27  LEU A N   1 
ATOM   158  C  CA  . LEU A 1 27  ? -11.534 -6.119  3.769   1.00 11.20 ? 27  LEU A CA  1 
ATOM   159  C  C   . LEU A 1 27  ? -12.432 -6.865  2.775   1.00 13.72 ? 27  LEU A C   1 
ATOM   160  O  O   . LEU A 1 27  ? -11.952 -7.654  1.958   1.00 16.33 ? 27  LEU A O   1 
ATOM   161  C  CB  . LEU A 1 27  ? -10.052 -6.277  3.404   1.00 10.78 ? 27  LEU A CB  1 
ATOM   162  C  CG  . LEU A 1 27  ? -9.068  -5.270  4.012   1.00 13.61 ? 27  LEU A CG  1 
ATOM   163  C  CD1 . LEU A 1 27  ? -8.890  -5.488  5.507   1.00 22.06 ? 27  LEU A CD1 1 
ATOM   164  C  CD2 . LEU A 1 27  ? -7.725  -5.349  3.295   1.00 12.45 ? 27  LEU A CD2 1 
ATOM   165  N  N   . ASP A 1 28  ? -13.735 -6.599  2.850   1.00 15.75 ? 28  ASP A N   1 
ATOM   166  C  CA  . ASP A 1 28  ? -14.711 -7.199  1.936   1.00 16.02 ? 28  ASP A CA  1 
ATOM   167  C  C   . ASP A 1 28  ? -14.631 -6.490  0.584   1.00 14.14 ? 28  ASP A C   1 
ATOM   168  O  O   . ASP A 1 28  ? -14.135 -5.359  0.515   1.00 10.18 ? 28  ASP A O   1 
ATOM   169  C  CB  . ASP A 1 28  ? -16.136 -7.071  2.488   1.00 18.18 ? 28  ASP A CB  1 
ATOM   170  C  CG  . ASP A 1 28  ? -16.327 -7.789  3.820   1.00 20.73 ? 28  ASP A CG  1 
ATOM   171  O  OD1 . ASP A 1 28  ? -15.807 -8.910  3.994   1.00 22.46 ? 28  ASP A OD1 1 
ATOM   172  O  OD2 . ASP A 1 28  ? -17.018 -7.226  4.691   1.00 26.21 ? 28  ASP A OD2 1 
ATOM   173  N  N   . PRO A 1 29  ? -15.123 -7.143  -0.495  1.00 16.17 ? 29  PRO A N   1 
ATOM   174  C  CA  . PRO A 1 29  ? -15.186 -6.491  -1.805  1.00 12.95 ? 29  PRO A CA  1 
ATOM   175  C  C   . PRO A 1 29  ? -15.852 -5.112  -1.752  1.00 9.30  ? 29  PRO A C   1 
ATOM   176  O  O   . PRO A 1 29  ? -16.914 -4.964  -1.151  1.00 11.14 ? 29  PRO A O   1 
ATOM   177  C  CB  . PRO A 1 29  ? -16.014 -7.469  -2.640  1.00 16.32 ? 29  PRO A CB  1 
ATOM   178  C  CG  . PRO A 1 29  ? -15.694 -8.799  -2.054  1.00 13.41 ? 29  PRO A CG  1 
ATOM   179  C  CD  . PRO A 1 29  ? -15.538 -8.559  -0.577  1.00 13.46 ? 29  PRO A CD  1 
ATOM   180  N  N   . GLY A 1 30  ? -15.206 -4.115  -2.350  1.00 7.99  ? 30  GLY A N   1 
ATOM   181  C  CA  . GLY A 1 30  ? -15.678 -2.732  -2.306  1.00 9.06  ? 30  GLY A CA  1 
ATOM   182  C  C   . GLY A 1 30  ? -15.021 -1.860  -1.248  1.00 8.40  ? 30  GLY A C   1 
ATOM   183  O  O   . GLY A 1 30  ? -15.191 -0.640  -1.274  1.00 7.97  ? 30  GLY A O   1 
ATOM   184  N  N   . THR A 1 31  ? -14.278 -2.463  -0.317  1.00 8.00  ? 31  THR A N   1 
ATOM   185  C  CA  . THR A 1 31  ? -13.541 -1.703  0.695   1.00 7.48  ? 31  THR A CA  1 
ATOM   186  C  C   . THR A 1 31  ? -12.492 -0.824  0.019   1.00 6.20  ? 31  THR A C   1 
ATOM   187  O  O   . THR A 1 31  ? -11.811 -1.277  -0.896  1.00 5.54  ? 31  THR A O   1 
ATOM   188  C  CB  . THR A 1 31  ? -12.852 -2.635  1.718   1.00 9.90  ? 31  THR A CB  1 
ATOM   189  O  OG1 . THR A 1 31  ? -13.840 -3.419  2.393   1.00 9.13  ? 31  THR A OG1 1 
ATOM   190  C  CG2 . THR A 1 31  ? -12.038 -1.839  2.755   1.00 9.86  ? 31  THR A CG2 1 
ATOM   191  N  N   . LEU A 1 32  ? -12.394 0.433   0.457   1.00 6.49  ? 32  LEU A N   1 
ATOM   192  C  CA  . LEU A 1 32  ? -11.396 1.375   -0.051  1.00 6.82  ? 32  LEU A CA  1 
ATOM   193  C  C   . LEU A 1 32  ? -10.432 1.755   1.060   1.00 6.85  ? 32  LEU A C   1 
ATOM   194  O  O   . LEU A 1 32  ? -10.850 1.964   2.203   1.00 7.74  ? 32  LEU A O   1 
ATOM   195  C  CB  . LEU A 1 32  ? -12.051 2.653   -0.584  1.00 6.76  ? 32  LEU A CB  1 
ATOM   196  C  CG  . LEU A 1 32  ? -13.176 2.519   -1.608  1.00 8.59  ? 32  LEU A CG  1 
ATOM   197  C  CD1 . LEU A 1 32  ? -13.704 3.898   -1.973  1.00 9.77  ? 32  LEU A CD1 1 
ATOM   198  C  CD2 . LEU A 1 32  ? -12.697 1.781   -2.847  1.00 7.15  ? 32  LEU A CD2 1 
ATOM   199  N  N   . ILE A 1 33  ? -9.150  1.841   0.713   1.00 6.15  ? 33  ILE A N   1 
ATOM   200  C  CA  . ILE A 1 33  ? -8.120  2.373   1.600   1.00 6.69  ? 33  ILE A CA  1 
ATOM   201  C  C   . ILE A 1 33  ? -7.540  3.576   0.870   1.00 6.05  ? 33  ILE A C   1 
ATOM   202  O  O   . ILE A 1 33  ? -6.951  3.423   -0.203  1.00 4.24  ? 33  ILE A O   1 
ATOM   203  C  CB  . ILE A 1 33  ? -7.014  1.336   1.901   1.00 7.07  ? 33  ILE A CB  1 
ATOM   204  C  CG1 . ILE A 1 33  ? -7.620  0.078   2.536   1.00 8.40  ? 33  ILE A CG1 1 
ATOM   205  C  CG2 . ILE A 1 33  ? -5.946  1.941   2.809   1.00 6.73  ? 33  ILE A CG2 1 
ATOM   206  C  CD1 . ILE A 1 33  ? -6.684  -1.113  2.580   1.00 9.11  ? 33  ILE A CD1 1 
ATOM   207  N  N   . VAL A 1 34  ? -7.725  4.765   1.447   1.00 4.84  ? 34  VAL A N   1 
ATOM   208  C  CA  . VAL A 1 34  ? -7.336  6.023   0.816   1.00 6.23  ? 34  VAL A CA  1 
ATOM   209  C  C   . VAL A 1 34  ? -6.176  6.613   1.605   1.00 6.67  ? 34  VAL A C   1 
ATOM   210  O  O   . VAL A 1 34  ? -6.322  6.922   2.786   1.00 6.07  ? 34  VAL A O   1 
ATOM   211  C  CB  . VAL A 1 34  ? -8.513  7.025   0.763   1.00 7.27  ? 34  VAL A CB  1 
ATOM   212  C  CG1 . VAL A 1 34  ? -8.100  8.321   0.066   1.00 9.10  ? 34  VAL A CG1 1 
ATOM   213  C  CG2 . VAL A 1 34  ? -9.714  6.399   0.064   1.00 8.35  ? 34  VAL A CG2 1 
ATOM   214  N  N   . ILE A 1 35  ? -5.030  6.750   0.944   1.00 5.41  ? 35  ILE A N   1 
ATOM   215  C  CA  . ILE A 1 35  ? -3.805  7.245   1.561   1.00 5.44  ? 35  ILE A CA  1 
ATOM   216  C  C   . ILE A 1 35  ? -3.362  8.473   0.782   1.00 4.88  ? 35  ILE A C   1 
ATOM   217  O  O   . ILE A 1 35  ? -3.089  8.377   -0.419  1.00 5.04  ? 35  ILE A O   1 
ATOM   218  C  CB  . ILE A 1 35  ? -2.687  6.174   1.538   1.00 4.30  ? 35  ILE A CB  1 
ATOM   219  C  CG1 . ILE A 1 35  ? -3.130  4.914   2.299   1.00 4.14  ? 35  ILE A CG1 1 
ATOM   220  C  CG2 . ILE A 1 35  ? -1.396  6.731   2.141   1.00 5.12  ? 35  ILE A CG2 1 
ATOM   221  C  CD1 . ILE A 1 35  ? -2.305  3.679   2.002   1.00 3.65  ? 35  ILE A CD1 1 
ATOM   222  N  N   . ARG A 1 36  ? -3.304  9.620   1.463   1.00 6.28  ? 36  ARG A N   1 
ATOM   223  C  CA  . ARG A 1 36  ? -2.840  10.877  0.876   1.00 6.77  ? 36  ARG A CA  1 
ATOM   224  C  C   . ARG A 1 36  ? -1.510  11.278  1.493   1.00 9.66  ? 36  ARG A C   1 
ATOM   225  O  O   . ARG A 1 36  ? -1.340  11.213  2.714   1.00 9.93  ? 36  ARG A O   1 
ATOM   226  C  CB  . ARG A 1 36  ? -3.863  11.983  1.105   1.00 8.00  ? 36  ARG A CB  1 
ATOM   227  C  CG  . ARG A 1 36  ? -5.183  11.740  0.398   1.00 9.46  ? 36  ARG A CG  1 
ATOM   228  C  CD  . ARG A 1 36  ? -6.172  12.865  0.643   1.00 13.87 ? 36  ARG A CD  1 
ATOM   229  N  NE  . ARG A 1 36  ? -7.394  12.687  -0.152  1.00 24.16 ? 36  ARG A NE  1 
ATOM   230  C  CZ  . ARG A 1 36  ? -8.582  12.264  0.298   1.00 29.35 ? 36  ARG A CZ  1 
ATOM   231  N  NH1 . ARG A 1 36  ? -8.789  11.952  1.581   1.00 30.08 ? 36  ARG A NH1 1 
ATOM   232  N  NH2 . ARG A 1 36  ? -9.597  12.157  -0.560  1.00 26.50 ? 36  ARG A NH2 1 
ATOM   233  N  N   . GLY A 1 37  ? -0.570  11.702  0.652   1.00 7.91  ? 37  GLY A N   1 
ATOM   234  C  CA  . GLY A 1 37  ? 0.774   12.006  1.119   1.00 8.67  ? 37  GLY A CA  1 
ATOM   235  C  C   . GLY A 1 37  ? 1.661   12.680  0.098   1.00 9.61  ? 37  GLY A C   1 
ATOM   236  O  O   . GLY A 1 37  ? 1.185   13.165  -0.931  1.00 10.52 ? 37  GLY A O   1 
ATOM   237  N  N   . HIS A 1 38  ? 2.958   12.692  0.397   1.00 8.72  ? 38  HIS A N   1 
ATOM   238  C  CA  . HIS A 1 38  ? 3.956   13.413  -0.388  1.00 10.60 ? 38  HIS A CA  1 
ATOM   239  C  C   . HIS A 1 38  ? 5.293   12.670  -0.350  1.00 7.95  ? 38  HIS A C   1 
ATOM   240  O  O   . HIS A 1 38  ? 5.670   12.117  0.683   1.00 8.73  ? 38  HIS A O   1 
ATOM   241  C  CB  . HIS A 1 38  ? 4.099   14.828  0.181   1.00 12.67 ? 38  HIS A CB  1 
ATOM   242  C  CG  . HIS A 1 38  ? 5.081   15.694  -0.546  1.00 29.09 ? 38  HIS A CG  1 
ATOM   243  N  ND1 . HIS A 1 38  ? 4.708   16.557  -1.554  1.00 33.22 ? 38  HIS A ND1 1 
ATOM   244  C  CD2 . HIS A 1 38  ? 6.417   15.852  -0.389  1.00 33.30 ? 38  HIS A CD2 1 
ATOM   245  C  CE1 . HIS A 1 38  ? 5.775   17.200  -1.996  1.00 35.32 ? 38  HIS A CE1 1 
ATOM   246  N  NE2 . HIS A 1 38  ? 6.825   16.790  -1.308  1.00 38.62 ? 38  HIS A NE2 1 
ATOM   247  N  N   . VAL A 1 39  ? 5.993   12.655  -1.485  1.00 8.42  ? 39  VAL A N   1 
ATOM   248  C  CA  . VAL A 1 39  ? 7.292   11.997  -1.610  1.00 10.77 ? 39  VAL A CA  1 
ATOM   249  C  C   . VAL A 1 39  ? 8.384   13.051  -1.401  1.00 11.43 ? 39  VAL A C   1 
ATOM   250  O  O   . VAL A 1 39  ? 8.394   14.052  -2.118  1.00 11.08 ? 39  VAL A O   1 
ATOM   251  C  CB  . VAL A 1 39  ? 7.472   11.361  -3.006  1.00 13.09 ? 39  VAL A CB  1 
ATOM   252  C  CG1 . VAL A 1 39  ? 8.784   10.586  -3.086  1.00 13.31 ? 39  VAL A CG1 1 
ATOM   253  C  CG2 . VAL A 1 39  ? 6.293   10.453  -3.339  1.00 12.61 ? 39  VAL A CG2 1 
ATOM   254  N  N   . PRO A 1 40  ? 9.307   12.835  -0.433  1.00 13.30 ? 40  PRO A N   1 
ATOM   255  C  CA  . PRO A 1 40  ? 10.426  13.777  -0.269  1.00 18.27 ? 40  PRO A CA  1 
ATOM   256  C  C   . PRO A 1 40  ? 11.390  13.786  -1.455  1.00 13.75 ? 40  PRO A C   1 
ATOM   257  O  O   . PRO A 1 40  ? 11.422  12.832  -2.236  1.00 11.84 ? 40  PRO A O   1 
ATOM   258  C  CB  . PRO A 1 40  ? 11.149  13.277  0.992   1.00 20.13 ? 40  PRO A CB  1 
ATOM   259  C  CG  . PRO A 1 40  ? 10.204  12.358  1.671   1.00 19.15 ? 40  PRO A CG  1 
ATOM   260  C  CD  . PRO A 1 40  ? 9.311   11.794  0.612   1.00 17.58 ? 40  PRO A CD  1 
ATOM   261  N  N   . SER A 1 41  ? 12.172  14.860  -1.560  1.00 16.21 ? 41  SER A N   1 
ATOM   262  C  CA  . SER A 1 41  ? 13.110  15.071  -2.671  1.00 21.26 ? 41  SER A CA  1 
ATOM   263  C  C   . SER A 1 41  ? 14.173  13.975  -2.816  1.00 15.12 ? 41  SER A C   1 
ATOM   264  O  O   . SER A 1 41  ? 14.581  13.657  -3.934  1.00 24.06 ? 41  SER A O   1 
ATOM   265  C  CB  . SER A 1 41  ? 13.809  16.426  -2.512  1.00 20.24 ? 41  SER A CB  1 
ATOM   266  O  OG  . SER A 1 41  ? 14.509  16.489  -1.282  1.00 18.23 ? 41  SER A OG  1 
ATOM   267  N  N   . ASP A 1 42  ? 14.603  13.409  -1.687  1.00 21.71 ? 42  ASP A N   1 
ATOM   268  C  CA  . ASP A 1 42  ? 15.669  12.392  -1.649  1.00 30.14 ? 42  ASP A CA  1 
ATOM   269  C  C   . ASP A 1 42  ? 15.157  10.945  -1.509  1.00 22.87 ? 42  ASP A C   1 
ATOM   270  O  O   . ASP A 1 42  ? 15.920  10.049  -1.135  1.00 23.34 ? 42  ASP A O   1 
ATOM   271  C  CB  . ASP A 1 42  ? 16.658  12.720  -0.514  1.00 30.00 ? 42  ASP A CB  1 
ATOM   272  C  CG  . ASP A 1 42  ? 16.049  12.566  0.878   1.00 42.42 ? 42  ASP A CG  1 
ATOM   273  O  OD1 . ASP A 1 42  ? 14.813  12.708  1.023   1.00 38.35 ? 42  ASP A OD1 1 
ATOM   274  O  OD2 . ASP A 1 42  ? 16.816  12.311  1.829   1.00 56.49 ? 42  ASP A OD2 1 
ATOM   275  N  N   . ALA A 1 43  ? 13.880  10.713  -1.818  1.00 18.08 ? 43  ALA A N   1 
ATOM   276  C  CA  . ALA A 1 43  ? 13.269  9.399   -1.633  1.00 16.40 ? 43  ALA A CA  1 
ATOM   277  C  C   . ALA A 1 43  ? 13.783  8.395   -2.662  1.00 13.26 ? 43  ALA A C   1 
ATOM   278  O  O   . ALA A 1 43  ? 13.842  8.703   -3.856  1.00 13.79 ? 43  ALA A O   1 
ATOM   279  C  CB  . ALA A 1 43  ? 11.752  9.501   -1.723  1.00 17.95 ? 43  ALA A CB  1 
ATOM   280  N  N   . ASP A 1 44  ? 14.176  7.220   -2.169  1.00 11.59 ? 44  ASP A N   1 
ATOM   281  C  CA  A ASP A 1 44  ? 14.540  6.088   -3.033  0.50 11.70 ? 44  ASP A CA  1 
ATOM   282  C  CA  B ASP A 1 44  ? 14.553  6.068   -3.000  0.50 13.35 ? 44  ASP A CA  1 
ATOM   283  C  C   . ASP A 1 44  ? 13.359  5.132   -3.192  1.00 12.22 ? 44  ASP A C   1 
ATOM   284  O  O   . ASP A 1 44  ? 13.136  4.595   -4.286  1.00 7.54  ? 44  ASP A O   1 
ATOM   285  C  CB  A ASP A 1 44  ? 15.781  5.358   -2.505  0.50 14.18 ? 44  ASP A CB  1 
ATOM   286  C  CB  B ASP A 1 44  ? 15.760  5.309   -2.399  0.50 18.52 ? 44  ASP A CB  1 
ATOM   287  C  CG  A ASP A 1 44  ? 17.077  6.015   -2.954  0.50 15.48 ? 44  ASP A CG  1 
ATOM   288  C  CG  B ASP A 1 44  ? 15.575  4.931   -0.920  0.50 27.72 ? 44  ASP A CG  1 
ATOM   289  O  OD1 A ASP A 1 44  ? 17.049  6.774   -3.947  0.50 10.05 ? 44  ASP A OD1 1 
ATOM   290  O  OD1 B ASP A 1 44  ? 14.604  5.398   -0.279  0.50 16.85 ? 44  ASP A OD1 1 
ATOM   291  O  OD2 A ASP A 1 44  ? 18.125  5.770   -2.320  0.50 20.88 ? 44  ASP A OD2 1 
ATOM   292  O  OD2 B ASP A 1 44  ? 16.417  4.172   -0.395  0.50 25.29 ? 44  ASP A OD2 1 
ATOM   293  N  N   . ARG A 1 45  ? 12.594  4.938   -2.118  1.00 10.36 ? 45  ARG A N   1 
ATOM   294  C  CA  . ARG A 1 45  ? 11.402  4.097   -2.148  1.00 8.30  ? 45  ARG A CA  1 
ATOM   295  C  C   . ARG A 1 45  ? 10.549  4.267   -0.898  1.00 8.32  ? 45  ARG A C   1 
ATOM   296  O  O   . ARG A 1 45  ? 11.027  4.728   0.140   1.00 9.05  ? 45  ARG A O   1 
ATOM   297  C  CB  . ARG A 1 45  ? 11.782  2.616   -2.294  1.00 9.24  ? 45  ARG A CB  1 
ATOM   298  C  CG  . ARG A 1 45  ? 12.868  2.129   -1.343  1.00 11.56 ? 45  ARG A CG  1 
ATOM   299  C  CD  . ARG A 1 45  ? 13.028  0.615   -1.424  1.00 12.65 ? 45  ARG A CD  1 
ATOM   300  N  NE  . ARG A 1 45  ? 12.000  -0.103  -0.662  1.00 14.51 ? 45  ARG A NE  1 
ATOM   301  C  CZ  . ARG A 1 45  ? 11.700  -1.399  -0.791  1.00 12.33 ? 45  ARG A CZ  1 
ATOM   302  N  NH1 . ARG A 1 45  ? 12.332  -2.176  -1.670  1.00 17.82 ? 45  ARG A NH1 1 
ATOM   303  N  NH2 . ARG A 1 45  ? 10.747  -1.931  -0.032  1.00 13.03 ? 45  ARG A NH2 1 
ATOM   304  N  N   . PHE A 1 46  ? 9.281   3.892   -1.017  1.00 6.68  ? 46  PHE A N   1 
ATOM   305  C  CA  . PHE A 1 46  ? 8.426   3.649   0.141   1.00 6.53  ? 46  PHE A CA  1 
ATOM   306  C  C   . PHE A 1 46  ? 7.510   2.479   -0.190  1.00 7.26  ? 46  PHE A C   1 
ATOM   307  O  O   . PHE A 1 46  ? 7.462   2.037   -1.342  1.00 6.88  ? 46  PHE A O   1 
ATOM   308  C  CB  . PHE A 1 46  ? 7.659   4.919   0.552   1.00 7.52  ? 46  PHE A CB  1 
ATOM   309  C  CG  . PHE A 1 46  ? 6.479   5.263   -0.325  1.00 7.34  ? 46  PHE A CG  1 
ATOM   310  C  CD1 . PHE A 1 46  ? 5.198   4.814   -0.003  1.00 7.79  ? 46  PHE A CD1 1 
ATOM   311  C  CD2 . PHE A 1 46  ? 6.633   6.087   -1.434  1.00 7.79  ? 46  PHE A CD2 1 
ATOM   312  C  CE1 . PHE A 1 46  ? 4.105   5.148   -0.796  1.00 7.57  ? 46  PHE A CE1 1 
ATOM   313  C  CE2 . PHE A 1 46  ? 5.543   6.424   -2.230  1.00 8.40  ? 46  PHE A CE2 1 
ATOM   314  C  CZ  . PHE A 1 46  ? 4.277   5.956   -1.908  1.00 8.52  ? 46  PHE A CZ  1 
ATOM   315  N  N   . GLN A 1 47  ? 6.807   1.960   0.812   1.00 6.67  ? 47  GLN A N   1 
ATOM   316  C  CA  . GLN A 1 47  ? 5.899   0.845   0.590   1.00 5.97  ? 47  GLN A CA  1 
ATOM   317  C  C   . GLN A 1 47  ? 4.628   0.962   1.413   1.00 7.36  ? 47  GLN A C   1 
ATOM   318  O  O   . GLN A 1 47  ? 4.642   1.499   2.522   1.00 5.44  ? 47  GLN A O   1 
ATOM   319  C  CB  . GLN A 1 47  ? 6.600   -0.491  0.874   1.00 7.40  ? 47  GLN A CB  1 
ATOM   320  C  CG  . GLN A 1 47  ? 6.869   -0.785  2.343   1.00 8.18  ? 47  GLN A CG  1 
ATOM   321  C  CD  . GLN A 1 47  ? 8.066   -1.696  2.548   1.00 12.18 ? 47  GLN A CD  1 
ATOM   322  O  OE1 . GLN A 1 47  ? 9.188   -1.333  2.211   1.00 12.24 ? 47  GLN A OE1 1 
ATOM   323  N  NE2 . GLN A 1 47  ? 7.834   -2.886  3.098   1.00 9.89  ? 47  GLN A NE2 1 
ATOM   324  N  N   . VAL A 1 48  ? 3.534   0.477   0.831   1.00 6.24  ? 48  VAL A N   1 
ATOM   325  C  CA  . VAL A 1 48  ? 2.271   0.277   1.526   1.00 5.64  ? 48  VAL A CA  1 
ATOM   326  C  C   . VAL A 1 48  ? 2.063   -1.233  1.553   1.00 5.77  ? 48  VAL A C   1 
ATOM   327  O  O   . VAL A 1 48  ? 1.999   -1.867  0.492   1.00 5.70  ? 48  VAL A O   1 
ATOM   328  C  CB  . VAL A 1 48  ? 1.108   0.977   0.794   1.00 5.10  ? 48  VAL A CB  1 
ATOM   329  C  CG1 . VAL A 1 48  ? -0.229  0.680   1.474   1.00 6.12  ? 48  VAL A CG1 1 
ATOM   330  C  CG2 . VAL A 1 48  ? 1.357   2.479   0.727   1.00 5.90  ? 48  VAL A CG2 1 
ATOM   331  N  N   . ASP A 1 49  ? 1.992   -1.804  2.758   1.00 5.76  ? 49  ASP A N   1 
ATOM   332  C  CA  . ASP A 1 49  ? 1.845   -3.249  2.947   1.00 5.84  ? 49  ASP A CA  1 
ATOM   333  C  C   . ASP A 1 49  ? 0.529   -3.582  3.634   1.00 5.38  ? 49  ASP A C   1 
ATOM   334  O  O   . ASP A 1 49  ? 0.210   -3.015  4.679   1.00 6.04  ? 49  ASP A O   1 
ATOM   335  C  CB  . ASP A 1 49  ? 2.995   -3.806  3.793   1.00 6.85  ? 49  ASP A CB  1 
ATOM   336  C  CG  . ASP A 1 49  ? 4.347   -3.645  3.131   1.00 7.52  ? 49  ASP A CG  1 
ATOM   337  O  OD1 . ASP A 1 49  ? 4.416   -3.579  1.885   1.00 6.65  ? 49  ASP A OD1 1 
ATOM   338  O  OD2 . ASP A 1 49  ? 5.356   -3.592  3.861   1.00 7.28  ? 49  ASP A OD2 1 
ATOM   339  N  N   . LEU A 1 50  ? -0.225  -4.503  3.039   1.00 5.47  ? 50  LEU A N   1 
ATOM   340  C  CA  . LEU A 1 50  ? -1.407  -5.067  3.667   1.00 6.23  ? 50  LEU A CA  1 
ATOM   341  C  C   . LEU A 1 50  ? -1.001  -6.416  4.255   1.00 5.05  ? 50  LEU A C   1 
ATOM   342  O  O   . LEU A 1 50  ? -0.671  -7.353  3.519   1.00 6.91  ? 50  LEU A O   1 
ATOM   343  C  CB  . LEU A 1 50  ? -2.538  -5.208  2.650   1.00 6.11  ? 50  LEU A CB  1 
ATOM   344  C  CG  . LEU A 1 50  ? -2.998  -3.922  1.950   1.00 7.45  ? 50  LEU A CG  1 
ATOM   345  C  CD1 . LEU A 1 50  ? -4.242  -4.208  1.121   1.00 8.89  ? 50  LEU A CD1 1 
ATOM   346  C  CD2 . LEU A 1 50  ? -3.268  -2.794  2.933   1.00 6.78  ? 50  LEU A CD2 1 
ATOM   347  N  N   . GLN A 1 51  ? -1.024  -6.495  5.584   1.00 5.64  ? 51  GLN A N   1 
ATOM   348  C  CA  . GLN A 1 51  ? -0.382  -7.575  6.330   1.00 5.98  ? 51  GLN A CA  1 
ATOM   349  C  C   . GLN A 1 51  ? -1.373  -8.459  7.080   1.00 6.99  ? 51  GLN A C   1 
ATOM   350  O  O   . GLN A 1 51  ? -2.471  -8.023  7.435   1.00 5.25  ? 51  GLN A O   1 
ATOM   351  C  CB  . GLN A 1 51  ? 0.595   -6.983  7.345   1.00 6.19  ? 51  GLN A CB  1 
ATOM   352  C  CG  . GLN A 1 51  ? 1.761   -6.230  6.732   1.00 6.65  ? 51  GLN A CG  1 
ATOM   353  C  CD  . GLN A 1 51  ? 2.578   -5.435  7.738   1.00 5.99  ? 51  GLN A CD  1 
ATOM   354  O  OE1 . GLN A 1 51  ? 3.326   -4.540  7.355   1.00 8.78  ? 51  GLN A OE1 1 
ATOM   355  N  NE2 . GLN A 1 51  ? 2.446   -5.754  9.023   1.00 5.41  ? 51  GLN A NE2 1 
ATOM   356  N  N   . ASN A 1 52  ? -0.952  -9.700  7.318   1.00 7.44  ? 52  ASN A N   1 
ATOM   357  C  CA  . ASN A 1 52  ? -1.607  -10.589 8.267   1.00 9.67  ? 52  ASN A CA  1 
ATOM   358  C  C   . ASN A 1 52  ? -0.890  -10.421 9.612   1.00 10.32 ? 52  ASN A C   1 
ATOM   359  O  O   . ASN A 1 52  ? 0.106   -11.088 9.888   1.00 10.30 ? 52  ASN A O   1 
ATOM   360  C  CB  . ASN A 1 52  ? -1.550  -12.040 7.771   1.00 9.80  ? 52  ASN A CB  1 
ATOM   361  C  CG  . ASN A 1 52  ? -2.291  -13.008 8.681   1.00 13.60 ? 52  ASN A CG  1 
ATOM   362  O  OD1 . ASN A 1 52  ? -2.746  -12.646 9.767   1.00 15.25 ? 52  ASN A OD1 1 
ATOM   363  N  ND2 . ASN A 1 52  ? -2.416  -14.254 8.236   1.00 15.23 ? 52  ASN A ND2 1 
ATOM   364  N  N   . GLY A 1 53  ? -1.406  -9.516  10.434  1.00 8.58  ? 53  GLY A N   1 
ATOM   365  C  CA  . GLY A 1 53  ? -0.829  -9.222  11.744  1.00 9.02  ? 53  GLY A CA  1 
ATOM   366  C  C   . GLY A 1 53  ? 0.317   -8.234  11.648  1.00 10.80 ? 53  GLY A C   1 
ATOM   367  O  O   . GLY A 1 53  ? 0.587   -7.682  10.576  1.00 8.37  ? 53  GLY A O   1 
ATOM   368  N  N   . SER A 1 54  ? 0.992   -8.023  12.778  1.00 8.15  ? 54  SER A N   1 
ATOM   369  C  CA  . SER A 1 54  ? 2.065   -7.031  12.896  1.00 9.48  ? 54  SER A CA  1 
ATOM   370  C  C   . SER A 1 54  ? 3.335   -7.608  13.541  1.00 9.10  ? 54  SER A C   1 
ATOM   371  O  O   . SER A 1 54  ? 4.137   -6.863  14.104  1.00 12.07 ? 54  SER A O   1 
ATOM   372  C  CB  . SER A 1 54  ? 1.559   -5.834  13.710  1.00 9.90  ? 54  SER A CB  1 
ATOM   373  O  OG  . SER A 1 54  ? 1.257   -6.216  15.044  1.00 8.72  ? 54  SER A OG  1 
ATOM   374  N  N   . SER A 1 55  ? 3.522   -8.924  13.453  1.00 10.13 ? 55  SER A N   1 
ATOM   375  C  CA  . SER A 1 55  ? 4.707   -9.574  14.020  1.00 10.98 ? 55  SER A CA  1 
ATOM   376  C  C   . SER A 1 55  ? 5.970   -9.121  13.278  1.00 11.37 ? 55  SER A C   1 
ATOM   377  O  O   . SER A 1 55  ? 6.000   -9.124  12.046  1.00 8.29  ? 55  SER A O   1 
ATOM   378  C  CB  . SER A 1 55  ? 4.571   -11.096 13.952  1.00 13.54 ? 55  SER A CB  1 
ATOM   379  O  OG  . SER A 1 55  ? 5.723   -11.740 14.468  1.00 10.29 ? 55  SER A OG  1 
ATOM   380  N  N   . VAL A 1 56  ? 6.989   -8.723  14.041  1.00 9.69  ? 56  VAL A N   1 
ATOM   381  C  CA  . VAL A 1 56  ? 8.271   -8.265  13.495  1.00 10.16 ? 56  VAL A CA  1 
ATOM   382  C  C   . VAL A 1 56  ? 9.208   -9.450  13.263  1.00 7.67  ? 56  VAL A C   1 
ATOM   383  O  O   . VAL A 1 56  ? 9.832   -9.545  12.212  1.00 11.55 ? 56  VAL A O   1 
ATOM   384  C  CB  . VAL A 1 56  ? 8.938   -7.219  14.425  1.00 12.77 ? 56  VAL A CB  1 
ATOM   385  C  CG1 . VAL A 1 56  ? 10.286  -6.764  13.868  1.00 11.38 ? 56  VAL A CG1 1 
ATOM   386  C  CG2 . VAL A 1 56  ? 8.006   -6.027  14.622  1.00 13.53 ? 56  VAL A CG2 1 
ATOM   387  N  N   . LYS A 1 57  ? 9.319   -10.331 14.255  1.00 9.35  ? 57  LYS A N   1 
ATOM   388  C  CA  . LYS A 1 57  ? 10.048  -11.594 14.124  1.00 12.53 ? 57  LYS A CA  1 
ATOM   389  C  C   . LYS A 1 57  ? 9.179   -12.715 14.706  1.00 13.34 ? 57  LYS A C   1 
ATOM   390  O  O   . LYS A 1 57  ? 8.847   -12.653 15.892  1.00 15.94 ? 57  LYS A O   1 
ATOM   391  C  CB  . LYS A 1 57  ? 11.385  -11.545 14.866  1.00 13.40 ? 57  LYS A CB  1 
ATOM   392  C  CG  . LYS A 1 57  ? 12.365  -10.488 14.376  1.00 14.31 ? 57  LYS A CG  1 
ATOM   393  C  CD  . LYS A 1 57  ? 12.919  -10.813 12.997  1.00 17.15 ? 57  LYS A CD  1 
ATOM   394  C  CE  . LYS A 1 57  ? 13.951  -9.784  12.565  1.00 19.67 ? 57  LYS A CE  1 
ATOM   395  N  NZ  . LYS A 1 57  ? 14.448  -10.025 11.181  1.00 22.40 ? 57  LYS A NZ  1 
ATOM   396  N  N   . PRO A 1 58  ? 8.761   -13.704 13.906  1.00 8.77  ? 58  PRO A N   1 
ATOM   397  C  CA  . PRO A 1 58  ? 8.925   -13.726 12.446  1.00 12.12 ? 58  PRO A CA  1 
ATOM   398  C  C   . PRO A 1 58  ? 8.134   -12.603 11.772  1.00 10.37 ? 58  PRO A C   1 
ATOM   399  O  O   . PRO A 1 58  ? 7.140   -12.128 12.332  1.00 13.31 ? 58  PRO A O   1 
ATOM   400  C  CB  . PRO A 1 58  ? 8.356   -15.094 12.050  1.00 14.43 ? 58  PRO A CB  1 
ATOM   401  C  CG  . PRO A 1 58  ? 7.372   -15.414 13.119  1.00 14.98 ? 58  PRO A CG  1 
ATOM   402  C  CD  . PRO A 1 58  ? 7.936   -14.830 14.383  1.00 15.01 ? 58  PRO A CD  1 
ATOM   403  N  N   . ARG A 1 59  ? 8.593   -12.167 10.604  1.00 9.97  ? 59  ARG A N   1 
ATOM   404  C  CA  . ARG A 1 59  ? 7.941   -11.068 9.899   1.00 11.51 ? 59  ARG A CA  1 
ATOM   405  C  C   . ARG A 1 59  ? 6.552   -11.494 9.438   1.00 11.85 ? 59  ARG A C   1 
ATOM   406  O  O   . ARG A 1 59  ? 6.390   -12.562 8.852   1.00 7.96  ? 59  ARG A O   1 
ATOM   407  C  CB  . ARG A 1 59  ? 8.769   -10.595 8.701   1.00 13.91 ? 59  ARG A CB  1 
ATOM   408  C  CG  . ARG A 1 59  ? 8.205   -9.332  8.063   1.00 14.75 ? 59  ARG A CG  1 
ATOM   409  C  CD  . ARG A 1 59  ? 9.048   -8.810  6.915   1.00 16.60 ? 59  ARG A CD  1 
ATOM   410  N  NE  . ARG A 1 59  ? 8.307   -7.811  6.141   1.00 17.48 ? 59  ARG A NE  1 
ATOM   411  C  CZ  . ARG A 1 59  ? 8.774   -7.162  5.074   1.00 15.62 ? 59  ARG A CZ  1 
ATOM   412  N  NH1 . ARG A 1 59  ? 10.006  -7.389  4.619   1.00 15.54 ? 59  ARG A NH1 1 
ATOM   413  N  NH2 . ARG A 1 59  ? 7.998   -6.275  4.455   1.00 16.98 ? 59  ARG A NH2 1 
ATOM   414  N  N   . ALA A 1 60  ? 5.564   -10.647 9.710   1.00 8.45  ? 60  ALA A N   1 
ATOM   415  C  CA  . ALA A 1 60  ? 4.183   -10.890 9.304   1.00 8.01  ? 60  ALA A CA  1 
ATOM   416  C  C   . ALA A 1 60  ? 4.079   -11.084 7.797   1.00 6.78  ? 60  ALA A C   1 
ATOM   417  O  O   . ALA A 1 60  ? 4.764   -10.397 7.037   1.00 4.59  ? 60  ALA A O   1 
ATOM   418  C  CB  . ALA A 1 60  ? 3.304   -9.724  9.728   1.00 7.41  ? 60  ALA A CB  1 
ATOM   419  N  N   . ASP A 1 61  ? 3.226   -12.013 7.368   1.00 6.24  ? 61  ASP A N   1 
ATOM   420  C  CA  . ASP A 1 61  ? 2.933   -12.176 5.941   1.00 6.86  ? 61  ASP A CA  1 
ATOM   421  C  C   . ASP A 1 61  ? 2.397   -10.866 5.375   1.00 7.06  ? 61  ASP A C   1 
ATOM   422  O  O   . ASP A 1 61  ? 1.620   -10.177 6.037   1.00 7.05  ? 61  ASP A O   1 
ATOM   423  C  CB  . ASP A 1 61  ? 1.879   -13.259 5.694   1.00 7.88  ? 61  ASP A CB  1 
ATOM   424  C  CG  . ASP A 1 61  ? 2.382   -14.667 5.953   1.00 9.47  ? 61  ASP A CG  1 
ATOM   425  O  OD1 . ASP A 1 61  ? 3.599   -14.883 6.136   1.00 9.08  ? 61  ASP A OD1 1 
ATOM   426  O  OD2 . ASP A 1 61  ? 1.529   -15.573 5.964   1.00 12.19 ? 61  ASP A OD2 1 
ATOM   427  N  N   . VAL A 1 62  ? 2.821   -10.535 4.158   1.00 6.53  ? 62  VAL A N   1 
ATOM   428  C  CA  . VAL A 1 62  ? 2.351   -9.347  3.448   1.00 5.94  ? 62  VAL A CA  1 
ATOM   429  C  C   . VAL A 1 62  ? 1.552   -9.853  2.255   1.00 6.37  ? 62  VAL A C   1 
ATOM   430  O  O   . VAL A 1 62  ? 2.129   -10.355 1.290   1.00 5.73  ? 62  VAL A O   1 
ATOM   431  C  CB  . VAL A 1 62  ? 3.524   -8.449  2.980   1.00 6.28  ? 62  VAL A CB  1 
ATOM   432  C  CG1 . VAL A 1 62  ? 3.002   -7.175  2.313   1.00 8.21  ? 62  VAL A CG1 1 
ATOM   433  C  CG2 . VAL A 1 62  ? 4.447   -8.110  4.145   1.00 6.25  ? 62  VAL A CG2 1 
ATOM   434  N  N   . ALA A 1 63  ? 0.226   -9.757  2.338   1.00 5.28  ? 63  ALA A N   1 
ATOM   435  C  CA  . ALA A 1 63  ? -0.643  -10.159 1.234   1.00 6.10  ? 63  ALA A CA  1 
ATOM   436  C  C   . ALA A 1 63  ? -0.411  -9.284  0.005   1.00 6.13  ? 63  ALA A C   1 
ATOM   437  O  O   . ALA A 1 63  ? -0.362  -9.791  -1.116  1.00 6.45  ? 63  ALA A O   1 
ATOM   438  C  CB  . ALA A 1 63  ? -2.107  -10.105 1.655   1.00 6.37  ? 63  ALA A CB  1 
ATOM   439  N  N   . PHE A 1 64  ? -0.253  -7.978  0.230   1.00 5.16  ? 64  PHE A N   1 
ATOM   440  C  CA  . PHE A 1 64  ? -0.073  -7.008  -0.848  1.00 7.37  ? 64  PHE A CA  1 
ATOM   441  C  C   . PHE A 1 64  ? 0.990   -5.981  -0.466  1.00 6.07  ? 64  PHE A C   1 
ATOM   442  O  O   . PHE A 1 64  ? 0.781   -5.155  0.420   1.00 4.31  ? 64  PHE A O   1 
ATOM   443  C  CB  . PHE A 1 64  ? -1.415  -6.329  -1.160  1.00 6.07  ? 64  PHE A CB  1 
ATOM   444  C  CG  . PHE A 1 64  ? -1.390  -5.371  -2.334  1.00 8.11  ? 64  PHE A CG  1 
ATOM   445  C  CD1 . PHE A 1 64  ? -0.651  -5.638  -3.490  1.00 7.47  ? 64  PHE A CD1 1 
ATOM   446  C  CD2 . PHE A 1 64  ? -2.163  -4.211  -2.300  1.00 9.54  ? 64  PHE A CD2 1 
ATOM   447  C  CE1 . PHE A 1 64  ? -0.659  -4.757  -4.562  1.00 7.75  ? 64  PHE A CE1 1 
ATOM   448  C  CE2 . PHE A 1 64  ? -2.172  -3.324  -3.371  1.00 10.58 ? 64  PHE A CE2 1 
ATOM   449  C  CZ  . PHE A 1 64  ? -1.424  -3.599  -4.505  1.00 9.15  ? 64  PHE A CZ  1 
ATOM   450  N  N   . HIS A 1 65  ? 2.128   -6.073  -1.150  1.00 6.49  ? 65  HIS A N   1 
ATOM   451  C  CA  . HIS A 1 65  ? 3.263   -5.167  -1.011  1.00 6.00  ? 65  HIS A CA  1 
ATOM   452  C  C   . HIS A 1 65  ? 3.206   -4.241  -2.222  1.00 5.07  ? 65  HIS A C   1 
ATOM   453  O  O   . HIS A 1 65  ? 3.342   -4.704  -3.348  1.00 5.23  ? 65  HIS A O   1 
ATOM   454  C  CB  . HIS A 1 65  ? 4.548   -6.010  -0.972  1.00 5.34  ? 65  HIS A CB  1 
ATOM   455  C  CG  . HIS A 1 65  ? 5.827   -5.233  -0.978  1.00 6.38  ? 65  HIS A CG  1 
ATOM   456  N  ND1 . HIS A 1 65  ? 6.247   -4.465  0.086   1.00 7.50  ? 65  HIS A ND1 1 
ATOM   457  C  CD2 . HIS A 1 65  ? 6.824   -5.179  -1.894  1.00 7.54  ? 65  HIS A CD2 1 
ATOM   458  C  CE1 . HIS A 1 65  ? 7.428   -3.940  -0.190  1.00 7.94  ? 65  HIS A CE1 1 
ATOM   459  N  NE2 . HIS A 1 65  ? 7.801   -4.362  -1.383  1.00 8.04  ? 65  HIS A NE2 1 
ATOM   460  N  N   . PHE A 1 66  ? 2.948   -2.953  -1.983  1.00 4.50  ? 66  PHE A N   1 
ATOM   461  C  CA  . PHE A 1 66  ? 2.833   -1.926  -3.023  1.00 4.84  ? 66  PHE A CA  1 
ATOM   462  C  C   . PHE A 1 66  ? 4.001   -0.969  -2.813  1.00 6.22  ? 66  PHE A C   1 
ATOM   463  O  O   . PHE A 1 66  ? 3.998   -0.190  -1.860  1.00 6.10  ? 66  PHE A O   1 
ATOM   464  C  CB  . PHE A 1 66  ? 1.484   -1.199  -2.888  1.00 5.51  ? 66  PHE A CB  1 
ATOM   465  C  CG  . PHE A 1 66  ? 1.274   -0.079  -3.876  1.00 4.65  ? 66  PHE A CG  1 
ATOM   466  C  CD1 . PHE A 1 66  ? 1.637   1.229   -3.555  1.00 5.34  ? 66  PHE A CD1 1 
ATOM   467  C  CD2 . PHE A 1 66  ? 0.681   -0.320  -5.112  1.00 6.43  ? 66  PHE A CD2 1 
ATOM   468  C  CE1 . PHE A 1 66  ? 1.427   2.269   -4.453  1.00 5.53  ? 66  PHE A CE1 1 
ATOM   469  C  CE2 . PHE A 1 66  ? 0.472   0.718   -6.016  1.00 6.48  ? 66  PHE A CE2 1 
ATOM   470  C  CZ  . PHE A 1 66  ? 0.849   2.010   -5.687  1.00 6.75  ? 66  PHE A CZ  1 
ATOM   471  N  N   . ASN A 1 67  ? 4.985   -1.023  -3.711  1.00 6.23  ? 67  ASN A N   1 
ATOM   472  C  CA  . ASN A 1 67  ? 6.321   -0.481  -3.449  1.00 7.02  ? 67  ASN A CA  1 
ATOM   473  C  C   . ASN A 1 67  ? 6.792   0.427   -4.595  1.00 8.34  ? 67  ASN A C   1 
ATOM   474  O  O   . ASN A 1 67  ? 7.463   -0.035  -5.524  1.00 7.90  ? 67  ASN A O   1 
ATOM   475  C  CB  . ASN A 1 67  ? 7.271   -1.672  -3.206  1.00 9.65  ? 67  ASN A CB  1 
ATOM   476  C  CG  . ASN A 1 67  ? 8.727   -1.274  -3.015  1.00 10.06 ? 67  ASN A CG  1 
ATOM   477  O  OD1 . ASN A 1 67  ? 9.625   -1.984  -3.469  1.00 8.36  ? 67  ASN A OD1 1 
ATOM   478  N  ND2 . ASN A 1 67  ? 8.971   -0.157  -2.348  1.00 8.47  ? 67  ASN A ND2 1 
ATOM   479  N  N   . PRO A 1 68  ? 6.416   1.724   -4.543  1.00 6.59  ? 68  PRO A N   1 
ATOM   480  C  CA  . PRO A 1 68  ? 6.988   2.695   -5.478  1.00 5.46  ? 68  PRO A CA  1 
ATOM   481  C  C   . PRO A 1 68  ? 8.490   2.905   -5.269  1.00 7.09  ? 68  PRO A C   1 
ATOM   482  O  O   . PRO A 1 68  ? 8.940   3.053   -4.129  1.00 8.96  ? 68  PRO A O   1 
ATOM   483  C  CB  . PRO A 1 68  ? 6.212   3.980   -5.169  1.00 6.93  ? 68  PRO A CB  1 
ATOM   484  C  CG  . PRO A 1 68  ? 4.900   3.499   -4.649  1.00 7.05  ? 68  PRO A CG  1 
ATOM   485  C  CD  . PRO A 1 68  ? 5.241   2.278   -3.842  1.00 5.40  ? 68  PRO A CD  1 
ATOM   486  N  N   . ARG A 1 69  ? 9.242   2.899   -6.371  1.00 5.75  ? 69  ARG A N   1 
ATOM   487  C  CA  . ARG A 1 69  ? 10.686  3.128   -6.371  1.00 7.95  ? 69  ARG A CA  1 
ATOM   488  C  C   . ARG A 1 69  ? 10.991  4.249   -7.358  1.00 7.29  ? 69  ARG A C   1 
ATOM   489  O  O   . ARG A 1 69  ? 10.324  4.363   -8.389  1.00 8.19  ? 69  ARG A O   1 
ATOM   490  C  CB  . ARG A 1 69  ? 11.429  1.846   -6.763  1.00 7.13  ? 69  ARG A CB  1 
ATOM   491  C  CG  . ARG A 1 69  ? 11.176  0.681   -5.820  1.00 8.08  ? 69  ARG A CG  1 
ATOM   492  C  CD  . ARG A 1 69  ? 11.980  -0.557  -6.205  1.00 8.55  ? 69  ARG A CD  1 
ATOM   493  N  NE  . ARG A 1 69  ? 11.664  -1.695  -5.342  1.00 10.60 ? 69  ARG A NE  1 
ATOM   494  C  CZ  . ARG A 1 69  ? 12.177  -2.923  -5.460  1.00 7.42  ? 69  ARG A CZ  1 
ATOM   495  N  NH1 . ARG A 1 69  ? 13.055  -3.219  -6.419  1.00 9.93  ? 69  ARG A NH1 1 
ATOM   496  N  NH2 . ARG A 1 69  ? 11.800  -3.872  -4.609  1.00 8.37  ? 69  ARG A NH2 1 
ATOM   497  N  N   . PHE A 1 70  ? 12.001  5.059   -7.041  1.00 9.21  ? 70  PHE A N   1 
ATOM   498  C  CA  . PHE A 1 70  ? 12.196  6.371   -7.680  1.00 12.51 ? 70  PHE A CA  1 
ATOM   499  C  C   . PHE A 1 70  ? 13.487  6.595   -8.478  1.00 14.91 ? 70  PHE A C   1 
ATOM   500  O  O   . PHE A 1 70  ? 13.622  7.643   -9.112  1.00 11.85 ? 70  PHE A O   1 
ATOM   501  C  CB  . PHE A 1 70  ? 12.050  7.461   -6.616  1.00 12.16 ? 70  PHE A CB  1 
ATOM   502  C  CG  . PHE A 1 70  ? 10.672  7.531   -6.037  1.00 11.45 ? 70  PHE A CG  1 
ATOM   503  C  CD1 . PHE A 1 70  ? 9.692   8.289   -6.659  1.00 16.23 ? 70  PHE A CD1 1 
ATOM   504  C  CD2 . PHE A 1 70  ? 10.340  6.807   -4.898  1.00 13.05 ? 70  PHE A CD2 1 
ATOM   505  C  CE1 . PHE A 1 70  ? 8.408   8.345   -6.147  1.00 15.53 ? 70  PHE A CE1 1 
ATOM   506  C  CE2 . PHE A 1 70  ? 9.055   6.857   -4.376  1.00 14.12 ? 70  PHE A CE2 1 
ATOM   507  C  CZ  . PHE A 1 70  ? 8.087   7.624   -5.004  1.00 16.68 ? 70  PHE A CZ  1 
ATOM   508  N  N   . LYS A 1 71  ? 14.421  5.643   -8.466  1.00 11.74 ? 71  LYS A N   1 
ATOM   509  C  CA  . LYS A 1 71  ? 15.649  5.791   -9.265  1.00 15.05 ? 71  LYS A CA  1 
ATOM   510  C  C   . LYS A 1 71  ? 15.312  5.885   -10.757 1.00 12.53 ? 71  LYS A C   1 
ATOM   511  O  O   . LYS A 1 71  ? 14.542  5.073   -11.275 1.00 12.72 ? 71  LYS A O   1 
ATOM   512  C  CB  . LYS A 1 71  ? 16.632  4.646   -9.009  1.00 15.00 ? 71  LYS A CB  1 
ATOM   513  C  CG  . LYS A 1 71  ? 17.407  4.792   -7.711  1.00 22.06 ? 71  LYS A CG  1 
ATOM   514  C  CD  . LYS A 1 71  ? 18.461  3.707   -7.563  1.00 29.44 ? 71  LYS A CD  1 
ATOM   515  C  CE  . LYS A 1 71  ? 19.212  3.852   -6.249  1.00 35.86 ? 71  LYS A CE  1 
ATOM   516  N  NZ  . LYS A 1 71  ? 20.174  2.739   -6.023  1.00 37.07 ? 71  LYS A NZ  1 
ATOM   517  N  N   . ARG A 1 72  ? 15.873  6.898   -11.423 1.00 14.45 ? 72  ARG A N   1 
ATOM   518  C  CA  . ARG A 1 72  ? 15.602  7.184   -12.838 1.00 15.60 ? 72  ARG A CA  1 
ATOM   519  C  C   . ARG A 1 72  ? 14.089  7.348   -13.116 1.00 13.59 ? 72  ARG A C   1 
ATOM   520  O  O   . ARG A 1 72  ? 13.439  8.136   -12.431 1.00 15.56 ? 72  ARG A O   1 
ATOM   521  C  CB  . ARG A 1 72  ? 16.296  6.138   -13.734 1.00 12.36 ? 72  ARG A CB  1 
ATOM   522  C  CG  . ARG A 1 72  ? 17.806  6.054   -13.550 1.00 14.22 ? 72  ARG A CG  1 
ATOM   523  C  CD  . ARG A 1 72  ? 18.466  7.411   -13.752 1.00 12.60 ? 72  ARG A CD  1 
ATOM   524  N  NE  . ARG A 1 72  ? 19.908  7.336   -13.970 1.00 10.27 ? 72  ARG A NE  1 
ATOM   525  C  CZ  . ARG A 1 72  ? 20.715  8.395   -14.073 1.00 12.86 ? 72  ARG A CZ  1 
ATOM   526  N  NH1 . ARG A 1 72  ? 20.236  9.637   -13.969 1.00 9.58  ? 72  ARG A NH1 1 
ATOM   527  N  NH2 . ARG A 1 72  ? 22.019  8.216   -14.278 1.00 9.57  ? 72  ARG A NH2 1 
ATOM   528  N  N   . ALA A 1 73  ? 13.524  6.618   -14.083 1.00 13.61 ? 73  ALA A N   1 
ATOM   529  C  CA  . ALA A 1 73  ? 12.084  6.708   -14.380 1.00 16.22 ? 73  ALA A CA  1 
ATOM   530  C  C   . ALA A 1 73  ? 11.208  6.077   -13.291 1.00 12.81 ? 73  ALA A C   1 
ATOM   531  O  O   . ALA A 1 73  ? 9.999   6.319   -13.252 1.00 15.85 ? 73  ALA A O   1 
ATOM   532  C  CB  . ALA A 1 73  ? 11.777  6.070   -15.730 1.00 22.55 ? 73  ALA A CB  1 
ATOM   533  N  N   . GLY A 1 74  ? 11.809  5.250   -12.434 1.00 15.75 ? 74  GLY A N   1 
ATOM   534  C  CA  . GLY A 1 74  ? 11.101  4.644   -11.317 1.00 14.91 ? 74  GLY A CA  1 
ATOM   535  C  C   . GLY A 1 74  ? 10.187  3.524   -11.771 1.00 18.48 ? 74  GLY A C   1 
ATOM   536  O  O   . GLY A 1 74  ? 10.108  3.213   -12.964 1.00 11.72 ? 74  GLY A O   1 
HETATM 537  N  N   . CME A 1 75  ? 9.507   2.913   -10.805 1.00 10.70 ? 75  CME A N   1 
HETATM 538  C  CA  . CME A 1 75  ? 8.516   1.871   -11.075 1.00 8.67  ? 75  CME A CA  1 
HETATM 539  C  CB  . CME A 1 75  ? 9.192   0.561   -11.509 1.00 9.37  ? 75  CME A CB  1 
HETATM 540  S  SG  . CME A 1 75  ? 10.048  -0.225  -10.180 1.00 14.54 ? 75  CME A SG  1 
HETATM 541  S  SD  . CME A 1 75  ? 11.931  0.410   -10.367 1.00 23.18 ? 75  CME A SD  1 
HETATM 542  C  CE  . CME A 1 75  ? 12.535  -0.422  -11.807 1.00 31.94 ? 75  CME A CE  1 
HETATM 543  C  CZ  . CME A 1 75  ? 12.341  -1.936  -11.774 1.00 49.26 ? 75  CME A CZ  1 
HETATM 544  O  OH  . CME A 1 75  ? 12.651  -2.489  -10.492 1.00 40.19 ? 75  CME A OH  1 
HETATM 545  C  C   . CME A 1 75  ? 7.689   1.654   -9.833  1.00 8.63  ? 75  CME A C   1 
HETATM 546  O  O   . CME A 1 75  ? 7.895   2.320   -8.815  1.00 6.39  ? 75  CME A O   1 
ATOM   547  N  N   . ILE A 1 76  ? 6.734   0.732   -9.920  1.00 8.07  ? 76  ILE A N   1 
ATOM   548  C  CA  . ILE A 1 76  ? 6.046   0.206   -8.742  1.00 11.33 ? 76  ILE A CA  1 
ATOM   549  C  C   . ILE A 1 76  ? 6.200   -1.309  -8.753  1.00 11.05 ? 76  ILE A C   1 
ATOM   550  O  O   . ILE A 1 76  ? 5.756   -1.976  -9.695  1.00 8.73  ? 76  ILE A O   1 
ATOM   551  C  CB  . ILE A 1 76  ? 4.547   0.572   -8.717  1.00 8.08  ? 76  ILE A CB  1 
ATOM   552  C  CG1 . ILE A 1 76  ? 4.362   2.097   -8.812  1.00 8.17  ? 76  ILE A CG1 1 
ATOM   553  C  CG2 . ILE A 1 76  ? 3.892   0.031   -7.444  1.00 7.62  ? 76  ILE A CG2 1 
ATOM   554  C  CD1 . ILE A 1 76  ? 2.960   2.531   -9.185  1.00 12.13 ? 76  ILE A CD1 1 
ATOM   555  N  N   . VAL A 1 77  ? 6.847   -1.840  -7.718  1.00 9.47  ? 77  VAL A N   1 
ATOM   556  C  CA  . VAL A 1 77  ? 6.980   -3.281  -7.539  1.00 8.71  ? 77  VAL A CA  1 
ATOM   557  C  C   . VAL A 1 77  ? 5.837   -3.753  -6.649  1.00 9.40  ? 77  VAL A C   1 
ATOM   558  O  O   . VAL A 1 77  ? 5.576   -3.153  -5.604  1.00 5.19  ? 77  VAL A O   1 
ATOM   559  C  CB  . VAL A 1 77  ? 8.341   -3.650  -6.913  1.00 10.75 ? 77  VAL A CB  1 
ATOM   560  C  CG1 . VAL A 1 77  ? 8.424   -5.146  -6.629  1.00 11.84 ? 77  VAL A CG1 1 
ATOM   561  C  CG2 . VAL A 1 77  ? 9.475   -3.205  -7.834  1.00 14.31 ? 77  VAL A CG2 1 
ATOM   562  N  N   . CYS A 1 78  ? 5.151   -4.810  -7.078  1.00 6.95  ? 78  CYS A N   1 
ATOM   563  C  CA  . CYS A 1 78  ? 4.122   -5.450  -6.266  1.00 7.17  ? 78  CYS A CA  1 
ATOM   564  C  C   . CYS A 1 78  ? 4.486   -6.911  -6.024  1.00 9.48  ? 78  CYS A C   1 
ATOM   565  O  O   . CYS A 1 78  ? 4.941   -7.603  -6.937  1.00 8.27  ? 78  CYS A O   1 
ATOM   566  C  CB  . CYS A 1 78  ? 2.744   -5.318  -6.918  1.00 7.95  ? 78  CYS A CB  1 
ATOM   567  S  SG  . CYS A 1 78  ? 2.114   -3.619  -6.956  1.00 9.00  ? 78  CYS A SG  1 
ATOM   568  N  N   . ASN A 1 79  ? 4.305   -7.366  -4.785  1.00 6.80  ? 79  ASN A N   1 
ATOM   569  C  CA  . ASN A 1 79  ? 4.653   -8.732  -4.403  1.00 6.29  ? 79  ASN A CA  1 
ATOM   570  C  C   . ASN A 1 79  ? 3.898   -9.176  -3.149  1.00 6.01  ? 79  ASN A C   1 
ATOM   571  O  O   . ASN A 1 79  ? 3.136   -8.405  -2.558  1.00 6.23  ? 79  ASN A O   1 
ATOM   572  C  CB  . ASN A 1 79  ? 6.176   -8.849  -4.185  1.00 5.69  ? 79  ASN A CB  1 
ATOM   573  C  CG  . ASN A 1 79  ? 6.724   -10.224 -4.535  1.00 6.01  ? 79  ASN A CG  1 
ATOM   574  O  OD1 . ASN A 1 79  ? 5.976   -11.201 -4.639  1.00 7.35  ? 79  ASN A OD1 1 
ATOM   575  N  ND2 . ASN A 1 79  ? 8.036   -10.307 -4.712  1.00 7.52  ? 79  ASN A ND2 1 
ATOM   576  N  N   . THR A 1 80  ? 4.085   -10.444 -2.795  1.00 6.86  ? 80  THR A N   1 
ATOM   577  C  CA  . THR A 1 80  ? 3.516   -11.056 -1.607  1.00 7.67  ? 80  THR A CA  1 
ATOM   578  C  C   . THR A 1 80  ? 4.634   -11.754 -0.832  1.00 8.90  ? 80  THR A C   1 
ATOM   579  O  O   . THR A 1 80  ? 5.491   -12.407 -1.434  1.00 7.75  ? 80  THR A O   1 
ATOM   580  C  CB  . THR A 1 80  ? 2.434   -12.068 -2.025  1.00 7.29  ? 80  THR A CB  1 
ATOM   581  O  OG1 . THR A 1 80  ? 1.313   -11.360 -2.572  1.00 6.34  ? 80  THR A OG1 1 
ATOM   582  C  CG2 . THR A 1 80  ? 1.968   -12.949 -0.860  1.00 9.25  ? 80  THR A CG2 1 
ATOM   583  N  N   . LEU A 1 81  ? 4.622   -11.595 0.490   1.00 7.10  ? 81  LEU A N   1 
ATOM   584  C  CA  . LEU A 1 81  ? 5.567   -12.265 1.391   1.00 6.65  ? 81  LEU A CA  1 
ATOM   585  C  C   . LEU A 1 81  ? 4.796   -13.285 2.221   1.00 7.41  ? 81  LEU A C   1 
ATOM   586  O  O   . LEU A 1 81  ? 3.896   -12.907 2.972   1.00 7.70  ? 81  LEU A O   1 
ATOM   587  C  CB  . LEU A 1 81  ? 6.244   -11.249 2.313   1.00 6.98  ? 81  LEU A CB  1 
ATOM   588  C  CG  . LEU A 1 81  ? 7.362   -11.771 3.231   1.00 7.46  ? 81  LEU A CG  1 
ATOM   589  C  CD1 . LEU A 1 81  ? 8.690   -11.789 2.489   1.00 8.64  ? 81  LEU A CD1 1 
ATOM   590  C  CD2 . LEU A 1 81  ? 7.479   -10.934 4.498   1.00 10.44 ? 81  LEU A CD2 1 
ATOM   591  N  N   . ILE A 1 82  ? 5.142   -14.568 2.071   1.00 7.18  ? 82  ILE A N   1 
ATOM   592  C  CA  . ILE A 1 82  ? 4.534   -15.666 2.837   1.00 7.39  ? 82  ILE A CA  1 
ATOM   593  C  C   . ILE A 1 82  ? 5.650   -16.447 3.531   1.00 7.59  ? 82  ILE A C   1 
ATOM   594  O  O   . ILE A 1 82  ? 6.607   -16.865 2.881   1.00 10.61 ? 82  ILE A O   1 
ATOM   595  C  CB  . ILE A 1 82  ? 3.720   -16.622 1.936   1.00 8.97  ? 82  ILE A CB  1 
ATOM   596  C  CG1 . ILE A 1 82  ? 2.527   -15.886 1.315   1.00 9.24  ? 82  ILE A CG1 1 
ATOM   597  C  CG2 . ILE A 1 82  ? 3.222   -17.835 2.728   1.00 8.36  ? 82  ILE A CG2 1 
ATOM   598  C  CD1 . ILE A 1 82  ? 1.950   -16.573 0.093   1.00 10.61 ? 82  ILE A CD1 1 
ATOM   599  N  N   . ASN A 1 83  ? 5.524   -16.635 4.845   1.00 8.33  ? 83  ASN A N   1 
ATOM   600  C  CA  . ASN A 1 83  ? 6.549   -17.308 5.654   1.00 12.64 ? 83  ASN A CA  1 
ATOM   601  C  C   . ASN A 1 83  ? 7.957   -16.770 5.364   1.00 10.92 ? 83  ASN A C   1 
ATOM   602  O  O   . ASN A 1 83  ? 8.907   -17.535 5.156   1.00 8.40  ? 83  ASN A O   1 
ATOM   603  C  CB  . ASN A 1 83  ? 6.479   -18.831 5.449   1.00 13.58 ? 83  ASN A CB  1 
ATOM   604  C  CG  . ASN A 1 83  ? 5.158   -19.424 5.909   1.00 15.38 ? 83  ASN A CG  1 
ATOM   605  O  OD1 . ASN A 1 83  ? 4.533   -18.929 6.847   1.00 15.17 ? 83  ASN A OD1 1 
ATOM   606  N  ND2 . ASN A 1 83  ? 4.734   -20.500 5.258   1.00 18.49 ? 83  ASN A ND2 1 
ATOM   607  N  N   . GLU A 1 84  ? 8.053   -15.439 5.328   1.00 9.04  ? 84  GLU A N   1 
ATOM   608  C  CA  . GLU A 1 84  ? 9.310   -14.704 5.140   1.00 9.83  ? 84  GLU A CA  1 
ATOM   609  C  C   . GLU A 1 84  ? 10.014  -14.963 3.796   1.00 13.88 ? 84  GLU A C   1 
ATOM   610  O  O   . GLU A 1 84  ? 11.221  -14.764 3.678   1.00 9.62  ? 84  GLU A O   1 
ATOM   611  C  CB  . GLU A 1 84  ? 10.242  -14.949 6.340   1.00 13.07 ? 84  GLU A CB  1 
ATOM   612  C  CG  . GLU A 1 84  ? 9.576   -14.601 7.664   1.00 17.20 ? 84  GLU A CG  1 
ATOM   613  C  CD  . GLU A 1 84  ? 10.468  -14.830 8.862   1.00 17.91 ? 84  GLU A CD  1 
ATOM   614  O  OE1 . GLU A 1 84  ? 10.911  -15.978 9.067   1.00 17.08 ? 84  GLU A OE1 1 
ATOM   615  O  OE2 . GLU A 1 84  ? 10.700  -13.860 9.609   1.00 12.40 ? 84  GLU A OE2 1 
ATOM   616  N  N   . LYS A 1 85  ? 9.239   -15.349 2.780   1.00 9.95  ? 85  LYS A N   1 
ATOM   617  C  CA  . LYS A 1 85  ? 9.742   -15.598 1.431   1.00 13.01 ? 85  LYS A CA  1 
ATOM   618  C  C   . LYS A 1 85  ? 8.922   -14.778 0.430   1.00 14.00 ? 85  LYS A C   1 
ATOM   619  O  O   . LYS A 1 85  ? 7.694   -14.905 0.372   1.00 9.39  ? 85  LYS A O   1 
ATOM   620  C  CB  . LYS A 1 85  ? 9.640   -17.089 1.094   1.00 16.95 ? 85  LYS A CB  1 
ATOM   621  C  CG  . LYS A 1 85  ? 10.258  -17.480 -0.243  1.00 39.76 ? 85  LYS A CG  1 
ATOM   622  C  CD  . LYS A 1 85  ? 10.285  -18.989 -0.425  1.00 45.25 ? 85  LYS A CD  1 
ATOM   623  C  CE  . LYS A 1 85  ? 10.640  -19.375 -1.854  1.00 42.98 ? 85  LYS A CE  1 
ATOM   624  N  NZ  . LYS A 1 85  ? 11.978  -18.873 -2.275  1.00 54.61 ? 85  LYS A NZ  1 
ATOM   625  N  N   . TRP A 1 86  ? 9.604   -13.936 -0.343  1.00 11.83 ? 86  TRP A N   1 
ATOM   626  C  CA  . TRP A 1 86  ? 8.953   -13.146 -1.390  1.00 12.48 ? 86  TRP A CA  1 
ATOM   627  C  C   . TRP A 1 86  ? 8.578   -14.031 -2.575  1.00 13.37 ? 86  TRP A C   1 
ATOM   628  O  O   . TRP A 1 86  ? 9.304   -14.965 -2.920  1.00 9.70  ? 86  TRP A O   1 
ATOM   629  C  CB  . TRP A 1 86  ? 9.856   -11.999 -1.857  1.00 13.02 ? 86  TRP A CB  1 
ATOM   630  C  CG  . TRP A 1 86  ? 9.943   -10.869 -0.878  1.00 11.99 ? 86  TRP A CG  1 
ATOM   631  C  CD1 . TRP A 1 86  ? 11.026  -10.514 -0.121  1.00 10.37 ? 86  TRP A CD1 1 
ATOM   632  C  CD2 . TRP A 1 86  ? 8.901   -9.943  -0.547  1.00 9.38  ? 86  TRP A CD2 1 
ATOM   633  N  NE1 . TRP A 1 86  ? 10.722  -9.421  0.658   1.00 12.02 ? 86  TRP A NE1 1 
ATOM   634  C  CE2 . TRP A 1 86  ? 9.424   -9.050  0.418   1.00 8.66  ? 86  TRP A CE2 1 
ATOM   635  C  CE3 . TRP A 1 86  ? 7.574   -9.779  -0.974  1.00 8.54  ? 86  TRP A CE3 1 
ATOM   636  C  CZ2 . TRP A 1 86  ? 8.666   -8.008  0.967   1.00 10.18 ? 86  TRP A CZ2 1 
ATOM   637  C  CZ3 . TRP A 1 86  ? 6.819   -8.742  -0.428  1.00 7.50  ? 86  TRP A CZ3 1 
ATOM   638  C  CH2 . TRP A 1 86  ? 7.370   -7.869  0.531   1.00 7.88  ? 86  TRP A CH2 1 
ATOM   639  N  N   . GLY A 1 87  ? 7.434   -13.734 -3.185  1.00 10.93 ? 87  GLY A N   1 
ATOM   640  C  CA  . GLY A 1 87  ? 6.994   -14.414 -4.396  1.00 12.99 ? 87  GLY A CA  1 
ATOM   641  C  C   . GLY A 1 87  ? 7.574   -13.748 -5.624  1.00 10.02 ? 87  GLY A C   1 
ATOM   642  O  O   . GLY A 1 87  ? 8.568   -13.022 -5.540  1.00 10.28 ? 87  GLY A O   1 
ATOM   643  N  N   . ARG A 1 88  ? 6.938   -13.984 -6.767  1.00 10.11 ? 88  ARG A N   1 
ATOM   644  C  CA  . ARG A 1 88  ? 7.358   -13.388 -8.034  1.00 12.24 ? 88  ARG A CA  1 
ATOM   645  C  C   . ARG A 1 88  ? 6.875   -11.939 -8.104  1.00 9.56  ? 88  ARG A C   1 
ATOM   646  O  O   . ARG A 1 88  ? 5.700   -11.661 -7.864  1.00 9.42  ? 88  ARG A O   1 
ATOM   647  C  CB  . ARG A 1 88  ? 6.795   -14.190 -9.212  1.00 20.34 ? 88  ARG A CB  1 
ATOM   648  C  CG  . ARG A 1 88  ? 7.491   -13.918 -10.539 1.00 42.10 ? 88  ARG A CG  1 
ATOM   649  C  CD  . ARG A 1 88  ? 6.893   -14.730 -11.681 1.00 62.97 ? 88  ARG A CD  1 
ATOM   650  N  NE  . ARG A 1 88  ? 6.857   -16.168 -11.398 1.00 87.23 ? 88  ARG A NE  1 
ATOM   651  C  CZ  . ARG A 1 88  ? 7.903   -16.999 -11.441 1.00 87.10 ? 88  ARG A CZ  1 
ATOM   652  N  NH1 . ARG A 1 88  ? 9.128   -16.569 -11.756 1.00 78.19 ? 88  ARG A NH1 1 
ATOM   653  N  NH2 . ARG A 1 88  ? 7.724   -18.288 -11.157 1.00 82.69 ? 88  ARG A NH2 1 
ATOM   654  N  N   . GLU A 1 89  ? 7.785   -11.024 -8.426  1.00 9.22  ? 89  GLU A N   1 
ATOM   655  C  CA  . GLU A 1 89  ? 7.459   -9.601  -8.525  1.00 9.51  ? 89  GLU A CA  1 
ATOM   656  C  C   . GLU A 1 89  ? 6.585   -9.310  -9.739  1.00 11.17 ? 89  GLU A C   1 
ATOM   657  O  O   . GLU A 1 89  ? 6.752   -9.929  -10.789 1.00 8.72  ? 89  GLU A O   1 
ATOM   658  C  CB  . GLU A 1 89  ? 8.735   -8.762  -8.625  1.00 11.65 ? 89  GLU A CB  1 
ATOM   659  C  CG  . GLU A 1 89  ? 9.589   -8.789  -7.373  1.00 11.36 ? 89  GLU A CG  1 
ATOM   660  C  CD  . GLU A 1 89  ? 10.739  -7.796  -7.408  1.00 13.07 ? 89  GLU A CD  1 
ATOM   661  O  OE1 . GLU A 1 89  ? 11.150  -7.375  -8.510  1.00 11.31 ? 89  GLU A OE1 1 
ATOM   662  O  OE2 . GLU A 1 89  ? 11.236  -7.439  -6.321  1.00 12.83 ? 89  GLU A OE2 1 
ATOM   663  N  N   . GLU A 1 90  ? 5.652   -8.375  -9.573  1.00 8.91  ? 90  GLU A N   1 
ATOM   664  C  CA  . GLU A 1 90  ? 4.881   -7.803  -10.675 1.00 9.91  ? 90  GLU A CA  1 
ATOM   665  C  C   . GLU A 1 90  ? 5.240   -6.330  -10.742 1.00 10.66 ? 90  GLU A C   1 
ATOM   666  O  O   . GLU A 1 90  ? 4.910   -5.568  -9.831  1.00 8.77  ? 90  GLU A O   1 
ATOM   667  C  CB  . GLU A 1 90  ? 3.384   -7.991  -10.439 1.00 9.78  ? 90  GLU A CB  1 
ATOM   668  C  CG  . GLU A 1 90  ? 2.955   -9.449  -10.488 1.00 10.06 ? 90  GLU A CG  1 
ATOM   669  C  CD  . GLU A 1 90  ? 1.489   -9.659  -10.168 1.00 8.67  ? 90  GLU A CD  1 
ATOM   670  O  OE1 . GLU A 1 90  ? 0.662   -8.796  -10.517 1.00 9.07  ? 90  GLU A OE1 1 
ATOM   671  O  OE2 . GLU A 1 90  ? 1.166   -10.705 -9.575  1.00 7.76  ? 90  GLU A OE2 1 
ATOM   672  N  N   . ILE A 1 91  ? 5.943   -5.939  -11.805 1.00 10.28 ? 91  ILE A N   1 
ATOM   673  C  CA  . ILE A 1 91  ? 6.503   -4.595  -11.915 1.00 13.01 ? 91  ILE A CA  1 
ATOM   674  C  C   . ILE A 1 91  ? 5.656   -3.761  -12.869 1.00 11.33 ? 91  ILE A C   1 
ATOM   675  O  O   . ILE A 1 91  ? 5.421   -4.164  -14.007 1.00 11.99 ? 91  ILE A O   1 
ATOM   676  C  CB  . ILE A 1 91  ? 7.971   -4.627  -12.399 1.00 11.56 ? 91  ILE A CB  1 
ATOM   677  C  CG1 . ILE A 1 91  ? 8.823   -5.485  -11.456 1.00 14.60 ? 91  ILE A CG1 1 
ATOM   678  C  CG2 . ILE A 1 91  ? 8.544   -3.212  -12.457 1.00 12.80 ? 91  ILE A CG2 1 
ATOM   679  C  CD1 . ILE A 1 91  ? 10.212  -5.801  -11.971 1.00 16.96 ? 91  ILE A CD1 1 
ATOM   680  N  N   . THR A 1 92  ? 5.194   -2.608  -12.382 1.00 10.88 ? 92  THR A N   1 
ATOM   681  C  CA  . THR A 1 92  ? 4.474   -1.626  -13.191 1.00 13.84 ? 92  THR A CA  1 
ATOM   682  C  C   . THR A 1 92  ? 5.439   -0.474  -13.469 1.00 14.02 ? 92  THR A C   1 
ATOM   683  O  O   . THR A 1 92  ? 5.817   0.254   -12.547 1.00 12.73 ? 92  THR A O   1 
ATOM   684  C  CB  . THR A 1 92  ? 3.215   -1.115  -12.454 1.00 13.83 ? 92  THR A CB  1 
ATOM   685  O  OG1 . THR A 1 92  ? 2.296   -2.201  -12.270 1.00 8.76  ? 92  THR A OG1 1 
ATOM   686  C  CG2 . THR A 1 92  ? 2.520   -0.001  -13.240 1.00 14.31 ? 92  THR A CG2 1 
ATOM   687  N  N   . TYR A 1 93  ? 5.842   -0.329  -14.731 1.00 13.41 ? 93  TYR A N   1 
ATOM   688  C  CA  . TYR A 1 93  ? 6.817   0.697   -15.133 1.00 19.16 ? 93  TYR A CA  1 
ATOM   689  C  C   . TYR A 1 93  ? 6.185   2.074   -15.362 1.00 17.80 ? 93  TYR A C   1 
ATOM   690  O  O   . TYR A 1 93  ? 6.852   3.092   -15.172 1.00 23.39 ? 93  TYR A O   1 
ATOM   691  C  CB  . TYR A 1 93  ? 7.612   0.238   -16.364 1.00 19.59 ? 93  TYR A CB  1 
ATOM   692  C  CG  . TYR A 1 93  ? 8.553   -0.905  -16.053 1.00 13.37 ? 93  TYR A CG  1 
ATOM   693  C  CD1 . TYR A 1 93  ? 9.791   -0.669  -15.457 1.00 16.18 ? 93  TYR A CD1 1 
ATOM   694  C  CD2 . TYR A 1 93  ? 8.199   -2.225  -16.329 1.00 16.41 ? 93  TYR A CD2 1 
ATOM   695  C  CE1 . TYR A 1 93  ? 10.655  -1.714  -15.154 1.00 18.37 ? 93  TYR A CE1 1 
ATOM   696  C  CE2 . TYR A 1 93  ? 9.054   -3.277  -16.029 1.00 18.01 ? 93  TYR A CE2 1 
ATOM   697  C  CZ  . TYR A 1 93  ? 10.281  -3.017  -15.444 1.00 17.81 ? 93  TYR A CZ  1 
ATOM   698  O  OH  . TYR A 1 93  ? 11.133  -4.055  -15.147 1.00 33.73 ? 93  TYR A OH  1 
ATOM   699  N  N   . ASP A 1 94  ? 4.912   2.094   -15.771 1.00 17.44 ? 94  ASP A N   1 
ATOM   700  C  CA  A ASP A 1 94  ? 4.163   3.343   -15.925 0.50 18.25 ? 94  ASP A CA  1 
ATOM   701  C  CA  B ASP A 1 94  ? 4.163   3.344   -15.918 0.50 17.58 ? 94  ASP A CA  1 
ATOM   702  C  C   . ASP A 1 94  ? 3.721   3.834   -14.539 1.00 21.73 ? 94  ASP A C   1 
ATOM   703  O  O   . ASP A 1 94  ? 2.601   3.565   -14.094 1.00 14.45 ? 94  ASP A O   1 
ATOM   704  C  CB  A ASP A 1 94  ? 2.965   3.140   -16.865 0.50 23.60 ? 94  ASP A CB  1 
ATOM   705  C  CB  B ASP A 1 94  ? 2.959   3.161   -16.848 0.50 20.67 ? 94  ASP A CB  1 
ATOM   706  C  CG  A ASP A 1 94  ? 2.350   4.451   -17.329 0.50 27.30 ? 94  ASP A CG  1 
ATOM   707  C  CG  B ASP A 1 94  ? 3.368   2.944   -18.293 0.50 25.71 ? 94  ASP A CG  1 
ATOM   708  O  OD1 A ASP A 1 94  ? 2.954   5.520   -17.089 0.50 43.06 ? 94  ASP A OD1 1 
ATOM   709  O  OD1 B ASP A 1 94  ? 4.553   3.171   -18.617 0.50 28.08 ? 94  ASP A OD1 1 
ATOM   710  O  OD2 A ASP A 1 94  ? 1.263   4.412   -17.943 0.50 33.43 ? 94  ASP A OD2 1 
ATOM   711  O  OD2 B ASP A 1 94  ? 2.504   2.553   -19.103 0.50 20.63 ? 94  ASP A OD2 1 
ATOM   712  N  N   . THR A 1 95  ? 4.623   4.548   -13.865 1.00 18.77 ? 95  THR A N   1 
ATOM   713  C  CA  . THR A 1 95  ? 4.393   5.039   -12.499 1.00 17.71 ? 95  THR A CA  1 
ATOM   714  C  C   . THR A 1 95  ? 4.051   6.533   -12.526 1.00 14.70 ? 95  THR A C   1 
ATOM   715  O  O   . THR A 1 95  ? 4.703   7.292   -13.239 1.00 15.00 ? 95  THR A O   1 
ATOM   716  C  CB  . THR A 1 95  ? 5.597   4.765   -11.550 1.00 15.11 ? 95  THR A CB  1 
ATOM   717  O  OG1 . THR A 1 95  ? 5.324   5.309   -10.252 1.00 14.21 ? 95  THR A OG1 1 
ATOM   718  C  CG2 . THR A 1 95  ? 6.921   5.354   -12.065 1.00 11.94 ? 95  THR A CG2 1 
ATOM   719  N  N   . PRO A 1 96  ? 3.011   6.953   -11.772 1.00 16.13 ? 96  PRO A N   1 
ATOM   720  C  CA  . PRO A 1 96  ? 2.698   8.378   -11.636 1.00 13.77 ? 96  PRO A CA  1 
ATOM   721  C  C   . PRO A 1 96  ? 3.432   9.084   -10.494 1.00 16.91 ? 96  PRO A C   1 
ATOM   722  O  O   . PRO A 1 96  ? 3.370   10.314  -10.415 1.00 13.84 ? 96  PRO A O   1 
ATOM   723  C  CB  . PRO A 1 96  ? 1.195   8.370   -11.364 1.00 17.75 ? 96  PRO A CB  1 
ATOM   724  C  CG  . PRO A 1 96  ? 0.963   7.096   -10.633 1.00 15.42 ? 96  PRO A CG  1 
ATOM   725  C  CD  . PRO A 1 96  ? 1.998   6.114   -11.101 1.00 14.10 ? 96  PRO A CD  1 
ATOM   726  N  N   . PHE A 1 97  ? 4.115   8.332   -9.627  1.00 12.00 ? 97  PHE A N   1 
ATOM   727  C  CA  . PHE A 1 97  ? 4.788   8.918   -8.464  1.00 10.66 ? 97  PHE A CA  1 
ATOM   728  C  C   . PHE A 1 97  ? 6.042   9.682   -8.875  1.00 12.71 ? 97  PHE A C   1 
ATOM   729  O  O   . PHE A 1 97  ? 6.738   9.289   -9.808  1.00 11.70 ? 97  PHE A O   1 
ATOM   730  C  CB  . PHE A 1 97  ? 5.164   7.848   -7.437  1.00 10.61 ? 97  PHE A CB  1 
ATOM   731  C  CG  . PHE A 1 97  ? 3.989   7.165   -6.809  1.00 9.24  ? 97  PHE A CG  1 
ATOM   732  C  CD1 . PHE A 1 97  ? 3.295   7.769   -5.763  1.00 10.28 ? 97  PHE A CD1 1 
ATOM   733  C  CD2 . PHE A 1 97  ? 3.579   5.912   -7.248  1.00 8.44  ? 97  PHE A CD2 1 
ATOM   734  C  CE1 . PHE A 1 97  ? 2.208   7.139   -5.178  1.00 9.86  ? 97  PHE A CE1 1 
ATOM   735  C  CE2 . PHE A 1 97  ? 2.496   5.276   -6.666  1.00 8.42  ? 97  PHE A CE2 1 
ATOM   736  C  CZ  . PHE A 1 97  ? 1.811   5.889   -5.628  1.00 7.73  ? 97  PHE A CZ  1 
ATOM   737  N  N   . LYS A 1 98  ? 6.313   10.775  -8.166  1.00 11.56 ? 98  LYS A N   1 
ATOM   738  C  CA  . LYS A 1 98  ? 7.472   11.624  -8.427  1.00 14.82 ? 98  LYS A CA  1 
ATOM   739  C  C   . LYS A 1 98  ? 7.992   12.205  -7.120  1.00 14.16 ? 98  LYS A C   1 
ATOM   740  O  O   . LYS A 1 98  ? 7.203   12.565  -6.246  1.00 13.80 ? 98  LYS A O   1 
ATOM   741  C  CB  . LYS A 1 98  ? 7.088   12.776  -9.367  1.00 16.63 ? 98  LYS A CB  1 
ATOM   742  C  CG  . LYS A 1 98  ? 6.917   12.412  -10.839 1.00 29.12 ? 98  LYS A CG  1 
ATOM   743  C  CD  . LYS A 1 98  ? 8.229   12.069  -11.537 1.00 41.25 ? 98  LYS A CD  1 
ATOM   744  C  CE  . LYS A 1 98  ? 9.101   13.296  -11.764 1.00 50.96 ? 98  LYS A CE  1 
ATOM   745  N  NZ  . LYS A 1 98  ? 10.325  12.971  -12.546 1.00 45.68 ? 98  LYS A NZ  1 
ATOM   746  N  N   . ARG A 1 99  ? 9.316   12.306  -7.000  1.00 13.05 ? 99  ARG A N   1 
ATOM   747  C  CA  . ARG A 1 99  ? 9.946   13.042  -5.901  1.00 15.48 ? 99  ARG A CA  1 
ATOM   748  C  C   . ARG A 1 99  ? 9.418   14.476  -5.876  1.00 13.72 ? 99  ARG A C   1 
ATOM   749  O  O   . ARG A 1 99  ? 9.193   15.068  -6.933  1.00 12.95 ? 99  ARG A O   1 
ATOM   750  C  CB  . ARG A 1 99  ? 11.473  13.062  -6.060  1.00 22.07 ? 99  ARG A CB  1 
ATOM   751  C  CG  . ARG A 1 99  ? 12.144  11.728  -5.775  1.00 25.12 ? 99  ARG A CG  1 
ATOM   752  C  CD  . ARG A 1 99  ? 13.482  11.602  -6.487  1.00 21.86 ? 99  ARG A CD  1 
ATOM   753  N  NE  . ARG A 1 99  ? 14.178  10.371  -6.114  1.00 20.89 ? 99  ARG A NE  1 
ATOM   754  C  CZ  . ARG A 1 99  ? 15.237  9.857   -6.745  1.00 23.54 ? 99  ARG A CZ  1 
ATOM   755  N  NH1 . ARG A 1 99  ? 15.766  10.453  -7.815  1.00 25.15 ? 99  ARG A NH1 1 
ATOM   756  N  NH2 . ARG A 1 99  ? 15.775  8.724   -6.298  1.00 19.17 ? 99  ARG A NH2 1 
ATOM   757  N  N   . GLU A 1 100 ? 9.203   15.001  -4.671  1.00 14.55 ? 100 GLU A N   1 
ATOM   758  C  CA  . GLU A 1 100 ? 8.696   16.367  -4.445  1.00 25.08 ? 100 GLU A CA  1 
ATOM   759  C  C   . GLU A 1 100 ? 7.260   16.616  -4.934  1.00 21.16 ? 100 GLU A C   1 
ATOM   760  O  O   . GLU A 1 100 ? 6.886   17.763  -5.189  1.00 22.69 ? 100 GLU A O   1 
ATOM   761  C  CB  . GLU A 1 100 ? 9.647   17.421  -5.044  1.00 23.41 ? 100 GLU A CB  1 
ATOM   762  C  CG  . GLU A 1 100 ? 11.106  17.235  -4.669  1.00 33.15 ? 100 GLU A CG  1 
ATOM   763  C  CD  . GLU A 1 100 ? 11.978  18.386  -5.131  1.00 33.07 ? 100 GLU A CD  1 
ATOM   764  O  OE1 . GLU A 1 100 ? 12.099  18.583  -6.358  1.00 34.33 ? 100 GLU A OE1 1 
ATOM   765  O  OE2 . GLU A 1 100 ? 12.547  19.090  -4.272  1.00 52.51 ? 100 GLU A OE2 1 
ATOM   766  N  N   . LYS A 1 101 ? 6.455   15.556  -5.032  1.00 13.83 ? 101 LYS A N   1 
ATOM   767  C  CA  . LYS A 1 101 ? 5.062   15.669  -5.477  1.00 13.85 ? 101 LYS A CA  1 
ATOM   768  C  C   . LYS A 1 101 ? 4.124   14.947  -4.518  1.00 13.82 ? 101 LYS A C   1 
ATOM   769  O  O   . LYS A 1 101 ? 4.457   13.881  -3.988  1.00 10.17 ? 101 LYS A O   1 
ATOM   770  C  CB  . LYS A 1 101 ? 4.892   15.103  -6.891  1.00 17.34 ? 101 LYS A CB  1 
ATOM   771  C  CG  . LYS A 1 101 ? 5.630   15.874  -7.977  1.00 25.32 ? 101 LYS A CG  1 
ATOM   772  C  CD  . LYS A 1 101 ? 4.991   17.226  -8.257  1.00 36.16 ? 101 LYS A CD  1 
ATOM   773  C  CE  . LYS A 1 101 ? 5.628   17.898  -9.463  1.00 63.57 ? 101 LYS A CE  1 
ATOM   774  N  NZ  . LYS A 1 101 ? 4.993   19.209  -9.771  1.00 69.01 ? 101 LYS A NZ  1 
ATOM   775  N  N   . SER A 1 102 ? 2.953   15.542  -4.305  1.00 10.49 ? 102 SER A N   1 
ATOM   776  C  CA  . SER A 1 102 ? 1.922   14.957  -3.457  1.00 14.19 ? 102 SER A CA  1 
ATOM   777  C  C   . SER A 1 102 ? 1.060   13.997  -4.261  1.00 10.84 ? 102 SER A C   1 
ATOM   778  O  O   . SER A 1 102 ? 0.938   14.138  -5.479  1.00 10.86 ? 102 SER A O   1 
ATOM   779  C  CB  . SER A 1 102 ? 1.071   16.046  -2.812  1.00 13.84 ? 102 SER A CB  1 
ATOM   780  O  OG  . SER A 1 102 ? 1.857   16.787  -1.899  1.00 16.00 ? 102 SER A OG  1 
ATOM   781  N  N   . PHE A 1 103 ? 0.471   13.024  -3.572  1.00 9.64  ? 103 PHE A N   1 
ATOM   782  C  CA  . PHE A 1 103 ? -0.303  11.967  -4.221  1.00 9.30  ? 103 PHE A CA  1 
ATOM   783  C  C   . PHE A 1 103 ? -1.531  11.574  -3.418  1.00 9.86  ? 103 PHE A C   1 
ATOM   784  O  O   . PHE A 1 103 ? -1.635  11.882  -2.228  1.00 10.52 ? 103 PHE A O   1 
ATOM   785  C  CB  . PHE A 1 103 ? 0.576   10.727  -4.435  1.00 8.23  ? 103 PHE A CB  1 
ATOM   786  C  CG  . PHE A 1 103 ? 1.118   10.140  -3.158  1.00 10.62 ? 103 PHE A CG  1 
ATOM   787  C  CD1 . PHE A 1 103 ? 0.336   9.294   -2.370  1.00 7.79  ? 103 PHE A CD1 1 
ATOM   788  C  CD2 . PHE A 1 103 ? 2.407   10.440  -2.732  1.00 8.28  ? 103 PHE A CD2 1 
ATOM   789  C  CE1 . PHE A 1 103 ? 0.833   8.763   -1.189  1.00 12.02 ? 103 PHE A CE1 1 
ATOM   790  C  CE2 . PHE A 1 103 ? 2.909   9.909   -1.554  1.00 10.54 ? 103 PHE A CE2 1 
ATOM   791  C  CZ  . PHE A 1 103 ? 2.121   9.070   -0.780  1.00 11.42 ? 103 PHE A CZ  1 
ATOM   792  N  N   . GLU A 1 104 ? -2.444  10.870  -4.084  1.00 7.56  ? 104 GLU A N   1 
ATOM   793  C  CA  . GLU A 1 104 ? -3.523  10.142  -3.424  1.00 9.29  ? 104 GLU A CA  1 
ATOM   794  C  C   . GLU A 1 104 ? -3.548  8.715   -3.969  1.00 9.31  ? 104 GLU A C   1 
ATOM   795  O  O   . GLU A 1 104 ? -3.708  8.522   -5.166  1.00 10.64 ? 104 GLU A O   1 
ATOM   796  C  CB  . GLU A 1 104 ? -4.874  10.807  -3.682  1.00 9.81  ? 104 GLU A CB  1 
ATOM   797  C  CG  . GLU A 1 104 ? -6.050  10.113  -2.999  1.00 13.29 ? 104 GLU A CG  1 
ATOM   798  C  CD  . GLU A 1 104 ? -7.390  10.602  -3.500  1.00 16.71 ? 104 GLU A CD  1 
ATOM   799  O  OE1 . GLU A 1 104 ? -7.748  10.274  -4.652  1.00 18.54 ? 104 GLU A OE1 1 
ATOM   800  O  OE2 . GLU A 1 104 ? -8.091  11.294  -2.736  1.00 13.50 ? 104 GLU A OE2 1 
ATOM   801  N  N   . ILE A 1 105 ? -3.398  7.734   -3.082  1.00 8.08  ? 105 ILE A N   1 
ATOM   802  C  CA  . ILE A 1 105 ? -3.524  6.318   -3.426  1.00 6.98  ? 105 ILE A CA  1 
ATOM   803  C  C   . ILE A 1 105 ? -4.895  5.851   -2.956  1.00 6.44  ? 105 ILE A C   1 
ATOM   804  O  O   . ILE A 1 105 ? -5.251  6.055   -1.798  1.00 5.00  ? 105 ILE A O   1 
ATOM   805  C  CB  . ILE A 1 105 ? -2.443  5.465   -2.720  1.00 8.40  ? 105 ILE A CB  1 
ATOM   806  C  CG1 . ILE A 1 105 ? -1.041  5.890   -3.171  1.00 10.18 ? 105 ILE A CG1 1 
ATOM   807  C  CG2 . ILE A 1 105 ? -2.658  3.976   -2.997  1.00 10.52 ? 105 ILE A CG2 1 
ATOM   808  C  CD1 . ILE A 1 105 ? 0.080   5.411   -2.268  1.00 7.99  ? 105 ILE A CD1 1 
ATOM   809  N  N   . VAL A 1 106 ? -5.661  5.234   -3.849  1.00 5.22  ? 106 VAL A N   1 
ATOM   810  C  CA  . VAL A 1 106 ? -6.897  4.559   -3.463  1.00 4.85  ? 106 VAL A CA  1 
ATOM   811  C  C   . VAL A 1 106 ? -6.749  3.088   -3.825  1.00 4.60  ? 106 VAL A C   1 
ATOM   812  O  O   . VAL A 1 106 ? -6.669  2.747   -5.006  1.00 6.22  ? 106 VAL A O   1 
ATOM   813  C  CB  . VAL A 1 106 ? -8.141  5.167   -4.152  1.00 4.98  ? 106 VAL A CB  1 
ATOM   814  C  CG1 . VAL A 1 106 ? -9.415  4.478   -3.669  1.00 5.97  ? 106 VAL A CG1 1 
ATOM   815  C  CG2 . VAL A 1 106 ? -8.223  6.666   -3.889  1.00 5.68  ? 106 VAL A CG2 1 
ATOM   816  N  N   . ILE A 1 107 ? -6.677  2.231   -2.805  1.00 5.32  ? 107 ILE A N   1 
ATOM   817  C  CA  . ILE A 1 107 ? -6.681  0.778   -2.988  1.00 5.22  ? 107 ILE A CA  1 
ATOM   818  C  C   . ILE A 1 107 ? -8.112  0.290   -2.818  1.00 6.57  ? 107 ILE A C   1 
ATOM   819  O  O   . ILE A 1 107 ? -8.710  0.499   -1.762  1.00 5.98  ? 107 ILE A O   1 
ATOM   820  C  CB  . ILE A 1 107 ? -5.778  0.057   -1.957  1.00 6.10  ? 107 ILE A CB  1 
ATOM   821  C  CG1 . ILE A 1 107 ? -4.332  0.551   -2.072  1.00 6.26  ? 107 ILE A CG1 1 
ATOM   822  C  CG2 . ILE A 1 107 ? -5.837  -1.462  -2.150  1.00 5.96  ? 107 ILE A CG2 1 
ATOM   823  C  CD1 . ILE A 1 107 ? -3.435  0.127   -0.927  1.00 7.24  ? 107 ILE A CD1 1 
ATOM   824  N  N   . MET A 1 108 ? -8.659  -0.343  -3.858  1.00 4.89  ? 108 MET A N   1 
ATOM   825  C  CA  . MET A 1 108 ? -9.968  -0.985  -3.779  1.00 5.19  ? 108 MET A CA  1 
ATOM   826  C  C   . MET A 1 108 ? -9.795  -2.497  -3.725  1.00 6.15  ? 108 MET A C   1 
ATOM   827  O  O   . MET A 1 108 ? -9.091  -3.073  -4.556  1.00 6.53  ? 108 MET A O   1 
ATOM   828  C  CB  . MET A 1 108 ? -10.845 -0.613  -4.974  1.00 5.05  ? 108 MET A CB  1 
ATOM   829  C  CG  . MET A 1 108 ? -12.235 -1.240  -4.920  1.00 5.86  ? 108 MET A CG  1 
ATOM   830  S  SD  . MET A 1 108 ? -13.378 -0.615  -6.161  1.00 6.01  ? 108 MET A SD  1 
ATOM   831  C  CE  . MET A 1 108 ? -12.505 -1.037  -7.663  1.00 5.56  ? 108 MET A CE  1 
ATOM   832  N  N   . VAL A 1 109 ? -10.464 -3.128  -2.764  1.00 5.18  ? 109 VAL A N   1 
ATOM   833  C  CA  . VAL A 1 109 ? -10.475 -4.579  -2.635  1.00 6.99  ? 109 VAL A CA  1 
ATOM   834  C  C   . VAL A 1 109 ? -11.631 -5.113  -3.476  1.00 8.54  ? 109 VAL A C   1 
ATOM   835  O  O   . VAL A 1 109 ? -12.785 -4.746  -3.249  1.00 8.44  ? 109 VAL A O   1 
ATOM   836  C  CB  . VAL A 1 109 ? -10.649 -5.022  -1.163  1.00 7.04  ? 109 VAL A CB  1 
ATOM   837  C  CG1 . VAL A 1 109 ? -10.552 -6.542  -1.038  1.00 9.50  ? 109 VAL A CG1 1 
ATOM   838  C  CG2 . VAL A 1 109 ? -9.613  -4.341  -0.272  1.00 10.77 ? 109 VAL A CG2 1 
ATOM   839  N  N   . LEU A 1 110 ? -11.312 -5.944  -4.466  1.00 7.37  ? 110 LEU A N   1 
ATOM   840  C  CA  . LEU A 1 110 ? -12.318 -6.691  -5.221  1.00 6.52  ? 110 LEU A CA  1 
ATOM   841  C  C   . LEU A 1 110 ? -12.231 -8.165  -4.824  1.00 11.89 ? 110 LEU A C   1 
ATOM   842  O  O   . LEU A 1 110 ? -11.357 -8.554  -4.041  1.00 7.32  ? 110 LEU A O   1 
ATOM   843  C  CB  . LEU A 1 110 ? -12.109 -6.504  -6.729  1.00 7.31  ? 110 LEU A CB  1 
ATOM   844  C  CG  . LEU A 1 110 ? -12.252 -5.062  -7.229  1.00 6.11  ? 110 LEU A CG  1 
ATOM   845  C  CD1 . LEU A 1 110 ? -11.865 -4.964  -8.695  1.00 5.72  ? 110 LEU A CD1 1 
ATOM   846  C  CD2 . LEU A 1 110 ? -13.669 -4.557  -7.005  1.00 7.13  ? 110 LEU A CD2 1 
ATOM   847  N  N   . LYS A 1 111 ? -13.150 -8.975  -5.349  1.00 9.89  ? 111 LYS A N   1 
ATOM   848  C  CA  . LYS A 1 111 ? -13.233 -10.395 -4.987  1.00 8.80  ? 111 LYS A CA  1 
ATOM   849  C  C   . LYS A 1 111 ? -11.928 -11.153 -5.231  1.00 7.24  ? 111 LYS A C   1 
ATOM   850  O  O   . LYS A 1 111 ? -11.459 -11.872 -4.353  1.00 7.77  ? 111 LYS A O   1 
ATOM   851  C  CB  . LYS A 1 111 ? -14.370 -11.088 -5.751  1.00 14.35 ? 111 LYS A CB  1 
ATOM   852  C  CG  . LYS A 1 111 ? -14.643 -12.518 -5.291  1.00 23.34 ? 111 LYS A CG  1 
ATOM   853  C  CD  . LYS A 1 111 ? -15.948 -13.066 -5.851  1.00 27.53 ? 111 LYS A CD  1 
ATOM   854  C  CE  . LYS A 1 111 ? -15.884 -13.251 -7.358  1.00 33.65 ? 111 LYS A CE  1 
ATOM   855  N  NZ  . LYS A 1 111 ? -17.051 -14.018 -7.874  1.00 50.08 ? 111 LYS A NZ  1 
ATOM   856  N  N   . ASP A 1 112 ? -11.353 -10.982 -6.419  1.00 6.62  ? 112 ASP A N   1 
ATOM   857  C  CA  . ASP A 1 112 ? -10.178 -11.756 -6.839  1.00 8.31  ? 112 ASP A CA  1 
ATOM   858  C  C   . ASP A 1 112 ? -8.895  -10.936 -7.000  1.00 7.37  ? 112 ASP A C   1 
ATOM   859  O  O   . ASP A 1 112 ? -7.851  -11.492 -7.350  1.00 6.77  ? 112 ASP A O   1 
ATOM   860  C  CB  . ASP A 1 112 ? -10.506 -12.509 -8.132  1.00 8.79  ? 112 ASP A CB  1 
ATOM   861  C  CG  . ASP A 1 112 ? -11.625 -13.524 -7.948  1.00 11.40 ? 112 ASP A CG  1 
ATOM   862  O  OD1 . ASP A 1 112 ? -11.739 -14.100 -6.847  1.00 13.70 ? 112 ASP A OD1 1 
ATOM   863  O  OD2 . ASP A 1 112 ? -12.397 -13.747 -8.902  1.00 10.90 ? 112 ASP A OD2 1 
ATOM   864  N  N   . LYS A 1 113 ? -8.953  -9.641  -6.704  1.00 8.99  ? 113 LYS A N   1 
ATOM   865  C  CA  . LYS A 1 113 ? -7.796  -8.766  -6.874  1.00 7.66  ? 113 LYS A CA  1 
ATOM   866  C  C   . LYS A 1 113 ? -7.942  -7.462  -6.109  1.00 8.07  ? 113 LYS A C   1 
ATOM   867  O  O   . LYS A 1 113 ? -9.036  -7.104  -5.666  1.00 8.48  ? 113 LYS A O   1 
ATOM   868  C  CB  . LYS A 1 113 ? -7.598  -8.440  -8.360  1.00 8.66  ? 113 LYS A CB  1 
ATOM   869  C  CG  . LYS A 1 113 ? -8.745  -7.650  -8.989  1.00 9.13  ? 113 LYS A CG  1 
ATOM   870  C  CD  . LYS A 1 113 ? -8.668  -7.631  -10.507 1.00 15.18 ? 113 LYS A CD  1 
ATOM   871  C  CE  . LYS A 1 113 ? -9.217  -8.909  -11.120 1.00 22.63 ? 113 LYS A CE  1 
ATOM   872  N  NZ  . LYS A 1 113 ? -9.154  -8.876  -12.606 1.00 30.05 ? 113 LYS A NZ  1 
ATOM   873  N  N   . PHE A 1 114 ? -6.823  -6.762  -5.967  1.00 6.29  ? 114 PHE A N   1 
ATOM   874  C  CA  . PHE A 1 114 ? -6.826  -5.351  -5.618  1.00 6.38  ? 114 PHE A CA  1 
ATOM   875  C  C   . PHE A 1 114 ? -6.784  -4.549  -6.906  1.00 6.19  ? 114 PHE A C   1 
ATOM   876  O  O   . PHE A 1 114 ? -6.184  -4.983  -7.897  1.00 6.93  ? 114 PHE A O   1 
ATOM   877  C  CB  . PHE A 1 114 ? -5.611  -4.982  -4.771  1.00 5.69  ? 114 PHE A CB  1 
ATOM   878  C  CG  . PHE A 1 114 ? -5.532  -5.717  -3.471  1.00 6.37  ? 114 PHE A CG  1 
ATOM   879  C  CD1 . PHE A 1 114 ? -6.236  -5.268  -2.357  1.00 6.15  ? 114 PHE A CD1 1 
ATOM   880  C  CD2 . PHE A 1 114 ? -4.742  -6.853  -3.351  1.00 6.24  ? 114 PHE A CD2 1 
ATOM   881  C  CE1 . PHE A 1 114 ? -6.158  -5.946  -1.151  1.00 6.68  ? 114 PHE A CE1 1 
ATOM   882  C  CE2 . PHE A 1 114 ? -4.658  -7.530  -2.146  1.00 8.29  ? 114 PHE A CE2 1 
ATOM   883  C  CZ  . PHE A 1 114 ? -5.367  -7.078  -1.045  1.00 7.97  ? 114 PHE A CZ  1 
ATOM   884  N  N   . GLN A 1 115 ? -7.442  -3.395  -6.892  1.00 4.65  ? 115 GLN A N   1 
ATOM   885  C  CA  . GLN A 1 115 ? -7.259  -2.376  -7.918  1.00 6.08  ? 115 GLN A CA  1 
ATOM   886  C  C   . GLN A 1 115 ? -6.766  -1.119  -7.224  1.00 4.65  ? 115 GLN A C   1 
ATOM   887  O  O   . GLN A 1 115 ? -7.277  -0.755  -6.161  1.00 5.99  ? 115 GLN A O   1 
ATOM   888  C  CB  . GLN A 1 115 ? -8.562  -2.121  -8.675  1.00 5.23  ? 115 GLN A CB  1 
ATOM   889  C  CG  . GLN A 1 115 ? -8.446  -1.076  -9.782  1.00 8.15  ? 115 GLN A CG  1 
ATOM   890  C  CD  . GLN A 1 115 ? -8.825  0.336   -9.345  1.00 7.38  ? 115 GLN A CD  1 
ATOM   891  O  OE1 . GLN A 1 115 ? -9.556  0.529   -8.381  1.00 8.77  ? 115 GLN A OE1 1 
ATOM   892  N  NE2 . GLN A 1 115 ? -8.331  1.325   -10.064 1.00 9.59  ? 115 GLN A NE2 1 
ATOM   893  N  N   . VAL A 1 116 ? -5.765  -0.472  -7.819  1.00 5.04  ? 116 VAL A N   1 
ATOM   894  C  CA  . VAL A 1 116 ? -5.161  0.727   -7.252  1.00 5.95  ? 116 VAL A CA  1 
ATOM   895  C  C   . VAL A 1 116 ? -5.231  1.865   -8.262  1.00 7.61  ? 116 VAL A C   1 
ATOM   896  O  O   . VAL A 1 116 ? -4.799  1.717   -9.414  1.00 6.84  ? 116 VAL A O   1 
ATOM   897  C  CB  . VAL A 1 116 ? -3.693  0.489   -6.833  1.00 6.92  ? 116 VAL A CB  1 
ATOM   898  C  CG1 . VAL A 1 116 ? -3.109  1.746   -6.185  1.00 7.07  ? 116 VAL A CG1 1 
ATOM   899  C  CG2 . VAL A 1 116 ? -3.599  -0.696  -5.880  1.00 6.46  ? 116 VAL A CG2 1 
ATOM   900  N  N   . ALA A 1 117 ? -5.796  2.986   -7.824  1.00 6.32  ? 117 ALA A N   1 
ATOM   901  C  CA  . ALA A 1 117 ? -5.804  4.223   -8.586  1.00 7.43  ? 117 ALA A CA  1 
ATOM   902  C  C   . ALA A 1 117 ? -4.940  5.237   -7.850  1.00 7.26  ? 117 ALA A C   1 
ATOM   903  O  O   . ALA A 1 117 ? -5.004  5.325   -6.620  1.00 7.23  ? 117 ALA A O   1 
ATOM   904  C  CB  . ALA A 1 117 ? -7.228  4.746   -8.726  1.00 8.97  ? 117 ALA A CB  1 
ATOM   905  N  N   . VAL A 1 118 ? -4.136  5.988   -8.600  1.00 6.67  ? 118 VAL A N   1 
ATOM   906  C  CA  . VAL A 1 118 ? -3.293  7.045   -8.035  1.00 7.83  ? 118 VAL A CA  1 
ATOM   907  C  C   . VAL A 1 118 ? -3.663  8.370   -8.704  1.00 7.86  ? 118 VAL A C   1 
ATOM   908  O  O   . VAL A 1 118 ? -3.742  8.437   -9.926  1.00 8.84  ? 118 VAL A O   1 
ATOM   909  C  CB  . VAL A 1 118 ? -1.791  6.740   -8.218  1.00 9.29  ? 118 VAL A CB  1 
ATOM   910  C  CG1 . VAL A 1 118 ? -0.931  7.851   -7.617  1.00 11.90 ? 118 VAL A CG1 1 
ATOM   911  C  CG2 . VAL A 1 118 ? -1.443  5.398   -7.587  1.00 11.81 ? 118 VAL A CG2 1 
ATOM   912  N  N   . ASN A 1 119 ? -3.912  9.407   -7.900  1.00 9.32  ? 119 ASN A N   1 
ATOM   913  C  CA  . ASN A 1 119 ? -4.289  10.739  -8.408  1.00 12.31 ? 119 ASN A CA  1 
ATOM   914  C  C   . ASN A 1 119 ? -5.492  10.703  -9.368  1.00 13.58 ? 119 ASN A C   1 
ATOM   915  O  O   . ASN A 1 119 ? -5.496  11.372  -10.405 1.00 10.67 ? 119 ASN A O   1 
ATOM   916  C  CB  . ASN A 1 119 ? -3.076  11.421  -9.077  1.00 11.25 ? 119 ASN A CB  1 
ATOM   917  C  CG  . ASN A 1 119 ? -1.880  11.537  -8.148  1.00 13.92 ? 119 ASN A CG  1 
ATOM   918  O  OD1 . ASN A 1 119 ? -2.026  11.499  -6.929  1.00 13.99 ? 119 ASN A OD1 1 
ATOM   919  N  ND2 . ASN A 1 119 ? -0.688  11.683  -8.723  1.00 14.06 ? 119 ASN A ND2 1 
ATOM   920  N  N   . GLY A 1 120 ? -6.499  9.904   -9.014  1.00 10.28 ? 120 GLY A N   1 
ATOM   921  C  CA  . GLY A 1 120 ? -7.732  9.788   -9.795  1.00 11.94 ? 120 GLY A CA  1 
ATOM   922  C  C   . GLY A 1 120 ? -7.645  9.032   -11.114 1.00 14.54 ? 120 GLY A C   1 
ATOM   923  O  O   . GLY A 1 120 ? -8.518  9.195   -11.967 1.00 19.41 ? 120 GLY A O   1 
ATOM   924  N  N   . LYS A 1 121 ? -6.617  8.198   -11.279 1.00 12.97 ? 121 LYS A N   1 
ATOM   925  C  CA  . LYS A 1 121 ? -6.388  7.455   -12.523 1.00 11.35 ? 121 LYS A CA  1 
ATOM   926  C  C   . LYS A 1 121 ? -5.964  6.025   -12.203 1.00 10.52 ? 121 LYS A C   1 
ATOM   927  O  O   . LYS A 1 121 ? -5.159  5.814   -11.299 1.00 9.10  ? 121 LYS A O   1 
ATOM   928  C  CB  . LYS A 1 121 ? -5.296  8.149   -13.344 1.00 16.09 ? 121 LYS A CB  1 
ATOM   929  C  CG  . LYS A 1 121 ? -5.006  7.535   -14.706 1.00 23.26 ? 121 LYS A CG  1 
ATOM   930  C  CD  . LYS A 1 121 ? -4.038  8.412   -15.491 1.00 41.17 ? 121 LYS A CD  1 
ATOM   931  C  CE  . LYS A 1 121 ? -3.732  7.843   -16.867 1.00 55.22 ? 121 LYS A CE  1 
ATOM   932  N  NZ  . LYS A 1 121 ? -2.804  6.678   -16.820 1.00 48.14 ? 121 LYS A NZ  1 
ATOM   933  N  N   . HIS A 1 122 ? -6.502  5.055   -12.948 1.00 9.35  ? 122 HIS A N   1 
ATOM   934  C  CA  . HIS A 1 122 ? -6.141  3.637   -12.777 1.00 10.43 ? 122 HIS A CA  1 
ATOM   935  C  C   . HIS A 1 122 ? -4.636  3.431   -12.952 1.00 8.99  ? 122 HIS A C   1 
ATOM   936  O  O   . HIS A 1 122 ? -4.045  3.950   -13.899 1.00 6.17  ? 122 HIS A O   1 
ATOM   937  C  CB  . HIS A 1 122 ? -6.894  2.747   -13.774 1.00 11.64 ? 122 HIS A CB  1 
ATOM   938  C  CG  . HIS A 1 122 ? -6.443  1.317   -13.768 1.00 9.09  ? 122 HIS A CG  1 
ATOM   939  N  ND1 . HIS A 1 122 ? -6.699  0.460   -12.720 1.00 9.23  ? 122 HIS A ND1 1 
ATOM   940  C  CD2 . HIS A 1 122 ? -5.740  0.599   -14.676 1.00 10.48 ? 122 HIS A CD2 1 
ATOM   941  C  CE1 . HIS A 1 122 ? -6.182  -0.727  -12.984 1.00 9.36  ? 122 HIS A CE1 1 
ATOM   942  N  NE2 . HIS A 1 122 ? -5.595  -0.669  -14.166 1.00 10.85 ? 122 HIS A NE2 1 
ATOM   943  N  N   . THR A 1 123 ? -4.030  2.677   -12.036 1.00 7.39  ? 123 THR A N   1 
ATOM   944  C  CA  . THR A 1 123 ? -2.586  2.436   -12.055 1.00 7.39  ? 123 THR A CA  1 
ATOM   945  C  C   . THR A 1 123 ? -2.256  0.956   -12.260 1.00 8.05  ? 123 THR A C   1 
ATOM   946  O  O   . THR A 1 123 ? -1.504  0.619   -13.168 1.00 8.73  ? 123 THR A O   1 
ATOM   947  C  CB  . THR A 1 123 ? -1.919  2.982   -10.775 1.00 9.85  ? 123 THR A CB  1 
ATOM   948  O  OG1 . THR A 1 123 ? -2.212  4.381   -10.654 1.00 9.99  ? 123 THR A OG1 1 
ATOM   949  C  CG2 . THR A 1 123 ? -0.402  2.790   -10.812 1.00 8.68  ? 123 THR A CG2 1 
ATOM   950  N  N   . LEU A 1 124 ? -2.808  0.076   -11.428 1.00 6.94  ? 124 LEU A N   1 
ATOM   951  C  CA  . LEU A 1 124 ? -2.521  -1.356  -11.548 1.00 8.26  ? 124 LEU A CA  1 
ATOM   952  C  C   . LEU A 1 124 ? -3.567  -2.247  -10.899 1.00 6.75  ? 124 LEU A C   1 
ATOM   953  O  O   . LEU A 1 124 ? -4.370  -1.794  -10.080 1.00 6.24  ? 124 LEU A O   1 
ATOM   954  C  CB  . LEU A 1 124 ? -1.131  -1.673  -10.967 1.00 8.50  ? 124 LEU A CB  1 
ATOM   955  C  CG  . LEU A 1 124 ? -0.823  -1.325  -9.498  1.00 8.40  ? 124 LEU A CG  1 
ATOM   956  C  CD1 . LEU A 1 124 ? -1.369  -2.361  -8.517  1.00 9.08  ? 124 LEU A CD1 1 
ATOM   957  C  CD2 . LEU A 1 124 ? 0.682   -1.173  -9.306  1.00 8.64  ? 124 LEU A CD2 1 
ATOM   958  N  N   . LEU A 1 125 ? -3.542  -3.517  -11.297 1.00 7.91  ? 125 LEU A N   1 
ATOM   959  C  CA  . LEU A 1 125 ? -4.284  -4.585  -10.638 1.00 6.69  ? 125 LEU A CA  1 
ATOM   960  C  C   . LEU A 1 125 ? -3.287  -5.522  -9.965  1.00 8.84  ? 125 LEU A C   1 
ATOM   961  O  O   . LEU A 1 125 ? -2.163  -5.666  -10.440 1.00 9.74  ? 125 LEU A O   1 
ATOM   962  C  CB  . LEU A 1 125 ? -5.101  -5.374  -11.655 1.00 7.56  ? 125 LEU A CB  1 
ATOM   963  C  CG  . LEU A 1 125 ? -6.143  -4.593  -12.455 1.00 8.16  ? 125 LEU A CG  1 
ATOM   964  C  CD1 . LEU A 1 125 ? -6.748  -5.489  -13.526 1.00 9.88  ? 125 LEU A CD1 1 
ATOM   965  C  CD2 . LEU A 1 125 ? -7.217  -4.034  -11.535 1.00 6.28  ? 125 LEU A CD2 1 
ATOM   966  N  N   . TYR A 1 126 ? -3.703  -6.150  -8.867  1.00 7.05  ? 126 TYR A N   1 
ATOM   967  C  CA  . TYR A 1 126 ? -2.906  -7.191  -8.213  1.00 9.58  ? 126 TYR A CA  1 
ATOM   968  C  C   . TYR A 1 126 ? -3.816  -8.312  -7.722  1.00 7.45  ? 126 TYR A C   1 
ATOM   969  O  O   . TYR A 1 126 ? -4.623  -8.099  -6.818  1.00 5.88  ? 126 TYR A O   1 
ATOM   970  C  CB  . TYR A 1 126 ? -2.101  -6.607  -7.048  1.00 8.80  ? 126 TYR A CB  1 
ATOM   971  C  CG  . TYR A 1 126 ? -1.062  -7.558  -6.502  1.00 8.29  ? 126 TYR A CG  1 
ATOM   972  C  CD1 . TYR A 1 126 ? 0.171   -7.709  -7.137  1.00 7.65  ? 126 TYR A CD1 1 
ATOM   973  C  CD2 . TYR A 1 126 ? -1.314  -8.323  -5.362  1.00 7.56  ? 126 TYR A CD2 1 
ATOM   974  C  CE1 . TYR A 1 126 ? 1.130   -8.585  -6.648  1.00 10.44 ? 126 TYR A CE1 1 
ATOM   975  C  CE2 . TYR A 1 126 ? -0.360  -9.199  -4.859  1.00 8.32  ? 126 TYR A CE2 1 
ATOM   976  C  CZ  . TYR A 1 126 ? 0.860   -9.329  -5.508  1.00 9.10  ? 126 TYR A CZ  1 
ATOM   977  O  OH  . TYR A 1 126 ? 1.812   -10.196 -5.026  1.00 7.59  ? 126 TYR A OH  1 
ATOM   978  N  N   . GLY A 1 127 ? -3.693  -9.495  -8.325  1.00 7.97  ? 127 GLY A N   1 
ATOM   979  C  CA  . GLY A 1 127 ? -4.507  -10.653 -7.945  1.00 9.15  ? 127 GLY A CA  1 
ATOM   980  C  C   . GLY A 1 127 ? -4.168  -11.148 -6.550  1.00 8.08  ? 127 GLY A C   1 
ATOM   981  O  O   . GLY A 1 127 ? -3.009  -11.080 -6.133  1.00 10.10 ? 127 GLY A O   1 
ATOM   982  N  N   . HIS A 1 128 ? -5.174  -11.632 -5.820  1.00 7.48  ? 128 HIS A N   1 
ATOM   983  C  CA  . HIS A 1 128 ? -4.965  -12.097 -4.442  1.00 8.89  ? 128 HIS A CA  1 
ATOM   984  C  C   . HIS A 1 128 ? -4.145  -13.383 -4.433  1.00 9.76  ? 128 HIS A C   1 
ATOM   985  O  O   . HIS A 1 128 ? -4.498  -14.344 -5.109  1.00 10.72 ? 128 HIS A O   1 
ATOM   986  C  CB  . HIS A 1 128 ? -6.285  -12.364 -3.716  1.00 8.41  ? 128 HIS A CB  1 
ATOM   987  C  CG  . HIS A 1 128 ? -7.117  -11.143 -3.490  1.00 10.64 ? 128 HIS A CG  1 
ATOM   988  N  ND1 . HIS A 1 128 ? -6.613  -9.989  -2.930  1.00 9.55  ? 128 HIS A ND1 1 
ATOM   989  C  CD2 . HIS A 1 128 ? -8.427  -10.905 -3.727  1.00 7.04  ? 128 HIS A CD2 1 
ATOM   990  C  CE1 . HIS A 1 128 ? -7.573  -9.085  -2.850  1.00 9.48  ? 128 HIS A CE1 1 
ATOM   991  N  NE2 . HIS A 1 128 ? -8.686  -9.618  -3.325  1.00 8.48  ? 128 HIS A NE2 1 
ATOM   992  N  N   . ARG A 1 129 ? -3.051  -13.381 -3.675  1.00 10.80 ? 129 ARG A N   1 
ATOM   993  C  CA  . ARG A 1 129 ? -2.263  -14.590 -3.409  1.00 10.79 ? 129 ARG A CA  1 
ATOM   994  C  C   . ARG A 1 129 ? -2.522  -15.158 -2.011  1.00 10.60 ? 129 ARG A C   1 
ATOM   995  O  O   . ARG A 1 129 ? -2.303  -16.346 -1.776  1.00 9.55  ? 129 ARG A O   1 
ATOM   996  C  CB  . ARG A 1 129 ? -0.781  -14.294 -3.595  1.00 8.97  ? 129 ARG A CB  1 
ATOM   997  C  CG  . ARG A 1 129 ? -0.436  -13.809 -4.994  1.00 9.56  ? 129 ARG A CG  1 
ATOM   998  C  CD  . ARG A 1 129 ? 1.064   -13.737 -5.182  1.00 8.90  ? 129 ARG A CD  1 
ATOM   999  N  NE  . ARG A 1 129 ? 1.451   -12.953 -6.356  1.00 8.50  ? 129 ARG A NE  1 
ATOM   1000 C  CZ  . ARG A 1 129 ? 2.697   -12.570 -6.642  1.00 7.18  ? 129 ARG A CZ  1 
ATOM   1001 N  NH1 . ARG A 1 129 ? 3.717   -12.877 -5.839  1.00 9.64  ? 129 ARG A NH1 1 
ATOM   1002 N  NH2 . ARG A 1 129 ? 2.928   -11.853 -7.738  1.00 9.35  ? 129 ARG A NH2 1 
ATOM   1003 N  N   . ILE A 1 130 ? -2.952  -14.298 -1.087  1.00 9.02  ? 130 ILE A N   1 
ATOM   1004 C  CA  . ILE A 1 130 ? -3.472  -14.696 0.219   1.00 8.10  ? 130 ILE A CA  1 
ATOM   1005 C  C   . ILE A 1 130 ? -4.931  -14.247 0.245   1.00 9.42  ? 130 ILE A C   1 
ATOM   1006 O  O   . ILE A 1 130 ? -5.272  -13.229 -0.357  1.00 12.47 ? 130 ILE A O   1 
ATOM   1007 C  CB  . ILE A 1 130 ? -2.675  -14.027 1.363   1.00 11.30 ? 130 ILE A CB  1 
ATOM   1008 C  CG1 . ILE A 1 130 ? -1.198  -14.440 1.287   1.00 9.78  ? 130 ILE A CG1 1 
ATOM   1009 C  CG2 . ILE A 1 130 ? -3.273  -14.382 2.726   1.00 11.38 ? 130 ILE A CG2 1 
ATOM   1010 C  CD1 . ILE A 1 130 ? -0.300  -13.771 2.307   1.00 11.10 ? 130 ILE A CD1 1 
ATOM   1011 N  N   . GLY A 1 131 ? -5.794  -15.004 0.920   1.00 8.79  ? 131 GLY A N   1 
ATOM   1012 C  CA  . GLY A 1 131 ? -7.196  -14.607 1.079   1.00 9.66  ? 131 GLY A CA  1 
ATOM   1013 C  C   . GLY A 1 131 ? -7.269  -13.260 1.787   1.00 9.10  ? 131 GLY A C   1 
ATOM   1014 O  O   . GLY A 1 131 ? -6.670  -13.102 2.856   1.00 7.83  ? 131 GLY A O   1 
ATOM   1015 N  N   . PRO A 1 132 ? -7.974  -12.272 1.197   1.00 8.98  ? 132 PRO A N   1 
ATOM   1016 C  CA  . PRO A 1 132 ? -7.979  -10.926 1.788   1.00 11.13 ? 132 PRO A CA  1 
ATOM   1017 C  C   . PRO A 1 132 ? -8.658  -10.827 3.164   1.00 12.75 ? 132 PRO A C   1 
ATOM   1018 O  O   . PRO A 1 132 ? -8.402  -9.869  3.892   1.00 13.41 ? 132 PRO A O   1 
ATOM   1019 C  CB  . PRO A 1 132 ? -8.710  -10.075 0.738   1.00 13.02 ? 132 PRO A CB  1 
ATOM   1020 C  CG  . PRO A 1 132 ? -9.530  -11.039 -0.042  1.00 13.45 ? 132 PRO A CG  1 
ATOM   1021 C  CD  . PRO A 1 132 ? -8.794  -12.342 -0.029  1.00 10.98 ? 132 PRO A CD  1 
ATOM   1022 N  N   . GLU A 1 133 ? -9.501  -11.803 3.513   1.00 12.14 ? 133 GLU A N   1 
ATOM   1023 C  CA  . GLU A 1 133 ? -10.044 -11.922 4.879   1.00 17.70 ? 133 GLU A CA  1 
ATOM   1024 C  C   . GLU A 1 133 ? -8.978  -12.108 5.972   1.00 13.93 ? 133 GLU A C   1 
ATOM   1025 O  O   . GLU A 1 133 ? -9.234  -11.799 7.138   1.00 18.24 ? 133 GLU A O   1 
ATOM   1026 C  CB  . GLU A 1 133 ? -11.103 -13.045 4.973   1.00 18.32 ? 133 GLU A CB  1 
ATOM   1027 C  CG  . GLU A 1 133 ? -10.590 -14.488 5.044   1.00 19.18 ? 133 GLU A CG  1 
ATOM   1028 C  CD  . GLU A 1 133 ? -9.978  -15.011 3.750   1.00 19.48 ? 133 GLU A CD  1 
ATOM   1029 O  OE1 . GLU A 1 133 ? -10.128 -14.365 2.688   1.00 19.28 ? 133 GLU A OE1 1 
ATOM   1030 O  OE2 . GLU A 1 133 ? -9.344  -16.086 3.797   1.00 28.97 ? 133 GLU A OE2 1 
ATOM   1031 N  N   . LYS A 1 134 ? -7.804  -12.620 5.600   1.00 13.08 ? 134 LYS A N   1 
ATOM   1032 C  CA  . LYS A 1 134 ? -6.678  -12.764 6.535   1.00 13.02 ? 134 LYS A CA  1 
ATOM   1033 C  C   . LYS A 1 134 ? -5.912  -11.460 6.800   1.00 10.07 ? 134 LYS A C   1 
ATOM   1034 O  O   . LYS A 1 134 ? -5.091  -11.411 7.715   1.00 12.70 ? 134 LYS A O   1 
ATOM   1035 C  CB  . LYS A 1 134 ? -5.706  -13.835 6.036   1.00 15.75 ? 134 LYS A CB  1 
ATOM   1036 C  CG  . LYS A 1 134 ? -6.326  -15.220 5.923   1.00 22.43 ? 134 LYS A CG  1 
ATOM   1037 C  CD  . LYS A 1 134 ? -5.292  -16.257 5.521   1.00 29.40 ? 134 LYS A CD  1 
ATOM   1038 C  CE  . LYS A 1 134 ? -5.934  -17.614 5.286   1.00 36.87 ? 134 LYS A CE  1 
ATOM   1039 N  NZ  . LYS A 1 134 ? -4.950  -18.606 4.773   1.00 37.24 ? 134 LYS A NZ  1 
ATOM   1040 N  N   . ILE A 1 135 ? -6.167  -10.419 6.006   1.00 9.02  ? 135 ILE A N   1 
ATOM   1041 C  CA  . ILE A 1 135 ? -5.499  -9.127  6.179   1.00 8.59  ? 135 ILE A CA  1 
ATOM   1042 C  C   . ILE A 1 135 ? -6.186  -8.368  7.306   1.00 7.79  ? 135 ILE A C   1 
ATOM   1043 O  O   . ILE A 1 135 ? -7.406  -8.205  7.288   1.00 7.42  ? 135 ILE A O   1 
ATOM   1044 C  CB  . ILE A 1 135 ? -5.554  -8.277  4.889   1.00 10.41 ? 135 ILE A CB  1 
ATOM   1045 C  CG1 . ILE A 1 135 ? -4.843  -8.996  3.736   1.00 8.36  ? 135 ILE A CG1 1 
ATOM   1046 C  CG2 . ILE A 1 135 ? -4.927  -6.901  5.104   1.00 11.70 ? 135 ILE A CG2 1 
ATOM   1047 C  CD1 . ILE A 1 135 ? -5.170  -8.432  2.369   1.00 9.14  ? 135 ILE A CD1 1 
ATOM   1048 N  N   . ASP A 1 136 ? -5.402  -7.914  8.281   1.00 6.37  ? 136 ASP A N   1 
ATOM   1049 C  CA  . ASP A 1 136 ? -5.913  -7.057  9.356   1.00 6.55  ? 136 ASP A CA  1 
ATOM   1050 C  C   . ASP A 1 136 ? -5.056  -5.825  9.672   1.00 6.25  ? 136 ASP A C   1 
ATOM   1051 O  O   . ASP A 1 136 ? -5.420  -5.059  10.559  1.00 6.11  ? 136 ASP A O   1 
ATOM   1052 C  CB  . ASP A 1 136 ? -6.131  -7.887  10.631  1.00 6.53  ? 136 ASP A CB  1 
ATOM   1053 C  CG  . ASP A 1 136 ? -4.830  -8.398  11.253  1.00 11.94 ? 136 ASP A CG  1 
ATOM   1054 O  OD1 . ASP A 1 136 ? -3.729  -8.180  10.694  1.00 10.87 ? 136 ASP A OD1 1 
ATOM   1055 O  OD2 . ASP A 1 136 ? -4.916  -9.028  12.326  1.00 12.29 ? 136 ASP A OD2 1 
ATOM   1056 N  N   . THR A 1 137 ? -3.953  -5.616  8.944   1.00 6.19  ? 137 THR A N   1 
ATOM   1057 C  CA  . THR A 1 137 ? -2.965  -4.599  9.308   1.00 7.40  ? 137 THR A CA  1 
ATOM   1058 C  C   . THR A 1 137 ? -2.474  -3.830  8.084   1.00 6.42  ? 137 THR A C   1 
ATOM   1059 O  O   . THR A 1 137 ? -2.245  -4.414  7.020   1.00 8.69  ? 137 THR A O   1 
ATOM   1060 C  CB  . THR A 1 137 ? -1.770  -5.240  10.050  1.00 8.21  ? 137 THR A CB  1 
ATOM   1061 O  OG1 . THR A 1 137 ? -2.241  -5.865  11.245  1.00 6.66  ? 137 THR A OG1 1 
ATOM   1062 C  CG2 . THR A 1 137 ? -0.704  -4.202  10.419  1.00 10.60 ? 137 THR A CG2 1 
ATOM   1063 N  N   . LEU A 1 138 ? -2.336  -2.518  8.255   1.00 6.04  ? 138 LEU A N   1 
ATOM   1064 C  CA  . LEU A 1 138 ? -1.787  -1.625  7.244   1.00 5.28  ? 138 LEU A CA  1 
ATOM   1065 C  C   . LEU A 1 138 ? -0.426  -1.133  7.725   1.00 4.96  ? 138 LEU A C   1 
ATOM   1066 O  O   . LEU A 1 138 ? -0.324  -0.529  8.795   1.00 4.99  ? 138 LEU A O   1 
ATOM   1067 C  CB  . LEU A 1 138 ? -2.723  -0.437  7.022   1.00 5.42  ? 138 LEU A CB  1 
ATOM   1068 C  CG  . LEU A 1 138 ? -2.217  0.718   6.147   1.00 5.99  ? 138 LEU A CG  1 
ATOM   1069 C  CD1 . LEU A 1 138 ? -1.865  0.239   4.750   1.00 6.65  ? 138 LEU A CD1 1 
ATOM   1070 C  CD2 . LEU A 1 138 ? -3.267  1.812   6.098   1.00 7.48  ? 138 LEU A CD2 1 
ATOM   1071 N  N   . GLY A 1 139 ? 0.606   -1.396  6.928   1.00 5.15  ? 139 GLY A N   1 
ATOM   1072 C  CA  . GLY A 1 139 ? 1.954   -0.917  7.197   1.00 4.75  ? 139 GLY A CA  1 
ATOM   1073 C  C   . GLY A 1 139 ? 2.362   0.080   6.136   1.00 5.63  ? 139 GLY A C   1 
ATOM   1074 O  O   . GLY A 1 139 ? 2.130   -0.159  4.950   1.00 9.87  ? 139 GLY A O   1 
ATOM   1075 N  N   . ILE A 1 140 ? 2.942   1.204   6.556   1.00 5.25  ? 140 ILE A N   1 
ATOM   1076 C  CA  . ILE A 1 140 ? 3.540   2.172   5.633   1.00 5.40  ? 140 ILE A CA  1 
ATOM   1077 C  C   . ILE A 1 140 ? 4.966   2.449   6.109   1.00 6.69  ? 140 ILE A C   1 
ATOM   1078 O  O   . ILE A 1 140 ? 5.169   2.878   7.250   1.00 5.19  ? 140 ILE A O   1 
ATOM   1079 C  CB  . ILE A 1 140 ? 2.726   3.484   5.533   1.00 5.90  ? 140 ILE A CB  1 
ATOM   1080 C  CG1 . ILE A 1 140 ? 1.276   3.189   5.117   1.00 6.50  ? 140 ILE A CG1 1 
ATOM   1081 C  CG2 . ILE A 1 140 ? 3.371   4.438   4.529   1.00 6.11  ? 140 ILE A CG2 1 
ATOM   1082 C  CD1 . ILE A 1 140 ? 0.354   4.389   5.148   1.00 8.69  ? 140 ILE A CD1 1 
ATOM   1083 N  N   . TYR A 1 141 ? 5.942   2.189   5.238   1.00 6.67  ? 141 TYR A N   1 
ATOM   1084 C  CA  . TYR A 1 141 ? 7.366   2.277   5.582   1.00 8.30  ? 141 TYR A CA  1 
ATOM   1085 C  C   . TYR A 1 141 ? 8.148   3.004   4.488   1.00 9.89  ? 141 TYR A C   1 
ATOM   1086 O  O   . TYR A 1 141 ? 7.686   3.111   3.349   1.00 9.81  ? 141 TYR A O   1 
ATOM   1087 C  CB  . TYR A 1 141 ? 7.971   0.877   5.767   1.00 9.18  ? 141 TYR A CB  1 
ATOM   1088 C  CG  . TYR A 1 141 ? 7.138   -0.110  6.566   1.00 10.60 ? 141 TYR A CG  1 
ATOM   1089 C  CD1 . TYR A 1 141 ? 6.164   -0.897  5.945   1.00 9.91  ? 141 TYR A CD1 1 
ATOM   1090 C  CD2 . TYR A 1 141 ? 7.346   -0.285  7.936   1.00 11.15 ? 141 TYR A CD2 1 
ATOM   1091 C  CE1 . TYR A 1 141 ? 5.406   -1.810  6.667   1.00 12.19 ? 141 TYR A CE1 1 
ATOM   1092 C  CE2 . TYR A 1 141 ? 6.594   -1.199  8.667   1.00 11.49 ? 141 TYR A CE2 1 
ATOM   1093 C  CZ  . TYR A 1 141 ? 5.624   -1.958  8.031   1.00 10.32 ? 141 TYR A CZ  1 
ATOM   1094 O  OH  . TYR A 1 141 ? 4.878   -2.870  8.750   1.00 8.99  ? 141 TYR A OH  1 
ATOM   1095 N  N   . GLY A 1 142 ? 9.334   3.492   4.852   1.00 7.52  ? 142 GLY A N   1 
ATOM   1096 C  CA  . GLY A 1 142 ? 10.272  4.098   3.905   1.00 9.10  ? 142 GLY A CA  1 
ATOM   1097 C  C   . GLY A 1 142 ? 10.199  5.611   3.865   1.00 8.33  ? 142 GLY A C   1 
ATOM   1098 O  O   . GLY A 1 142 ? 9.677   6.239   4.790   1.00 10.02 ? 142 GLY A O   1 
ATOM   1099 N  N   . LYS A 1 143 ? 10.716  6.189   2.781   1.00 9.43  ? 143 LYS A N   1 
ATOM   1100 C  CA  . LYS A 1 143 ? 10.792  7.646   2.628   1.00 12.81 ? 143 LYS A CA  1 
ATOM   1101 C  C   . LYS A 1 143 ? 9.517   8.202   1.997   1.00 9.98  ? 143 LYS A C   1 
ATOM   1102 O  O   . LYS A 1 143 ? 9.403   8.316   0.773   1.00 12.01 ? 143 LYS A O   1 
ATOM   1103 C  CB  . LYS A 1 143 ? 12.041  8.052   1.835   1.00 18.69 ? 143 LYS A CB  1 
ATOM   1104 C  CG  . LYS A 1 143 ? 13.337  7.796   2.596   1.00 23.87 ? 143 LYS A CG  1 
ATOM   1105 C  CD  . LYS A 1 143 ? 14.498  8.625   2.068   1.00 39.61 ? 143 LYS A CD  1 
ATOM   1106 C  CE  . LYS A 1 143 ? 15.731  8.455   2.944   1.00 51.28 ? 143 LYS A CE  1 
ATOM   1107 N  NZ  . LYS A 1 143 ? 16.841  9.364   2.545   1.00 51.30 ? 143 LYS A NZ  1 
ATOM   1108 N  N   . VAL A 1 144 ? 8.557   8.521   2.861   1.00 8.21  ? 144 VAL A N   1 
ATOM   1109 C  CA  . VAL A 1 144 ? 7.273   9.096   2.459   1.00 10.21 ? 144 VAL A CA  1 
ATOM   1110 C  C   . VAL A 1 144 ? 6.678   9.883   3.629   1.00 8.47  ? 144 VAL A C   1 
ATOM   1111 O  O   . VAL A 1 144 ? 6.920   9.551   4.792   1.00 7.27  ? 144 VAL A O   1 
ATOM   1112 C  CB  . VAL A 1 144 ? 6.294   7.999   1.971   1.00 10.04 ? 144 VAL A CB  1 
ATOM   1113 C  CG1 . VAL A 1 144 ? 5.889   7.055   3.103   1.00 8.53  ? 144 VAL A CG1 1 
ATOM   1114 C  CG2 . VAL A 1 144 ? 5.070   8.606   1.296   1.00 10.71 ? 144 VAL A CG2 1 
ATOM   1115 N  N   . ASN A 1 145 ? 5.927   10.934  3.309   1.00 6.44  ? 145 ASN A N   1 
ATOM   1116 C  CA  . ASN A 1 145 ? 5.191   11.719  4.296   1.00 9.07  ? 145 ASN A CA  1 
ATOM   1117 C  C   . ASN A 1 145 ? 3.715   11.446  4.060   1.00 6.62  ? 145 ASN A C   1 
ATOM   1118 O  O   . ASN A 1 145 ? 3.213   11.708  2.971   1.00 10.57 ? 145 ASN A O   1 
ATOM   1119 C  CB  . ASN A 1 145 ? 5.477   13.212  4.125   1.00 11.07 ? 145 ASN A CB  1 
ATOM   1120 C  CG  . ASN A 1 145 ? 6.944   13.549  4.305   1.00 20.33 ? 145 ASN A CG  1 
ATOM   1121 O  OD1 . ASN A 1 145 ? 7.589   14.052  3.388   1.00 40.07 ? 145 ASN A OD1 1 
ATOM   1122 N  ND2 . ASN A 1 145 ? 7.480   13.265  5.487   1.00 20.83 ? 145 ASN A ND2 1 
ATOM   1123 N  N   . ILE A 1 146 ? 3.031   10.916  5.071   1.00 5.03  ? 146 ILE A N   1 
ATOM   1124 C  CA  . ILE A 1 146 ? 1.612   10.581  4.967   1.00 5.90  ? 146 ILE A CA  1 
ATOM   1125 C  C   . ILE A 1 146 ? 0.796   11.670  5.658   1.00 5.76  ? 146 ILE A C   1 
ATOM   1126 O  O   . ILE A 1 146 ? 0.998   11.949  6.838   1.00 4.77  ? 146 ILE A O   1 
ATOM   1127 C  CB  . ILE A 1 146 ? 1.322   9.194   5.587   1.00 5.36  ? 146 ILE A CB  1 
ATOM   1128 C  CG1 . ILE A 1 146 ? 2.077   8.094   4.816   1.00 6.13  ? 146 ILE A CG1 1 
ATOM   1129 C  CG2 . ILE A 1 146 ? -0.179  8.908   5.639   1.00 6.18  ? 146 ILE A CG2 1 
ATOM   1130 C  CD1 . ILE A 1 146 ? 1.790   8.018   3.328   1.00 7.07  ? 146 ILE A CD1 1 
ATOM   1131 N  N   . HIS A 1 147 ? -0.127  12.272  4.908   1.00 5.50  ? 147 HIS A N   1 
ATOM   1132 C  CA  . HIS A 1 147 ? -1.004  13.327  5.418   1.00 5.85  ? 147 HIS A CA  1 
ATOM   1133 C  C   . HIS A 1 147 ? -2.227  12.713  6.079   1.00 5.74  ? 147 HIS A C   1 
ATOM   1134 O  O   . HIS A 1 147 ? -2.596  13.108  7.185   1.00 3.91  ? 147 HIS A O   1 
ATOM   1135 C  CB  . HIS A 1 147 ? -1.452  14.268  4.299   1.00 7.70  ? 147 HIS A CB  1 
ATOM   1136 C  CG  . HIS A 1 147 ? -0.326  14.822  3.485   1.00 8.32  ? 147 HIS A CG  1 
ATOM   1137 N  ND1 . HIS A 1 147 ? -0.488  15.242  2.184   1.00 9.04  ? 147 HIS A ND1 1 
ATOM   1138 C  CD2 . HIS A 1 147 ? 0.983   15.005  3.779   1.00 8.59  ? 147 HIS A CD2 1 
ATOM   1139 C  CE1 . HIS A 1 147 ? 0.668   15.673  1.713   1.00 9.69  ? 147 HIS A CE1 1 
ATOM   1140 N  NE2 . HIS A 1 147 ? 1.576   15.540  2.662   1.00 8.06  ? 147 HIS A NE2 1 
ATOM   1141 N  N   . SER A 1 148 ? -2.855  11.752  5.401   1.00 5.49  ? 148 SER A N   1 
ATOM   1142 C  CA  . SER A 1 148 ? -4.022  11.068  5.951   1.00 5.08  ? 148 SER A CA  1 
ATOM   1143 C  C   . SER A 1 148 ? -4.174  9.632   5.451   1.00 5.49  ? 148 SER A C   1 
ATOM   1144 O  O   . SER A 1 148 ? -3.724  9.287   4.352   1.00 4.32  ? 148 SER A O   1 
ATOM   1145 C  CB  . SER A 1 148 ? -5.298  11.862  5.649   1.00 6.88  ? 148 SER A CB  1 
ATOM   1146 O  OG  . SER A 1 148 ? -5.513  11.976  4.255   1.00 6.52  ? 148 SER A OG  1 
ATOM   1147 N  N   . ILE A 1 149 ? -4.799  8.807   6.290   1.00 4.73  ? 149 ILE A N   1 
ATOM   1148 C  CA  . ILE A 1 149 ? -5.211  7.445   5.941   1.00 5.89  ? 149 ILE A CA  1 
ATOM   1149 C  C   . ILE A 1 149 ? -6.697  7.345   6.270   1.00 7.37  ? 149 ILE A C   1 
ATOM   1150 O  O   . ILE A 1 149 ? -7.089  7.627   7.401   1.00 8.44  ? 149 ILE A O   1 
ATOM   1151 C  CB  . ILE A 1 149 ? -4.448  6.383   6.760   1.00 5.74  ? 149 ILE A CB  1 
ATOM   1152 C  CG1 . ILE A 1 149 ? -2.933  6.485   6.516   1.00 5.92  ? 149 ILE A CG1 1 
ATOM   1153 C  CG2 . ILE A 1 149 ? -4.952  4.978   6.426   1.00 6.41  ? 149 ILE A CG2 1 
ATOM   1154 C  CD1 . ILE A 1 149 ? -2.089  5.809   7.577   1.00 6.37  ? 149 ILE A CD1 1 
ATOM   1155 N  N   . GLY A 1 150 ? -7.511  6.953   5.292   1.00 6.54  ? 150 GLY A N   1 
ATOM   1156 C  CA  . GLY A 1 150 ? -8.955  6.793   5.484   1.00 6.89  ? 150 GLY A CA  1 
ATOM   1157 C  C   . GLY A 1 150 ? -9.455  5.472   4.933   1.00 10.29 ? 150 GLY A C   1 
ATOM   1158 O  O   . GLY A 1 150 ? -8.839  4.893   4.033   1.00 8.85  ? 150 GLY A O   1 
ATOM   1159 N  N   . PHE A 1 151 ? -10.574 5.003   5.479   1.00 8.58  ? 151 PHE A N   1 
ATOM   1160 C  CA  . PHE A 1 151 ? -11.184 3.738   5.077   1.00 11.55 ? 151 PHE A CA  1 
ATOM   1161 C  C   . PHE A 1 151 ? -12.641 3.946   4.691   1.00 11.99 ? 151 PHE A C   1 
ATOM   1162 O  O   . PHE A 1 151 ? -13.342 4.747   5.310   1.00 11.53 ? 151 PHE A O   1 
ATOM   1163 C  CB  . PHE A 1 151 ? -11.102 2.719   6.216   1.00 8.53  ? 151 PHE A CB  1 
ATOM   1164 C  CG  . PHE A 1 151 ? -9.701  2.416   6.653   1.00 11.57 ? 151 PHE A CG  1 
ATOM   1165 C  CD1 . PHE A 1 151 ? -8.964  1.416   6.027   1.00 9.89  ? 151 PHE A CD1 1 
ATOM   1166 C  CD2 . PHE A 1 151 ? -9.110  3.136   7.685   1.00 12.34 ? 151 PHE A CD2 1 
ATOM   1167 C  CE1 . PHE A 1 151 ? -7.666  1.138   6.425   1.00 11.10 ? 151 PHE A CE1 1 
ATOM   1168 C  CE2 . PHE A 1 151 ? -7.813  2.863   8.087   1.00 11.28 ? 151 PHE A CE2 1 
ATOM   1169 C  CZ  . PHE A 1 151 ? -7.087  1.863   7.455   1.00 12.00 ? 151 PHE A CZ  1 
ATOM   1170 N  N   . SER A 1 152 ? -13.084 3.231   3.662   1.00 8.67  ? 152 SER A N   1 
ATOM   1171 C  CA  . SER A 1 152 ? -14.502 3.140   3.327   1.00 12.76 ? 152 SER A CA  1 
ATOM   1172 C  C   . SER A 1 152 ? -14.892 1.666   3.341   1.00 14.54 ? 152 SER A C   1 
ATOM   1173 O  O   . SER A 1 152 ? -14.428 0.889   2.505   1.00 13.24 ? 152 SER A O   1 
ATOM   1174 C  CB  . SER A 1 152 ? -14.787 3.763   1.960   1.00 15.19 ? 152 SER A CB  1 
ATOM   1175 O  OG  . SER A 1 152 ? -16.180 3.832   1.710   1.00 23.92 ? 152 SER A OG  1 
ATOM   1176 N  N   . PHE A 1 153 ? -15.709 1.288   4.319   1.00 10.33 ? 153 PHE A N   1 
ATOM   1177 C  CA  . PHE A 1 153 ? -16.276 -0.054  4.413   1.00 13.25 ? 153 PHE A CA  1 
ATOM   1178 C  C   . PHE A 1 153 ? -17.756 0.014   4.054   1.00 19.23 ? 153 PHE A C   1 
ATOM   1179 O  O   . PHE A 1 153 ? -18.315 1.104   3.899   1.00 16.09 ? 153 PHE A O   1 
ATOM   1180 C  CB  . PHE A 1 153 ? -16.124 -0.600  5.833   1.00 11.94 ? 153 PHE A CB  1 
ATOM   1181 C  CG  . PHE A 1 153 ? -14.707 -0.594  6.345   1.00 14.25 ? 153 PHE A CG  1 
ATOM   1182 C  CD1 . PHE A 1 153 ? -13.773 -1.507  5.866   1.00 11.68 ? 153 PHE A CD1 1 
ATOM   1183 C  CD2 . PHE A 1 153 ? -14.310 0.315   7.323   1.00 12.20 ? 153 PHE A CD2 1 
ATOM   1184 C  CE1 . PHE A 1 153 ? -12.467 -1.508  6.345   1.00 10.36 ? 153 PHE A CE1 1 
ATOM   1185 C  CE2 . PHE A 1 153 ? -13.009 0.318   7.804   1.00 11.41 ? 153 PHE A CE2 1 
ATOM   1186 C  CZ  . PHE A 1 153 ? -12.083 -0.590  7.313   1.00 11.39 ? 153 PHE A CZ  1 
ATOM   1187 N  N   . SER A 1 154 ? -18.386 -1.151  3.929   1.00 26.32 ? 154 SER A N   1 
ATOM   1188 C  CA  . SER A 1 154 ? -19.832 -1.231  3.721   1.00 41.00 ? 154 SER A CA  1 
ATOM   1189 C  C   . SER A 1 154 ? -20.575 -0.739  4.967   1.00 57.21 ? 154 SER A C   1 
ATOM   1190 O  O   . SER A 1 154 ? -20.387 -1.252  6.070   1.00 42.22 ? 154 SER A O   1 
ATOM   1191 C  CB  . SER A 1 154 ? -20.252 -2.664  3.379   1.00 46.81 ? 154 SER A CB  1 
ATOM   1192 O  OG  . SER A 1 154 ? -19.744 -3.589  4.326   1.00 46.01 ? 154 SER A OG  1 
HETATM 1193 C  C1  . NAG B 2 .   ? 16.110  -9.342  -5.186  1.00 29.87 ? 1   NAG B C1  1 
HETATM 1194 C  C2  . NAG B 2 .   ? 15.863  -8.287  -4.110  1.00 24.07 ? 1   NAG B C2  1 
HETATM 1195 C  C3  . NAG B 2 .   ? 14.605  -7.489  -4.450  1.00 18.12 ? 1   NAG B C3  1 
HETATM 1196 C  C4  . NAG B 2 .   ? 14.759  -6.866  -5.836  1.00 18.99 ? 1   NAG B C4  1 
HETATM 1197 C  C5  . NAG B 2 .   ? 15.121  -7.925  -6.883  1.00 24.00 ? 1   NAG B C5  1 
HETATM 1198 C  C6  . NAG B 2 .   ? 15.522  -7.291  -8.210  1.00 23.92 ? 1   NAG B C6  1 
HETATM 1199 C  C7  . NAG B 2 .   ? 16.556  -8.680  -1.765  1.00 52.41 ? 1   NAG B C7  1 
HETATM 1200 C  C8  . NAG B 2 .   ? 16.255  -9.466  -0.522  1.00 35.39 ? 1   NAG B C8  1 
HETATM 1201 N  N2  . NAG B 2 .   ? 15.752  -8.933  -2.808  1.00 26.01 ? 1   NAG B N2  1 
HETATM 1202 O  O1  . NAG B 2 .   ? 17.320  -10.056 -4.903  1.00 40.93 ? 1   NAG B O1  1 
HETATM 1203 O  O3  . NAG B 2 .   ? 14.395  -6.438  -3.492  1.00 12.73 ? 1   NAG B O3  1 
HETATM 1204 O  O4  . NAG B 2 .   ? 13.547  -6.185  -6.186  1.00 12.82 ? 1   NAG B O4  1 
HETATM 1205 O  O5  . NAG B 2 .   ? 16.238  -8.713  -6.461  1.00 22.33 ? 1   NAG B O5  1 
HETATM 1206 O  O6  . NAG B 2 .   ? 14.436  -6.537  -8.746  1.00 41.10 ? 1   NAG B O6  1 
HETATM 1207 O  O7  . NAG B 2 .   ? 17.476  -7.870  -1.787  1.00 34.82 ? 1   NAG B O7  1 
HETATM 1208 C  C1  . GAL B 2 .   ? 13.309  -6.722  -2.589  1.00 12.21 ? 2   GAL B C1  1 
HETATM 1209 C  C2  . GAL B 2 .   ? 13.379  -5.711  -1.443  1.00 12.90 ? 2   GAL B C2  1 
HETATM 1210 C  C3  . GAL B 2 .   ? 12.183  -5.840  -0.500  1.00 12.24 ? 2   GAL B C3  1 
HETATM 1211 C  C4  . GAL B 2 .   ? 10.868  -5.881  -1.271  1.00 8.84  ? 2   GAL B C4  1 
HETATM 1212 C  C5  . GAL B 2 .   ? 10.934  -6.953  -2.361  1.00 11.39 ? 2   GAL B C5  1 
HETATM 1213 C  C6  . GAL B 2 .   ? 9.642   -7.050  -3.169  1.00 12.36 ? 2   GAL B C6  1 
HETATM 1214 O  O2  . GAL B 2 .   ? 14.584  -5.888  -0.688  1.00 14.92 ? 2   GAL B O2  1 
HETATM 1215 O  O3  . GAL B 2 .   ? 12.179  -4.737  0.415   1.00 12.85 ? 2   GAL B O3  1 
HETATM 1216 O  O4  . GAL B 2 .   ? 10.619  -4.595  -1.846  1.00 8.10  ? 2   GAL B O4  1 
HETATM 1217 O  O5  . GAL B 2 .   ? 12.029  -6.667  -3.234  1.00 10.38 ? 2   GAL B O5  1 
HETATM 1218 O  O6  . GAL B 2 .   ? 9.757   -8.093  -4.147  1.00 9.72  ? 2   GAL B O6  1 
HETATM 1219 CL CL  . CL  C 3 .   ? 18.032  8.559   -10.114 1.00 36.66 ? 203 CL  A CL  1 
HETATM 1220 O  O   . HOH D 4 .   ? 6.169   -11.964 16.927  1.00 18.87 ? 301 HOH A O   1 
HETATM 1221 O  O   . HOH D 4 .   ? 12.614  -5.040  -9.637  1.00 18.31 ? 302 HOH A O   1 
HETATM 1222 O  O   . HOH D 4 .   ? 14.163  -1.606  -8.606  1.00 20.01 ? 303 HOH A O   1 
HETATM 1223 O  O   . HOH D 4 .   ? -10.637 14.524  6.630   1.00 23.74 ? 304 HOH A O   1 
HETATM 1224 O  O   . HOH D 4 .   ? 3.989   16.402  3.093   1.00 28.22 ? 305 HOH A O   1 
HETATM 1225 O  O   . HOH D 4 .   ? -4.074  -2.507  -15.278 1.00 17.45 ? 306 HOH A O   1 
HETATM 1226 O  O   . HOH D 4 .   ? -2.542  -4.659  13.570  1.00 14.41 ? 307 HOH A O   1 
HETATM 1227 O  O   . HOH D 4 .   ? 1.174   19.292  -1.444  1.00 27.02 ? 308 HOH A O   1 
HETATM 1228 O  O   . HOH D 4 .   ? 2.650   -4.044  -10.417 1.00 8.03  ? 309 HOH A O   1 
HETATM 1229 O  O   . HOH D 4 .   ? -12.489 -1.769  14.717  1.00 17.57 ? 310 HOH A O   1 
HETATM 1230 O  O   . HOH D 4 .   ? -1.342  -6.486  15.574  1.00 27.50 ? 311 HOH A O   1 
HETATM 1231 O  O   . HOH D 4 .   ? 0.752   -2.946  -14.320 1.00 18.02 ? 312 HOH A O   1 
HETATM 1232 O  O   . HOH D 4 .   ? -2.826  15.590  0.933   1.00 16.33 ? 313 HOH A O   1 
HETATM 1233 O  O   . HOH D 4 .   ? -15.148 1.131   11.173  1.00 21.07 ? 314 HOH A O   1 
HETATM 1234 O  O   . HOH D 4 .   ? 7.494   5.310   -8.665  1.00 14.18 ? 315 HOH A O   1 
HETATM 1235 O  O   . HOH D 4 .   ? -5.372  -4.529  17.131  1.00 26.17 ? 316 HOH A O   1 
HETATM 1236 O  O   . HOH D 4 .   ? -17.814 4.582   3.725   1.00 37.53 ? 317 HOH A O   1 
HETATM 1237 O  O   . HOH D 4 .   ? 16.570  -4.647  -2.034  1.00 28.93 ? 318 HOH A O   1 
HETATM 1238 O  O   . HOH D 4 .   ? 12.663  -14.445 11.383  1.00 15.81 ? 319 HOH A O   1 
HETATM 1239 O  O   . HOH D 4 .   ? 11.935  -9.240  5.061   1.00 28.54 ? 320 HOH A O   1 
HETATM 1240 O  O   . HOH D 4 .   ? 10.298  1.021   1.126   1.00 14.27 ? 321 HOH A O   1 
HETATM 1241 O  O   . HOH D 4 .   ? 14.606  -6.603  1.940   1.00 17.46 ? 322 HOH A O   1 
HETATM 1242 O  O   . HOH D 4 .   ? 2.695   -7.266  17.104  1.00 30.60 ? 323 HOH A O   1 
HETATM 1243 O  O   . HOH D 4 .   ? 6.172   -13.668 6.196   1.00 8.32  ? 324 HOH A O   1 
HETATM 1244 O  O   . HOH D 4 .   ? -16.448 -3.185  3.158   1.00 23.26 ? 325 HOH A O   1 
HETATM 1245 O  O   . HOH D 4 .   ? -1.941  8.137   -11.956 1.00 19.82 ? 326 HOH A O   1 
HETATM 1246 O  O   . HOH D 4 .   ? -7.349  13.966  3.889   1.00 16.83 ? 327 HOH A O   1 
HETATM 1247 O  O   . HOH D 4 .   ? -9.122  2.345   -6.386  1.00 6.03  ? 328 HOH A O   1 
HETATM 1248 O  O   . HOH D 4 .   ? 10.580  -7.679  10.360  1.00 13.65 ? 329 HOH A O   1 
HETATM 1249 O  O   . HOH D 4 .   ? 6.944   4.669   14.168  1.00 24.14 ? 330 HOH A O   1 
HETATM 1250 O  O   . HOH D 4 .   ? 12.623  -9.338  9.263   1.00 19.80 ? 331 HOH A O   1 
HETATM 1251 O  O   . HOH D 4 .   ? 14.885  -12.712 10.879  1.00 24.84 ? 332 HOH A O   1 
HETATM 1252 O  O   . HOH D 4 .   ? 15.072  -7.402  10.697  1.00 32.59 ? 333 HOH A O   1 
HETATM 1253 O  O   . HOH D 4 .   ? -2.474  -11.403 -1.808  1.00 6.41  ? 334 HOH A O   1 
HETATM 1254 O  O   . HOH D 4 .   ? 1.978   2.875   13.891  1.00 25.66 ? 335 HOH A O   1 
HETATM 1255 O  O   . HOH D 4 .   ? 12.878  -8.947  2.306   1.00 20.63 ? 336 HOH A O   1 
HETATM 1256 O  O   . HOH D 4 .   ? 17.640  8.034   0.268   1.00 42.13 ? 337 HOH A O   1 
HETATM 1257 O  O   . HOH D 4 .   ? -16.941 1.144   -2.435  1.00 13.96 ? 338 HOH A O   1 
HETATM 1258 O  O   . HOH D 4 .   ? 0.138   12.021  -11.335 1.00 24.88 ? 339 HOH A O   1 
HETATM 1259 O  O   . HOH D 4 .   ? -1.835  5.611   -13.101 1.00 25.78 ? 340 HOH A O   1 
HETATM 1260 O  O   . HOH D 4 .   ? 4.455   -4.609  10.863  1.00 12.62 ? 341 HOH A O   1 
HETATM 1261 O  O   . HOH D 4 .   ? 1.747   -18.272 6.550   1.00 14.55 ? 342 HOH A O   1 
HETATM 1262 O  O   . HOH D 4 .   ? -6.881  9.796   3.230   1.00 7.08  ? 343 HOH A O   1 
HETATM 1263 O  O   . HOH D 4 .   ? 9.303   17.993  -1.626  1.00 25.12 ? 344 HOH A O   1 
HETATM 1264 O  O   . HOH D 4 .   ? -0.722  -18.012 -3.331  1.00 10.78 ? 345 HOH A O   1 
HETATM 1265 O  O   . HOH D 4 .   ? 4.930   14.457  10.140  1.00 24.53 ? 346 HOH A O   1 
HETATM 1266 O  O   . HOH D 4 .   ? 0.651   -6.024  -10.697 1.00 13.00 ? 347 HOH A O   1 
HETATM 1267 O  O   . HOH D 4 .   ? -0.771  -11.578 -7.777  1.00 9.49  ? 348 HOH A O   1 
HETATM 1268 O  O   . HOH D 4 .   ? 11.323  8.777   -10.202 1.00 10.40 ? 349 HOH A O   1 
HETATM 1269 O  O   . HOH D 4 .   ? -1.950  -9.757  -10.628 1.00 9.19  ? 350 HOH A O   1 
HETATM 1270 O  O   . HOH D 4 .   ? 2.956   5.557   13.674  1.00 14.34 ? 351 HOH A O   1 
HETATM 1271 O  O   . HOH D 4 .   ? -1.949  13.809  14.025  1.00 17.83 ? 352 HOH A O   1 
HETATM 1272 O  O   . HOH D 4 .   ? -4.964  -10.422 -0.714  1.00 4.27  ? 353 HOH A O   1 
HETATM 1273 O  O   . HOH D 4 .   ? -4.131  -16.823 -6.349  1.00 10.64 ? 354 HOH A O   1 
HETATM 1274 O  O   . HOH D 4 .   ? -0.022  2.299   -14.842 1.00 24.04 ? 355 HOH A O   1 
HETATM 1275 O  O   . HOH D 4 .   ? -5.459  1.931   11.660  1.00 14.34 ? 356 HOH A O   1 
HETATM 1276 O  O   . HOH D 4 .   ? 5.383   -14.782 10.238  1.00 20.22 ? 357 HOH A O   1 
HETATM 1277 O  O   . HOH D 4 .   ? -0.430  15.857  13.779  1.00 7.32  ? 358 HOH A O   1 
HETATM 1278 O  O   . HOH D 4 .   ? 14.587  2.262   -11.296 1.00 22.23 ? 359 HOH A O   1 
HETATM 1279 O  O   . HOH D 4 .   ? 5.920   -5.157  6.128   1.00 12.83 ? 360 HOH A O   1 
HETATM 1280 O  O   . HOH D 4 .   ? 3.750   11.201  7.776   1.00 16.21 ? 361 HOH A O   1 
HETATM 1281 O  O   . HOH D 4 .   ? 2.605   18.187  -5.208  1.00 21.46 ? 362 HOH A O   1 
HETATM 1282 O  O   . HOH D 4 .   ? -16.216 -4.594  5.757   1.00 15.89 ? 363 HOH A O   1 
HETATM 1283 O  O   . HOH D 4 .   ? -5.466  11.167  13.575  1.00 8.41  ? 364 HOH A O   1 
HETATM 1284 O  O   . HOH D 4 .   ? 4.907   -4.176  13.679  1.00 19.18 ? 365 HOH A O   1 
HETATM 1285 O  O   . HOH D 4 .   ? 0.078   -9.618  14.927  1.00 13.63 ? 366 HOH A O   1 
HETATM 1286 O  O   . HOH D 4 .   ? -17.167 -0.271  9.626   1.00 18.47 ? 367 HOH A O   1 
HETATM 1287 O  O   . HOH D 4 .   ? -8.279  10.905  13.781  1.00 8.86  ? 368 HOH A O   1 
HETATM 1288 O  O   . HOH D 4 .   ? 2.114   14.532  7.149   1.00 15.88 ? 369 HOH A O   1 
HETATM 1289 O  O   . HOH D 4 .   ? 12.179  -11.913 8.178   1.00 17.17 ? 370 HOH A O   1 
HETATM 1290 O  O   . HOH D 4 .   ? 5.448   -7.664  7.341   1.00 6.17  ? 371 HOH A O   1 
HETATM 1291 O  O   . HOH D 4 .   ? -12.356 9.193   11.640  1.00 23.32 ? 372 HOH A O   1 
HETATM 1292 O  O   . HOH D 4 .   ? -11.945 13.247  11.037  1.00 15.80 ? 373 HOH A O   1 
HETATM 1293 O  O   . HOH D 4 .   ? -6.997  -13.125 -9.507  1.00 16.08 ? 374 HOH A O   1 
HETATM 1294 O  O   . HOH D 4 .   ? 6.276   9.582   -12.643 1.00 17.60 ? 375 HOH A O   1 
HETATM 1295 O  O   . HOH D 4 .   ? -3.908  0.088   15.311  1.00 12.31 ? 376 HOH A O   1 
HETATM 1296 O  O   . HOH D 4 .   ? -8.336  5.915   -14.954 1.00 16.03 ? 377 HOH A O   1 
HETATM 1297 O  O   . HOH D 4 .   ? -15.111 6.464   11.662  1.00 27.66 ? 378 HOH A O   1 
HETATM 1298 O  O   . HOH D 4 .   ? -15.592 -7.853  -6.302  1.00 8.10  ? 379 HOH A O   1 
HETATM 1299 O  O   . HOH D 4 .   ? 11.739  -10.147 -4.214  1.00 15.54 ? 380 HOH A O   1 
HETATM 1300 O  O   . HOH D 4 .   ? 5.133   -15.237 -1.316  1.00 13.72 ? 381 HOH A O   1 
HETATM 1301 O  O   . HOH D 4 .   ? 14.723  9.981   -10.663 1.00 28.68 ? 382 HOH A O   1 
HETATM 1302 O  O   . HOH D 4 .   ? -2.791  14.448  -1.715  1.00 20.77 ? 383 HOH A O   1 
HETATM 1303 O  O   . HOH D 4 .   ? -12.372 -12.889 -1.836  1.00 18.18 ? 384 HOH A O   1 
HETATM 1304 O  O   . HOH D 4 .   ? 6.504   -19.061 1.043   1.00 20.89 ? 385 HOH A O   1 
HETATM 1305 O  O   . HOH D 4 .   ? 1.946   12.252  -7.389  1.00 12.40 ? 386 HOH A O   1 
HETATM 1306 O  O   . HOH D 4 .   ? 10.882  11.433  -9.242  1.00 21.23 ? 387 HOH A O   1 
HETATM 1307 O  O   . HOH D 4 .   ? -1.476  -15.258 5.714   1.00 17.66 ? 388 HOH A O   1 
HETATM 1308 O  O   . HOH D 4 .   ? -10.101 -8.641  6.384   1.00 10.32 ? 389 HOH A O   1 
HETATM 1309 O  O   . HOH D 4 .   ? 8.689   8.736   -14.101 1.00 32.86 ? 390 HOH A O   1 
HETATM 1310 O  O   . HOH D 4 .   ? 4.804   -15.917 -6.562  1.00 11.32 ? 391 HOH A O   1 
HETATM 1311 O  O   . HOH D 4 .   ? -3.087  14.005  -5.969  1.00 30.26 ? 392 HOH A O   1 
HETATM 1312 O  O   . HOH D 4 .   ? 6.680   -7.813  -13.871 1.00 14.20 ? 393 HOH A O   1 
HETATM 1313 O  O   . HOH D 4 .   ? 10.538  -11.799 -8.820  1.00 15.75 ? 394 HOH A O   1 
HETATM 1314 O  O   . HOH D 4 .   ? -7.988  0.149   14.310  1.00 12.69 ? 395 HOH A O   1 
HETATM 1315 O  O   . HOH D 4 .   ? 7.372   10.287  10.335  1.00 21.25 ? 396 HOH A O   1 
HETATM 1316 O  O   . HOH D 4 .   ? 1.881   -11.273 12.162  1.00 10.77 ? 397 HOH A O   1 
HETATM 1317 O  O   . HOH D 4 .   ? 1.507   -13.529 9.142   1.00 13.63 ? 398 HOH A O   1 
HETATM 1318 O  O   . HOH D 4 .   ? 10.365  3.187   7.545   1.00 11.94 ? 399 HOH A O   1 
HETATM 1319 O  O   . HOH D 4 .   ? 1.602   7.989   14.556  1.00 22.75 ? 400 HOH A O   1 
HETATM 1320 O  O   . HOH D 4 .   ? 5.315   1.495   13.732  1.00 19.23 ? 401 HOH A O   1 
HETATM 1321 O  O   . HOH D 4 .   ? -9.516  6.928   13.557  1.00 21.90 ? 402 HOH A O   1 
HETATM 1322 O  O   . HOH D 4 .   ? 8.885   7.360   -10.164 1.00 19.32 ? 403 HOH A O   1 
HETATM 1323 O  O   . HOH D 4 .   ? -12.567 -14.344 1.103   1.00 25.90 ? 404 HOH A O   1 
HETATM 1324 O  O   . HOH D 4 .   ? -1.985  -3.925  -13.722 1.00 10.02 ? 405 HOH A O   1 
HETATM 1325 O  O   . HOH D 4 .   ? -5.689  -12.690 10.261  1.00 31.33 ? 406 HOH A O   1 
HETATM 1326 O  O   . HOH D 4 .   ? -1.901  -18.064 0.541   1.00 20.64 ? 407 HOH A O   1 
HETATM 1327 O  O   . HOH D 4 .   ? -1.799  10.095  14.080  1.00 16.81 ? 408 HOH A O   1 
HETATM 1328 O  O   . HOH D 4 .   ? -17.678 -6.936  9.246   1.00 26.56 ? 409 HOH A O   1 
HETATM 1329 O  O   . HOH D 4 .   ? -4.478  4.223   -16.772 1.00 26.89 ? 410 HOH A O   1 
HETATM 1330 O  O   . HOH D 4 .   ? -6.678  8.207   -6.646  1.00 11.19 ? 411 HOH A O   1 
HETATM 1331 O  O   . HOH D 4 .   ? 3.385   -0.176  -16.787 1.00 25.15 ? 412 HOH A O   1 
HETATM 1332 O  O   . HOH D 4 .   ? 10.274  -4.856  2.625   1.00 2.00  ? 413 HOH A O   1 
HETATM 1333 O  O   . HOH D 4 .   ? 10.645  8.028   6.892   1.00 35.16 ? 414 HOH A O   1 
HETATM 1334 O  O   . HOH D 4 .   ? 3.575   -16.386 8.645   1.00 18.29 ? 415 HOH A O   1 
HETATM 1335 O  O   . HOH D 4 .   ? 13.763  -11.007 -2.230  1.00 33.92 ? 416 HOH A O   1 
HETATM 1336 O  O   . HOH D 4 .   ? 4.334   11.371  -6.083  1.00 14.35 ? 417 HOH A O   1 
HETATM 1337 O  O   . HOH D 4 .   ? 11.675  17.241  0.083   1.00 30.31 ? 418 HOH A O   1 
HETATM 1338 O  O   . HOH D 4 .   ? -4.698  -13.943 -8.015  1.00 19.93 ? 419 HOH A O   1 
HETATM 1339 O  O   . HOH D 4 .   ? 14.303  -2.888  1.259   1.00 22.40 ? 420 HOH A O   1 
HETATM 1340 O  O   . HOH D 4 .   ? 9.386   16.134  -9.667  1.00 34.21 ? 421 HOH A O   1 
HETATM 1341 O  O   . HOH D 4 .   ? 10.771  -17.737 11.421  1.00 27.82 ? 422 HOH A O   1 
HETATM 1342 O  O   . HOH D 4 .   ? -5.425  -17.808 1.756   1.00 18.31 ? 423 HOH A O   1 
HETATM 1343 O  O   . HOH D 4 .   ? -6.995  12.081  -6.860  1.00 38.39 ? 424 HOH A O   1 
HETATM 1344 O  O   . HOH D 4 .   ? -3.583  -8.235  14.836  1.00 20.98 ? 425 HOH A O   1 
HETATM 1345 O  O   . HOH D 4 .   ? -3.572  -11.680 12.437  1.00 32.00 ? 426 HOH A O   1 
HETATM 1346 O  O   . HOH D 4 .   ? -11.167 -13.659 -11.591 1.00 24.68 ? 427 HOH A O   1 
HETATM 1347 O  O   . HOH D 4 .   ? -17.415 -8.982  7.040   1.00 31.56 ? 428 HOH A O   1 
HETATM 1348 O  O   . HOH D 4 .   ? 6.635   16.763  2.672   1.00 33.26 ? 429 HOH A O   1 
HETATM 1349 O  O   . HOH D 4 .   ? 11.005  10.094  -12.772 1.00 26.77 ? 430 HOH A O   1 
HETATM 1350 O  O   . HOH D 4 .   ? 11.890  -9.258  -10.682 1.00 31.86 ? 431 HOH A O   1 
HETATM 1351 O  O   . HOH D 4 .   ? 12.190  -15.672 -2.954  1.00 28.12 ? 432 HOH A O   1 
HETATM 1352 O  O   . HOH D 4 .   ? -12.514 -10.485 2.673   1.00 23.14 ? 433 HOH A O   1 
HETATM 1353 O  O   . HOH D 4 .   ? 4.298   15.981  13.123  1.00 21.18 ? 434 HOH A O   1 
HETATM 1354 O  O   . HOH D 4 .   ? 15.756  -4.033  -7.836  1.00 31.88 ? 435 HOH A O   1 
HETATM 1355 O  O   . HOH D 4 .   ? 5.116   -11.569 -12.653 1.00 30.70 ? 436 HOH A O   1 
HETATM 1356 O  O   . HOH D 4 .   ? -8.045  -10.859 9.702   1.00 29.17 ? 437 HOH A O   1 
HETATM 1357 O  O   . HOH D 4 .   ? 5.993   -6.876  10.090  1.00 11.36 ? 438 HOH A O   1 
HETATM 1358 O  O   . HOH D 4 .   ? -17.550 3.570   -0.924  1.00 26.49 ? 439 HOH A O   1 
HETATM 1359 O  O   . HOH D 4 .   ? -14.755 9.923   10.047  1.00 33.32 ? 440 HOH A O   1 
HETATM 1360 O  O   . HOH D 4 .   ? 17.387  10.467  -14.285 1.00 23.42 ? 441 HOH A O   1 
HETATM 1361 O  O   . HOH D 4 .   ? 14.619  -1.492  -3.468  1.00 17.19 ? 442 HOH A O   1 
HETATM 1362 O  O   . HOH D 4 .   ? 6.234   6.627   -15.722 1.00 27.58 ? 443 HOH A O   1 
HETATM 1363 O  O   . HOH D 4 .   ? -22.088 1.579   2.339   1.00 34.05 ? 444 HOH A O   1 
HETATM 1364 O  O   . HOH D 4 .   ? 3.586   -15.032 -3.757  1.00 7.11  ? 445 HOH A O   1 
HETATM 1365 O  O   . HOH D 4 .   ? -16.992 0.333   0.923   1.00 25.70 ? 446 HOH A O   1 
HETATM 1366 O  O   . HOH D 4 .   ? 0.642   -7.742  -13.335 1.00 27.07 ? 447 HOH A O   1 
HETATM 1367 O  O   . HOH D 4 .   ? 4.724   -2.823  -16.609 1.00 40.31 ? 448 HOH A O   1 
HETATM 1368 O  O   . HOH D 4 .   ? 12.862  2.264   -13.722 1.00 22.67 ? 449 HOH A O   1 
HETATM 1369 O  O   . HOH D 4 .   ? 0.290   5.281   -14.974 1.00 33.91 ? 450 HOH A O   1 
HETATM 1370 O  O   . HOH D 4 .   ? -18.694 -3.482  7.225   1.00 28.74 ? 451 HOH A O   1 
HETATM 1371 O  O   . HOH D 4 .   ? -8.015  3.376   11.550  1.00 17.21 ? 452 HOH A O   1 
HETATM 1372 O  O   . HOH D 4 .   ? 14.367  4.104   -15.530 1.00 21.81 ? 453 HOH A O   1 
HETATM 1373 O  O   . HOH D 4 .   ? 8.633   -17.929 8.704   1.00 28.08 ? 454 HOH A O   1 
HETATM 1374 O  O   . HOH D 4 .   ? 13.470  4.168   2.241   1.00 20.42 ? 455 HOH A O   1 
HETATM 1375 O  O   . HOH D 4 .   ? 3.606   13.209  -9.575  1.00 39.64 ? 456 HOH A O   1 
HETATM 1376 O  O   . HOH D 4 .   ? -10.874 10.105  -2.881  1.00 39.72 ? 457 HOH A O   1 
HETATM 1377 O  O   . HOH D 4 .   ? 12.631  -14.050 -0.277  1.00 17.02 ? 458 HOH A O   1 
HETATM 1378 O  O   . HOH D 4 .   ? 2.362   -21.757 6.664   1.00 27.56 ? 459 HOH A O   1 
HETATM 1379 O  O   . HOH D 4 .   ? 17.748  9.884   -3.549  1.00 28.87 ? 460 HOH A O   1 
HETATM 1380 O  O   . HOH D 4 .   ? 16.711  1.679   -2.094  1.00 27.54 ? 461 HOH A O   1 
HETATM 1381 O  O   . HOH D 4 .   ? -12.186 -9.323  -0.569  1.00 94.07 ? 462 HOH A O   1 
HETATM 1382 O  O   . HOH D 4 .   ? -12.282 -9.501  -8.921  1.00 2.65  ? 463 HOH A O   1 
HETATM 1383 O  O   . HOH D 4 .   ? -5.687  14.041  -2.294  1.00 23.94 ? 464 HOH A O   1 
HETATM 1384 O  O   . HOH D 4 .   ? 18.771  8.245   -7.062  1.00 22.86 ? 465 HOH A O   1 
HETATM 1385 O  O   . HOH D 4 .   ? -0.539  -2.408  14.865  1.00 29.85 ? 466 HOH A O   1 
HETATM 1386 O  O   . HOH D 4 .   ? 7.126   -22.320 4.365   1.00 30.53 ? 467 HOH A O   1 
HETATM 1387 O  O   . HOH D 4 .   ? -19.785 -6.069  2.374   1.00 25.87 ? 468 HOH A O   1 
HETATM 1388 O  O   . HOH D 4 .   ? -1.030  2.925   14.777  1.00 27.63 ? 469 HOH A O   1 
HETATM 1389 O  O   . HOH D 4 .   ? -10.517 7.795   -9.945  1.00 48.39 ? 470 HOH A O   1 
HETATM 1390 O  O   . HOH D 4 .   ? 2.007   7.644   -14.914 1.00 39.61 ? 471 HOH A O   1 
HETATM 1391 O  O   . HOH D 4 .   ? -9.254  3.952   -11.620 1.00 21.64 ? 472 HOH A O   1 
HETATM 1392 O  O   . HOH D 4 .   ? -5.868  -8.999  -11.930 1.00 24.89 ? 473 HOH A O   1 
HETATM 1393 O  O   . HOH D 4 .   ? -9.827  12.448  4.753   1.00 46.89 ? 474 HOH A O   1 
HETATM 1394 O  O   . HOH D 4 .   ? 4.020   -14.664 14.731  1.00 31.96 ? 475 HOH A O   1 
HETATM 1395 O  O   . HOH D 4 .   ? 15.172  9.057   -15.780 1.00 34.89 ? 476 HOH A O   1 
HETATM 1396 O  O   . HOH D 4 .   ? 11.046  -11.863 5.493   1.00 25.07 ? 477 HOH A O   1 
HETATM 1397 O  O   . HOH D 4 .   ? -12.303 13.258  1.303   1.00 34.72 ? 478 HOH A O   1 
HETATM 1398 O  O   . HOH D 4 .   ? 8.497   -4.298  7.278   1.00 15.44 ? 479 HOH A O   1 
HETATM 1399 O  O   . HOH D 4 .   ? 2.521   -4.791  -15.871 1.00 43.91 ? 480 HOH A O   1 
HETATM 1400 O  O   . HOH D 4 .   ? 12.951  -4.597  3.920   1.00 32.27 ? 481 HOH A O   1 
HETATM 1401 O  O   . HOH D 4 .   ? 11.956  -18.898 -5.922  1.00 26.71 ? 482 HOH A O   1 
HETATM 1402 O  O   . HOH D 4 .   ? 5.958   -17.651 9.972   1.00 33.67 ? 483 HOH A O   1 
HETATM 1403 O  O   . HOH D 4 .   ? -1.955  15.984  -4.127  1.00 34.21 ? 484 HOH A O   1 
HETATM 1404 O  O   . HOH D 4 .   ? 12.986  10.905  -14.861 1.00 33.07 ? 485 HOH A O   1 
HETATM 1405 O  O   . HOH D 4 .   ? 0.032   -16.038 -7.880  1.00 26.39 ? 486 HOH A O   1 
HETATM 1406 O  O   . HOH D 4 .   ? -11.066 8.686   -5.444  1.00 23.95 ? 487 HOH A O   1 
HETATM 1407 O  O   . HOH D 4 .   ? -7.081  15.871  1.920   1.00 15.49 ? 488 HOH A O   1 
HETATM 1408 O  O   . HOH D 4 .   ? 0.410   -0.421  -16.308 1.00 40.70 ? 489 HOH A O   1 
HETATM 1409 O  O   . HOH D 4 .   ? 16.104  -1.910  -0.971  1.00 38.05 ? 490 HOH A O   1 
HETATM 1410 O  O   . HOH D 4 .   ? 5.738   12.316  11.894  1.00 30.41 ? 491 HOH A O   1 
HETATM 1411 O  O   . HOH D 4 .   ? 7.815   -18.412 -3.903  1.00 36.41 ? 492 HOH A O   1 
HETATM 1412 O  O   . HOH D 4 .   ? 5.524   -7.136  17.719  1.00 22.20 ? 493 HOH A O   1 
HETATM 1413 O  O   . HOH D 4 .   ? -3.197  -8.575  -12.845 1.00 19.45 ? 494 HOH A O   1 
HETATM 1414 O  O   . HOH D 4 .   ? -12.755 0.964   15.664  1.00 24.94 ? 495 HOH A O   1 
HETATM 1415 O  O   . HOH D 4 .   ? -8.497  -20.177 5.519   1.00 26.23 ? 496 HOH A O   1 
HETATM 1416 O  O   . HOH D 4 .   ? -11.010 11.488  13.045  1.00 16.67 ? 497 HOH A O   1 
HETATM 1417 O  O   . HOH D 4 .   ? 8.578   -5.897  9.594   1.00 25.49 ? 498 HOH A O   1 
HETATM 1418 O  O   . HOH D 4 .   ? 3.904   -10.391 17.721  1.00 30.13 ? 499 HOH A O   1 
HETATM 1419 O  O   . HOH D 4 .   ? 12.778  1.839   5.986   1.00 31.13 ? 500 HOH A O   1 
HETATM 1420 O  O   . HOH D 4 .   ? -6.442  -0.393  16.727  1.00 20.14 ? 501 HOH A O   1 
HETATM 1421 O  O   . HOH D 4 .   ? 12.310  1.551   3.038   1.00 21.94 ? 502 HOH A O   1 
HETATM 1422 O  O   . HOH D 4 .   ? 3.328   -13.737 11.979  1.00 17.44 ? 503 HOH A O   1 
HETATM 1423 O  O   . HOH D 4 .   ? -1.095  19.055  -3.378  1.00 36.29 ? 504 HOH A O   1 
HETATM 1424 O  O   . HOH D 4 .   ? -1.610  -0.669  16.998  1.00 34.89 ? 505 HOH A O   1 
HETATM 1425 O  O   . HOH D 4 .   ? -8.200  -18.463 0.748   1.00 29.79 ? 506 HOH A O   1 
HETATM 1426 O  O   . HOH D 4 .   ? 5.036   -23.545 2.610   1.00 25.74 ? 507 HOH A O   1 
HETATM 1427 O  O   . HOH D 4 .   ? 12.671  -11.187 -6.838  1.00 32.89 ? 508 HOH A O   1 
HETATM 1428 O  O   . HOH D 4 .   ? -1.936  -13.933 -8.834  1.00 13.11 ? 509 HOH A O   1 
HETATM 1429 O  O   . HOH D 4 .   ? 5.945   -18.030 -1.590  1.00 20.07 ? 510 HOH A O   1 
HETATM 1430 O  O   . HOH D 4 .   ? -12.461 7.404   14.075  1.00 40.14 ? 511 HOH A O   1 
HETATM 1431 O  O   . HOH D 4 .   ? -9.297  7.339   -7.290  1.00 14.28 ? 512 HOH A O   1 
HETATM 1432 O  O   . HOH D 4 .   ? -5.352  -11.772 -11.414 1.00 24.89 ? 513 HOH A O   1 
HETATM 1433 O  O   . HOH D 4 .   ? -1.919  -6.670  -14.537 1.00 25.82 ? 514 HOH A O   1 
HETATM 1434 O  O   . HOH D 4 .   ? -9.576  -1.915  14.977  1.00 10.28 ? 515 HOH A O   1 
HETATM 1435 O  O   . HOH D 4 .   ? 1.984   -4.878  19.036  1.00 32.80 ? 516 HOH A O   1 
HETATM 1436 O  O   . HOH D 4 .   ? -14.166 12.840  9.150   1.00 36.63 ? 517 HOH A O   1 
HETATM 1437 O  O   . HOH D 4 .   ? 13.590  -7.859  6.983   1.00 22.28 ? 518 HOH A O   1 
HETATM 1438 O  O   . HOH D 4 .   ? -2.440  -0.887  -17.201 1.00 23.66 ? 519 HOH A O   1 
HETATM 1439 O  O   . HOH D 4 .   ? 8.378   -21.256 -3.090  1.00 33.65 ? 520 HOH A O   1 
HETATM 1440 O  O   . HOH D 4 .   ? -4.266  2.831   14.104  1.00 11.34 ? 521 HOH A O   1 
HETATM 1441 O  O   . HOH D 4 .   ? -21.007 -12.063 -7.885  1.00 26.50 ? 522 HOH A O   1 
HETATM 1442 O  O   . HOH D 4 .   ? 0.067   -12.510 14.070  1.00 30.09 ? 523 HOH A O   1 
HETATM 1443 O  O   . HOH D 4 .   ? 14.276  4.822   5.022   1.00 28.20 ? 524 HOH A O   1 
HETATM 1444 O  O   . HOH D 4 .   ? -2.462  -12.475 -11.427 1.00 35.75 ? 525 HOH A O   1 
HETATM 1445 O  O   . HOH D 4 .   ? -7.682  7.100   15.867  1.00 24.59 ? 526 HOH A O   1 
HETATM 1446 O  O   . HOH D 4 .   ? 0.346   -19.553 4.197   1.00 24.02 ? 527 HOH A O   1 
HETATM 1447 O  O   . HOH D 4 .   ? 8.473   -20.930 2.057   1.00 27.15 ? 528 HOH A O   1 
HETATM 1448 O  O   . HOH D 4 .   ? 7.406   -0.271  12.529  1.00 21.26 ? 529 HOH A O   1 
HETATM 1449 O  O   . HOH D 4 .   ? 7.224   -16.720 17.300  1.00 33.25 ? 530 HOH A O   1 
HETATM 1450 O  O   . HOH D 4 .   ? -1.354  10.492  -13.317 1.00 23.01 ? 531 HOH A O   1 
HETATM 1451 O  O   . HOH D 4 .   ? -5.732  -4.479  -16.793 1.00 33.86 ? 532 HOH A O   1 
HETATM 1452 O  O   . HOH D 4 .   ? -2.565  -20.907 -0.887  1.00 27.19 ? 533 HOH A O   1 
HETATM 1453 O  O   . HOH D 4 .   ? 15.254  1.046   -8.707  1.00 19.63 ? 534 HOH A O   1 
HETATM 1454 O  O   . HOH D 4 .   ? -13.760 -11.694 0.278   1.00 32.56 ? 535 HOH A O   1 
HETATM 1455 O  O   . HOH D 4 .   ? -1.088  7.178   13.762  1.00 22.60 ? 536 HOH A O   1 
HETATM 1456 O  O   . HOH D 4 .   ? -4.318  9.099   15.349  1.00 22.10 ? 537 HOH A O   1 
HETATM 1457 O  O   . HOH D 4 .   ? 3.930   -20.353 0.366   1.00 38.86 ? 538 HOH A O   1 
HETATM 1458 O  O   . HOH D 4 .   ? 8.929   -3.774  11.489  1.00 17.13 ? 539 HOH A O   1 
HETATM 1459 O  O   . HOH D 4 .   ? 2.119   -17.516 -3.877  1.00 16.94 ? 540 HOH A O   1 
HETATM 1460 O  O   . HOH D 4 .   ? -14.143 7.685   -1.242  1.00 35.66 ? 541 HOH A O   1 
# 
